data_4ZOB
#
_entry.id   4ZOB
#
_cell.length_a   90.360
_cell.length_b   95.810
_cell.length_c   213.310
_cell.angle_alpha   90.000
_cell.angle_beta   97.200
_cell.angle_gamma   90.000
#
_symmetry.space_group_name_H-M   'I 1 2 1'
#
loop_
_entity.id
_entity.type
_entity.pdbx_description
1 polymer 'Lin1840 protein'
2 non-polymer D-glucono-1,5-lactone
3 non-polymer 'MAGNESIUM ION'
4 non-polymer GLYCEROL
5 non-polymer DI(HYDROXYETHYL)ETHER
6 non-polymer 'SULFATE ION'
7 water water
#
_entity_poly.entity_id   1
_entity_poly.type   'polypeptide(L)'
_entity_poly.pdbx_seq_one_letter_code
;MEQEKVQELVSQMTLDEKIAQCLQLSPFLFKGTNKNAELTGPLLQEMKLTDAHTENAGSVLGSSSALDMIGIQEAYLKTN
RLGIPLVFMADVIHGYKTVFPIPLALGCSFDRETVRVMAEVSALEATADGHHVTFSPMLDLVRDPRWGRVMESTGEDPFL
NSELGKAMVDGYQGDASKLNENLEQMAACVKHFAAYGAAEAGLEYNTVNMSTRELYQNYLPAYNAAIQAGAKLVMTAFNV
VDGIPATMNKWLNRDVLRGEMEFDGVLISDWGAVAEVINHGTARNPKEAAQFSMEAGVDLEMMTTCYIHELKGLIEEGKL
SENLLDEAVLRMLNLKNDLGLFEDPYRGLKNNDRTKDILTDESRGKARAAGVESAVLLENKSRLLPLAKEAKIALVGPLA
TSPDILGGWNVYGEEKDGINVETGLREVFETVEVVSTEYTELSEEDKVAVKAAVQNMDVVVLALGEKNEWGGEAGSLATI
RLPEAQYQLAKFVQTLGKPVVITLFNGRPLEVKELAESSDALLELWFPGTEAGRVTADLLSGASNPSGKLSMSFPQTTGQ
IPVYYNHLRTGRPQTPENKGERYVSHYLDIPNEPFYPFGYGKSYSEFELKTSSLPKELNLGESLHVEVTIKNISDIAGKE
VIQVYLQDVTASISRPVKELKAFEKVALQAGEEKTVTFELTSEAFSFYNHQLEKVQEPGLHRVFVGTSSEDVDVFEVEVG
GYVLEHHHHHH
;
_entity_poly.pdbx_strand_id   A,B
#
loop_
_chem_comp.id
_chem_comp.type
_chem_comp.name
_chem_comp.formula
GOL non-polymer GLYCEROL 'C3 H8 O3'
LGC D-saccharide D-glucono-1,5-lactone 'C6 H10 O6'
MG non-polymer 'MAGNESIUM ION' 'Mg 2'
PEG non-polymer DI(HYDROXYETHYL)ETHER 'C4 H10 O3'
SO4 non-polymer 'SULFATE ION' 'O4 S -2'
#
# COMPACT_ATOMS: atom_id res chain seq x y z
N MET A 1 -16.28 38.69 26.12
CA MET A 1 -15.66 40.00 26.43
C MET A 1 -14.95 40.55 25.19
N GLU A 2 -14.12 41.57 25.35
CA GLU A 2 -13.47 42.21 24.20
C GLU A 2 -12.01 41.79 24.09
N GLN A 3 -11.49 41.82 22.87
CA GLN A 3 -10.15 41.33 22.63
C GLN A 3 -9.08 41.99 23.47
N GLU A 4 -9.28 43.24 23.88
CA GLU A 4 -8.32 43.90 24.78
C GLU A 4 -8.20 43.18 26.12
N LYS A 5 -9.35 42.83 26.70
CA LYS A 5 -9.41 42.08 27.96
C LYS A 5 -8.77 40.69 27.83
N VAL A 6 -8.79 40.14 26.62
CA VAL A 6 -8.11 38.87 26.33
C VAL A 6 -6.61 39.07 26.18
N GLN A 7 -6.22 40.08 25.42
CA GLN A 7 -4.80 40.39 25.25
C GLN A 7 -4.15 40.67 26.61
N GLU A 8 -4.92 41.27 27.50
CA GLU A 8 -4.40 41.65 28.81
C GLU A 8 -4.27 40.44 29.72
N LEU A 9 -5.20 39.50 29.58
CA LEU A 9 -5.12 38.26 30.35
C LEU A 9 -3.74 37.61 30.07
N VAL A 10 -3.33 37.58 28.81
CA VAL A 10 -2.01 37.03 28.44
C VAL A 10 -0.89 37.78 29.18
N SER A 11 -0.94 39.10 29.14
CA SER A 11 0.06 39.93 29.83
C SER A 11 0.17 39.65 31.32
N GLN A 12 -0.97 39.48 31.99
CA GLN A 12 -1.00 39.27 33.45
C GLN A 12 -0.72 37.84 33.94
N MET A 13 -0.80 36.86 33.04
CA MET A 13 -0.54 35.46 33.37
C MET A 13 0.95 35.22 33.66
N THR A 14 1.26 34.49 34.73
CA THR A 14 2.65 34.10 35.01
C THR A 14 3.14 33.19 33.90
N LEU A 15 4.44 32.88 33.91
CA LEU A 15 4.96 31.84 33.03
C LEU A 15 4.31 30.47 33.38
N ASP A 16 4.53 29.97 34.58
CA ASP A 16 3.93 28.70 34.98
C ASP A 16 2.45 28.62 34.62
N GLU A 17 1.72 29.73 34.79
CA GLU A 17 0.30 29.80 34.42
C GLU A 17 0.05 29.57 32.92
N LYS A 18 0.81 30.27 32.07
CA LYS A 18 0.68 30.17 30.61
C LYS A 18 0.94 28.76 30.07
N ILE A 19 1.90 28.08 30.68
CA ILE A 19 2.24 26.72 30.36
C ILE A 19 1.10 25.73 30.64
N ALA A 20 0.44 25.91 31.77
CA ALA A 20 -0.59 24.97 32.24
C ALA A 20 -1.86 25.13 31.46
N GLN A 21 -2.07 26.36 31.00
CA GLN A 21 -3.13 26.66 30.04
C GLN A 21 -2.99 25.80 28.79
N CYS A 22 -1.77 25.33 28.52
CA CYS A 22 -1.50 24.44 27.36
C CYS A 22 -1.52 22.94 27.71
N LEU A 23 -2.33 22.59 28.71
CA LEU A 23 -2.46 21.22 29.20
C LEU A 23 -3.94 20.83 29.25
N GLN A 24 -4.20 19.58 28.90
CA GLN A 24 -5.54 19.05 28.95
C GLN A 24 -5.52 17.71 29.65
N LEU A 25 -6.56 17.45 30.42
CA LEU A 25 -6.56 16.34 31.34
C LEU A 25 -7.95 15.75 31.42
N SER A 26 -7.98 14.46 31.78
CA SER A 26 -9.23 13.74 32.00
C SER A 26 -9.95 14.37 33.19
N PRO A 27 -11.28 14.26 33.25
CA PRO A 27 -12.01 14.93 34.33
C PRO A 27 -11.54 14.59 35.76
N PHE A 28 -11.12 13.35 35.98
CA PHE A 28 -10.82 12.83 37.33
C PHE A 28 -9.42 13.09 37.85
N LEU A 29 -8.74 14.09 37.30
CA LEU A 29 -7.49 14.63 37.87
C LEU A 29 -7.76 16.03 38.48
N PHE A 30 -9.04 16.42 38.47
CA PHE A 30 -9.46 17.72 38.96
C PHE A 30 -10.16 17.59 40.32
N LYS A 31 -9.97 18.59 41.16
CA LYS A 31 -10.79 18.69 42.36
C LYS A 31 -12.18 19.04 41.84
N GLY A 32 -13.20 18.36 42.36
CA GLY A 32 -14.59 18.67 42.01
C GLY A 32 -15.32 17.67 41.13
N THR A 33 -14.63 16.61 40.73
CA THR A 33 -15.20 15.62 39.81
C THR A 33 -16.22 14.71 40.49
N ASN A 34 -17.28 14.38 39.76
CA ASN A 34 -18.36 13.54 40.31
C ASN A 34 -18.22 12.05 39.97
N LYS A 35 -17.07 11.65 39.42
CA LYS A 35 -16.88 10.25 39.00
C LYS A 35 -15.41 9.92 38.92
N ASN A 36 -15.08 8.66 39.20
CA ASN A 36 -13.70 8.15 39.26
C ASN A 36 -12.81 8.94 40.21
N ALA A 37 -13.32 9.35 41.37
CA ALA A 37 -12.50 10.13 42.33
C ALA A 37 -11.34 9.31 42.92
N GLU A 38 -11.48 7.98 42.95
CA GLU A 38 -10.33 7.07 43.09
C GLU A 38 -9.59 7.22 41.76
N LEU A 39 -8.49 6.52 41.51
CA LEU A 39 -7.68 6.79 40.29
C LEU A 39 -6.97 8.18 40.24
N THR A 40 -7.61 9.24 40.76
CA THR A 40 -7.02 10.59 40.83
C THR A 40 -5.66 10.64 41.54
N GLY A 41 -5.56 9.93 42.67
CA GLY A 41 -4.34 9.90 43.47
C GLY A 41 -3.13 9.29 42.78
N PRO A 42 -3.27 8.07 42.23
CA PRO A 42 -2.15 7.37 41.59
C PRO A 42 -1.71 7.95 40.23
N LEU A 43 -2.69 8.44 39.47
CA LEU A 43 -2.42 8.95 38.12
C LEU A 43 -1.74 10.32 38.19
N LEU A 44 -2.21 11.16 39.14
CA LEU A 44 -1.56 12.45 39.44
C LEU A 44 -0.11 12.20 39.81
N GLN A 45 0.14 11.19 40.64
CA GLN A 45 1.49 10.86 41.06
C GLN A 45 2.32 10.17 39.97
N GLU A 46 1.68 9.52 39.00
CA GLU A 46 2.40 8.99 37.84
C GLU A 46 2.82 10.14 36.90
N MET A 47 1.88 11.03 36.60
CA MET A 47 2.14 12.20 35.74
C MET A 47 2.98 13.28 36.45
N LYS A 48 3.21 13.11 37.76
CA LYS A 48 3.95 14.08 38.58
C LYS A 48 3.28 15.44 38.45
N LEU A 49 1.96 15.43 38.62
CA LEU A 49 1.15 16.66 38.62
C LEU A 49 0.90 17.13 40.06
N THR A 50 0.66 18.45 40.17
CA THR A 50 0.55 19.14 41.44
C THR A 50 -0.85 19.72 41.50
N ASP A 51 -1.07 20.70 42.38
CA ASP A 51 -2.26 21.52 42.31
C ASP A 51 -1.97 22.76 41.49
N ALA A 52 -0.73 23.26 41.53
CA ALA A 52 -0.31 24.35 40.65
C ALA A 52 -0.64 24.00 39.19
N HIS A 53 -0.37 22.75 38.80
CA HIS A 53 -0.63 22.27 37.44
C HIS A 53 -2.14 22.16 37.18
N THR A 54 -2.86 21.42 38.01
CA THR A 54 -4.29 21.18 37.76
C THR A 54 -5.19 22.42 37.95
N GLU A 55 -4.90 23.24 38.97
CA GLU A 55 -5.63 24.52 39.17
C GLU A 55 -5.47 25.52 38.01
N ASN A 56 -4.44 25.32 37.18
CA ASN A 56 -4.22 26.18 36.01
C ASN A 56 -4.35 25.51 34.64
N ALA A 57 -4.76 24.24 34.66
CA ALA A 57 -4.90 23.42 33.45
C ALA A 57 -5.82 24.11 32.46
N GLY A 58 -5.51 23.97 31.17
CA GLY A 58 -6.25 24.68 30.12
C GLY A 58 -7.63 24.15 29.83
N SER A 59 -7.81 22.86 30.03
CA SER A 59 -8.97 22.23 29.51
C SER A 59 -9.18 20.85 30.04
N VAL A 60 -10.38 20.33 29.81
CA VAL A 60 -10.73 18.98 30.17
C VAL A 60 -11.25 18.24 28.96
N LEU A 61 -11.05 16.94 29.01
CA LEU A 61 -11.40 16.02 27.98
C LEU A 61 -12.23 14.87 28.57
N GLY A 62 -13.46 14.72 28.07
CA GLY A 62 -14.26 13.54 28.35
C GLY A 62 -14.87 13.48 29.73
N SER A 63 -15.45 14.61 30.14
CA SER A 63 -16.32 14.68 31.33
C SER A 63 -17.51 13.78 31.10
N SER A 64 -18.05 13.24 32.21
CA SER A 64 -19.07 12.20 32.13
C SER A 64 -20.49 12.73 32.12
N SER A 65 -20.68 13.95 32.59
CA SER A 65 -22.03 14.53 32.74
C SER A 65 -21.98 16.03 32.97
N ALA A 66 -23.14 16.65 32.81
CA ALA A 66 -23.33 18.04 33.18
C ALA A 66 -22.96 18.28 34.64
N LEU A 67 -23.26 17.34 35.52
CA LEU A 67 -22.90 17.49 36.95
C LEU A 67 -21.36 17.42 37.11
N ASP A 68 -20.74 16.41 36.48
CA ASP A 68 -19.26 16.32 36.42
C ASP A 68 -18.65 17.68 36.04
N MET A 69 -19.03 18.20 34.88
CA MET A 69 -18.56 19.51 34.39
C MET A 69 -18.70 20.62 35.43
N ILE A 70 -19.95 20.80 35.88
CA ILE A 70 -20.33 21.85 36.80
C ILE A 70 -19.50 21.72 38.07
N GLY A 71 -19.43 20.51 38.62
CA GLY A 71 -18.57 20.22 39.75
C GLY A 71 -17.12 20.63 39.56
N ILE A 72 -16.54 20.29 38.40
CA ILE A 72 -15.13 20.57 38.11
C ILE A 72 -14.88 22.06 37.92
N GLN A 73 -15.77 22.70 37.16
CA GLN A 73 -15.59 24.10 36.77
C GLN A 73 -15.75 25.06 37.97
N GLU A 74 -16.83 24.83 38.72
CA GLU A 74 -17.12 25.54 39.97
C GLU A 74 -15.95 25.48 40.92
N ALA A 75 -15.41 24.28 41.10
CA ALA A 75 -14.26 24.05 41.99
C ALA A 75 -12.95 24.64 41.44
N TYR A 76 -12.84 24.70 40.12
CA TYR A 76 -11.64 25.23 39.46
C TYR A 76 -11.60 26.76 39.58
N LEU A 77 -12.75 27.39 39.28
CA LEU A 77 -12.88 28.85 39.31
C LEU A 77 -12.62 29.40 40.71
N LYS A 78 -13.18 28.74 41.72
CA LYS A 78 -12.92 29.09 43.12
C LYS A 78 -11.43 29.36 43.39
N THR A 79 -10.52 28.53 42.88
CA THR A 79 -9.07 28.67 43.19
C THR A 79 -8.19 29.06 42.00
N ASN A 80 -8.79 29.53 40.93
CA ASN A 80 -8.05 29.96 39.76
C ASN A 80 -7.78 31.46 39.81
N ARG A 81 -6.50 31.83 39.92
CA ARG A 81 -6.14 33.23 40.08
C ARG A 81 -6.92 34.22 39.16
N LEU A 82 -6.67 34.26 37.85
CA LEU A 82 -7.30 35.28 36.98
C LEU A 82 -8.69 34.96 36.47
N GLY A 83 -9.25 33.82 36.86
CA GLY A 83 -10.65 33.50 36.47
C GLY A 83 -10.82 33.03 35.02
N ILE A 84 -9.81 32.30 34.53
CA ILE A 84 -9.84 31.72 33.18
C ILE A 84 -10.51 30.35 33.21
N PRO A 85 -11.77 30.28 32.79
CA PRO A 85 -12.41 28.98 32.94
C PRO A 85 -11.79 27.87 32.09
N LEU A 86 -12.10 26.64 32.47
CA LEU A 86 -11.80 25.46 31.69
C LEU A 86 -12.69 25.34 30.47
N VAL A 87 -12.09 25.03 29.33
CA VAL A 87 -12.83 24.56 28.14
C VAL A 87 -12.93 23.04 28.20
N PHE A 88 -14.10 22.49 27.88
CA PHE A 88 -14.44 21.08 28.14
C PHE A 88 -14.68 20.48 26.77
N MET A 89 -13.95 19.41 26.45
CA MET A 89 -14.02 18.73 25.13
C MET A 89 -14.40 17.26 25.26
N ALA A 90 -14.78 16.68 24.14
CA ALA A 90 -15.35 15.35 24.11
C ALA A 90 -15.42 14.82 22.69
N ASP A 91 -15.56 13.50 22.64
CA ASP A 91 -15.72 12.74 21.41
C ASP A 91 -17.19 12.55 21.12
N VAL A 92 -17.82 13.55 20.54
CA VAL A 92 -19.18 13.37 20.05
C VAL A 92 -19.01 13.14 18.54
N ILE A 93 -19.07 11.87 18.13
CA ILE A 93 -18.58 11.43 16.79
C ILE A 93 -19.70 11.17 15.79
N HIS A 94 -20.70 10.44 16.26
CA HIS A 94 -21.95 10.31 15.53
C HIS A 94 -23.14 10.29 16.49
N GLY A 95 -23.20 11.30 17.36
CA GLY A 95 -24.24 11.35 18.37
C GLY A 95 -23.66 11.32 19.76
N TYR A 96 -24.50 11.80 20.68
CA TYR A 96 -24.15 11.90 22.07
C TYR A 96 -24.88 10.79 22.81
N LYS A 97 -26.19 10.97 23.06
CA LYS A 97 -27.05 9.92 23.66
C LYS A 97 -28.01 9.33 22.62
N THR A 98 -28.63 10.19 21.83
CA THR A 98 -29.26 9.73 20.60
C THR A 98 -28.15 9.41 19.59
N VAL A 99 -27.81 8.13 19.44
CA VAL A 99 -26.75 7.70 18.50
C VAL A 99 -27.24 7.54 17.06
N PHE A 100 -26.51 8.16 16.15
CA PHE A 100 -26.81 8.08 14.70
C PHE A 100 -25.89 7.05 14.00
N PRO A 101 -26.15 6.81 12.70
CA PRO A 101 -25.27 5.89 12.00
C PRO A 101 -23.86 6.38 12.09
N ILE A 102 -22.92 5.43 12.14
CA ILE A 102 -21.49 5.76 12.11
C ILE A 102 -21.14 6.62 10.89
N PRO A 103 -20.04 7.38 10.98
CA PRO A 103 -19.81 8.29 9.87
C PRO A 103 -19.67 7.61 8.52
N LEU A 104 -19.15 6.38 8.46
CA LEU A 104 -18.98 5.74 7.13
C LEU A 104 -20.32 5.52 6.46
N ALA A 105 -21.32 5.22 7.29
CA ALA A 105 -22.70 4.97 6.85
C ALA A 105 -23.28 6.29 6.37
N LEU A 106 -23.22 7.30 7.23
CA LEU A 106 -23.54 8.72 6.85
C LEU A 106 -22.98 9.08 5.47
N GLY A 107 -21.78 8.62 5.16
CA GLY A 107 -21.22 8.86 3.84
C GLY A 107 -22.08 8.25 2.75
N CYS A 108 -22.43 6.99 2.96
CA CYS A 108 -23.38 6.31 2.09
C CYS A 108 -24.75 7.03 1.94
N SER A 109 -25.18 7.83 2.92
CA SER A 109 -26.40 8.65 2.74
C SER A 109 -26.30 9.47 1.44
N PHE A 110 -25.10 9.97 1.13
CA PHE A 110 -24.86 10.92 0.03
C PHE A 110 -25.80 12.12 0.15
N ASP A 111 -26.03 12.53 1.40
CA ASP A 111 -27.06 13.53 1.73
C ASP A 111 -26.57 14.47 2.81
N ARG A 112 -26.23 15.67 2.37
CA ARG A 112 -25.70 16.74 3.23
C ARG A 112 -26.60 17.06 4.44
N GLU A 113 -27.91 17.14 4.23
CA GLU A 113 -28.85 17.61 5.26
C GLU A 113 -28.89 16.64 6.42
N THR A 114 -29.11 15.36 6.14
CA THR A 114 -28.91 14.30 7.12
C THR A 114 -27.66 14.48 7.98
N VAL A 115 -26.53 14.70 7.34
CA VAL A 115 -25.31 14.90 8.12
C VAL A 115 -25.35 16.14 9.00
N ARG A 116 -25.90 17.23 8.47
CA ARG A 116 -25.98 18.47 9.23
C ARG A 116 -26.92 18.29 10.44
N VAL A 117 -28.01 17.56 10.23
CA VAL A 117 -28.96 17.27 11.30
C VAL A 117 -28.37 16.38 12.40
N MET A 118 -27.56 15.39 12.01
CA MET A 118 -26.85 14.56 12.98
C MET A 118 -25.99 15.47 13.84
N ALA A 119 -25.08 16.19 13.21
CA ALA A 119 -24.25 17.18 13.91
C ALA A 119 -25.04 18.15 14.82
N GLU A 120 -26.18 18.64 14.31
CA GLU A 120 -27.06 19.57 15.06
C GLU A 120 -27.66 18.90 16.29
N VAL A 121 -28.28 17.75 16.09
CA VAL A 121 -28.80 16.97 17.22
C VAL A 121 -27.69 16.60 18.20
N SER A 122 -26.52 16.18 17.68
CA SER A 122 -25.39 15.84 18.55
C SER A 122 -24.94 17.02 19.42
N ALA A 123 -24.93 18.24 18.88
CA ALA A 123 -24.48 19.42 19.69
C ALA A 123 -25.52 19.84 20.72
N LEU A 124 -26.77 19.98 20.26
CA LEU A 124 -27.91 20.11 21.14
C LEU A 124 -27.76 19.30 22.44
N GLU A 125 -27.61 17.99 22.28
CA GLU A 125 -27.47 17.06 23.39
C GLU A 125 -26.16 17.23 24.14
N ALA A 126 -25.07 17.48 23.43
CA ALA A 126 -23.75 17.53 24.12
C ALA A 126 -23.60 18.77 24.97
N THR A 127 -24.05 19.91 24.44
CA THR A 127 -24.02 21.18 25.17
C THR A 127 -24.92 21.02 26.42
N ALA A 128 -26.06 20.36 26.24
CA ALA A 128 -26.95 20.09 27.37
C ALA A 128 -26.30 19.29 28.47
N ASP A 129 -25.27 18.52 28.12
CA ASP A 129 -24.59 17.69 29.12
C ASP A 129 -23.22 18.23 29.46
N GLY A 130 -22.98 19.50 29.10
CA GLY A 130 -21.83 20.25 29.59
C GLY A 130 -20.61 20.45 28.67
N HIS A 131 -20.67 19.93 27.44
CA HIS A 131 -19.50 19.95 26.53
C HIS A 131 -19.42 21.13 25.56
N HIS A 132 -18.24 21.73 25.48
CA HIS A 132 -18.00 22.88 24.63
C HIS A 132 -17.48 22.55 23.25
N VAL A 133 -16.68 21.50 23.15
CA VAL A 133 -15.97 21.13 21.89
C VAL A 133 -16.11 19.65 21.63
N THR A 134 -16.49 19.31 20.41
CA THR A 134 -16.42 17.91 19.92
C THR A 134 -15.19 17.66 19.04
N PHE A 135 -14.65 16.47 19.20
CA PHE A 135 -13.55 15.96 18.37
C PHE A 135 -14.07 15.21 17.09
N SER A 136 -14.67 15.99 16.19
CA SER A 136 -15.35 15.55 14.95
C SER A 136 -15.60 16.81 14.09
N PRO A 137 -15.56 16.71 12.74
CA PRO A 137 -15.51 15.55 11.84
C PRO A 137 -14.13 14.92 11.71
N MET A 138 -14.13 13.61 11.46
CA MET A 138 -12.94 12.87 11.17
C MET A 138 -12.90 12.88 9.63
N LEU A 139 -11.88 13.52 9.08
CA LEU A 139 -11.81 13.80 7.66
C LEU A 139 -10.67 13.13 6.90
N ASP A 140 -10.22 11.99 7.42
CA ASP A 140 -9.19 11.20 6.79
C ASP A 140 -9.75 10.34 5.65
N LEU A 141 -9.22 10.59 4.46
CA LEU A 141 -9.48 9.76 3.29
C LEU A 141 -9.03 8.33 3.53
N VAL A 142 -9.91 7.38 3.19
CA VAL A 142 -9.67 5.98 3.47
C VAL A 142 -9.78 5.18 2.19
N ARG A 143 -8.71 4.42 1.87
CA ARG A 143 -8.69 3.47 0.78
C ARG A 143 -8.46 2.07 1.21
N ASP A 144 -8.43 1.81 2.52
CA ASP A 144 -7.96 0.52 3.08
C ASP A 144 -8.83 0.04 4.26
N PRO A 145 -9.73 -0.91 3.99
CA PRO A 145 -10.71 -1.26 5.00
C PRO A 145 -10.22 -2.15 6.17
N ARG A 146 -9.01 -2.68 6.05
CA ARG A 146 -8.35 -3.29 7.19
C ARG A 146 -8.28 -2.34 8.37
N TRP A 147 -8.13 -1.06 8.12
CA TRP A 147 -7.97 -0.10 9.18
C TRP A 147 -9.29 0.06 9.97
N GLY A 148 -9.21 -0.04 11.29
CA GLY A 148 -10.44 -0.05 12.09
C GLY A 148 -11.21 1.25 12.01
N ARG A 149 -10.47 2.32 11.73
CA ARG A 149 -11.00 3.69 11.78
C ARG A 149 -11.70 4.16 10.51
N VAL A 150 -11.87 3.27 9.52
CA VAL A 150 -12.64 3.62 8.32
C VAL A 150 -14.07 3.97 8.71
N MET A 151 -14.51 3.43 9.86
CA MET A 151 -15.81 3.74 10.46
C MET A 151 -16.06 5.22 10.69
N GLU A 152 -15.01 5.97 10.97
CA GLU A 152 -15.12 7.39 11.35
C GLU A 152 -15.04 8.34 10.17
N SER A 153 -14.63 7.83 9.00
CA SER A 153 -14.52 8.58 7.73
C SER A 153 -15.76 8.44 6.90
N THR A 154 -16.04 9.37 6.02
CA THR A 154 -17.14 9.16 5.12
C THR A 154 -16.71 8.50 3.79
N GLY A 155 -15.46 8.04 3.68
CA GLY A 155 -15.13 7.14 2.56
C GLY A 155 -13.86 7.45 1.78
N GLU A 156 -13.83 6.93 0.54
CA GLU A 156 -12.68 7.06 -0.35
C GLU A 156 -12.68 8.26 -1.28
N ASP A 157 -13.64 9.17 -1.14
CA ASP A 157 -13.70 10.29 -2.07
C ASP A 157 -13.43 11.61 -1.36
N PRO A 158 -12.41 12.37 -1.80
CA PRO A 158 -12.14 13.73 -1.34
C PRO A 158 -13.31 14.72 -1.41
N PHE A 159 -13.98 14.79 -2.55
CA PHE A 159 -15.10 15.71 -2.71
C PHE A 159 -16.25 15.43 -1.74
N LEU A 160 -16.74 14.18 -1.71
CA LEU A 160 -17.82 13.78 -0.79
C LEU A 160 -17.42 14.06 0.64
N ASN A 161 -16.19 13.72 1.01
CA ASN A 161 -15.77 13.90 2.40
C ASN A 161 -15.71 15.40 2.72
N SER A 162 -15.33 16.21 1.73
CA SER A 162 -15.26 17.68 1.89
C SER A 162 -16.62 18.26 2.11
N GLU A 163 -17.55 17.89 1.25
CA GLU A 163 -18.94 18.34 1.40
C GLU A 163 -19.55 17.90 2.73
N LEU A 164 -19.46 16.62 3.07
CA LEU A 164 -20.11 16.13 4.26
C LEU A 164 -19.34 16.65 5.48
N GLY A 165 -18.03 16.84 5.32
CA GLY A 165 -17.26 17.53 6.35
C GLY A 165 -17.85 18.91 6.69
N LYS A 166 -18.22 19.67 5.68
CA LYS A 166 -18.78 20.99 5.92
C LYS A 166 -20.19 20.95 6.50
N ALA A 167 -21.03 20.04 6.00
CA ALA A 167 -22.31 19.78 6.66
C ALA A 167 -22.17 19.50 8.17
N MET A 168 -21.21 18.64 8.56
CA MET A 168 -20.91 18.40 9.98
C MET A 168 -20.49 19.66 10.74
N VAL A 169 -19.50 20.40 10.25
CA VAL A 169 -19.14 21.67 10.92
C VAL A 169 -20.35 22.62 10.99
N ASP A 170 -21.03 22.82 9.87
CA ASP A 170 -22.21 23.67 9.82
C ASP A 170 -23.26 23.28 10.88
N GLY A 171 -23.45 21.97 11.10
CA GLY A 171 -24.44 21.44 12.03
C GLY A 171 -24.03 21.57 13.50
N TYR A 172 -22.76 21.31 13.80
CA TYR A 172 -22.27 21.44 15.18
C TYR A 172 -22.25 22.92 15.59
N GLN A 173 -21.71 23.78 14.72
CA GLN A 173 -21.38 25.19 15.05
C GLN A 173 -22.37 26.25 14.59
N GLY A 174 -23.25 25.90 13.64
CA GLY A 174 -24.05 26.90 12.91
C GLY A 174 -23.13 28.04 12.52
N ASP A 175 -23.57 29.27 12.73
CA ASP A 175 -22.75 30.47 12.50
C ASP A 175 -21.77 30.63 13.66
N ALA A 176 -20.49 30.43 13.38
CA ALA A 176 -19.44 30.33 14.39
C ALA A 176 -18.99 31.66 15.00
N SER A 177 -19.50 32.77 14.45
CA SER A 177 -19.23 34.12 14.98
C SER A 177 -20.12 34.41 16.19
N LYS A 178 -21.07 33.51 16.43
CA LYS A 178 -22.07 33.61 17.50
C LYS A 178 -22.05 32.38 18.39
N LEU A 179 -20.89 31.79 18.64
CA LEU A 179 -20.83 30.60 19.50
C LEU A 179 -20.95 31.03 20.95
N ASN A 180 -20.57 32.28 21.24
CA ASN A 180 -20.93 32.90 22.52
C ASN A 180 -22.45 33.11 22.71
N GLU A 181 -23.25 33.00 21.64
CA GLU A 181 -24.74 33.14 21.71
C GLU A 181 -25.57 31.86 21.49
N ASN A 182 -25.35 31.09 20.44
CA ASN A 182 -26.17 29.88 20.23
C ASN A 182 -25.59 28.70 21.02
N LEU A 183 -26.05 28.54 22.26
CA LEU A 183 -25.40 27.65 23.23
C LEU A 183 -25.92 26.22 23.15
N GLU A 184 -26.72 25.96 22.12
CA GLU A 184 -27.10 24.62 21.69
C GLU A 184 -26.20 24.16 20.52
N GLN A 185 -25.28 25.04 20.14
CA GLN A 185 -24.28 24.76 19.11
C GLN A 185 -22.95 24.67 19.84
N MET A 186 -21.95 24.09 19.20
CA MET A 186 -20.65 23.87 19.85
C MET A 186 -19.50 23.94 18.85
N ALA A 187 -18.31 24.15 19.38
CA ALA A 187 -17.09 24.15 18.60
C ALA A 187 -16.77 22.76 18.10
N ALA A 188 -16.26 22.73 16.88
CA ALA A 188 -15.87 21.51 16.24
C ALA A 188 -14.35 21.50 15.99
N CYS A 189 -13.80 20.29 15.96
CA CYS A 189 -12.36 20.08 15.81
C CYS A 189 -12.09 19.08 14.71
N VAL A 190 -11.55 19.54 13.60
CA VAL A 190 -11.22 18.66 12.47
C VAL A 190 -10.08 17.71 12.81
N LYS A 191 -10.19 16.43 12.43
CA LYS A 191 -9.07 15.48 12.61
C LYS A 191 -8.98 14.50 11.48
N HIS A 192 -7.87 13.78 11.30
CA HIS A 192 -6.59 13.95 12.02
C HIS A 192 -5.57 14.51 11.02
N PHE A 193 -5.02 15.68 11.34
CA PHE A 193 -4.13 16.40 10.41
C PHE A 193 -2.72 15.82 10.50
N ALA A 194 -2.22 15.09 9.48
CA ALA A 194 -2.94 14.75 8.23
C ALA A 194 -2.62 13.36 7.70
N ALA A 195 -3.52 12.87 6.84
CA ALA A 195 -3.28 11.66 6.01
C ALA A 195 -3.21 10.34 6.80
N TYR A 196 -3.80 10.39 8.00
CA TYR A 196 -3.70 9.29 9.00
C TYR A 196 -4.27 7.97 8.49
N GLY A 197 -5.25 8.10 7.59
CA GLY A 197 -5.99 6.95 7.03
C GLY A 197 -5.26 6.12 5.99
N ALA A 198 -4.07 6.56 5.64
CA ALA A 198 -3.28 5.85 4.66
C ALA A 198 -2.30 4.92 5.40
N ALA A 199 -2.50 4.73 6.73
CA ALA A 199 -1.69 3.75 7.48
C ALA A 199 -1.32 2.53 6.65
N GLU A 200 -0.03 2.22 6.72
CA GLU A 200 0.48 1.13 5.92
C GLU A 200 -0.12 -0.18 6.41
N ALA A 201 -0.49 -1.00 5.44
CA ALA A 201 -1.09 -2.33 5.69
C ALA A 201 -2.38 -2.27 6.49
N GLY A 202 -3.07 -1.13 6.45
CA GLY A 202 -4.17 -0.83 7.38
C GLY A 202 -3.86 -1.11 8.85
N LEU A 203 -2.58 -1.04 9.22
CA LEU A 203 -2.13 -1.37 10.60
C LEU A 203 -2.19 -0.13 11.52
N GLU A 204 -2.84 -0.25 12.65
CA GLU A 204 -3.04 0.95 13.45
C GLU A 204 -1.74 1.71 13.76
N TYR A 205 -1.84 3.03 13.54
CA TYR A 205 -0.76 3.98 13.77
C TYR A 205 0.41 3.83 12.78
N ASN A 206 0.27 2.94 11.81
CA ASN A 206 1.43 2.60 10.99
C ASN A 206 1.88 3.77 10.09
N THR A 207 3.07 3.61 9.53
CA THR A 207 3.69 4.55 8.63
C THR A 207 2.77 5.00 7.52
N VAL A 208 2.82 6.28 7.19
CA VAL A 208 2.07 6.81 6.04
C VAL A 208 3.09 7.41 5.08
N ASN A 209 2.89 7.31 3.80
CA ASN A 209 3.88 7.88 2.92
C ASN A 209 3.37 8.07 1.53
N MET A 210 3.52 9.29 1.00
N MET A 210 3.57 9.28 0.99
CA MET A 210 3.01 9.63 -0.31
CA MET A 210 3.08 9.62 -0.32
C MET A 210 3.69 10.91 -0.72
C MET A 210 3.76 10.88 -0.74
N SER A 211 3.69 11.19 -2.02
CA SER A 211 4.32 12.41 -2.54
C SER A 211 3.54 13.60 -2.01
N THR A 212 4.20 14.75 -1.91
CA THR A 212 3.54 15.94 -1.46
C THR A 212 2.43 16.29 -2.44
N ARG A 213 2.62 16.07 -3.71
CA ARG A 213 1.55 16.34 -4.62
C ARG A 213 0.31 15.51 -4.28
N GLU A 214 0.49 14.26 -3.91
CA GLU A 214 -0.66 13.41 -3.62
C GLU A 214 -1.31 13.88 -2.32
N LEU A 215 -0.48 14.28 -1.38
CA LEU A 215 -1.01 14.85 -0.16
C LEU A 215 -2.00 15.99 -0.47
N TYR A 216 -1.56 16.94 -1.28
CA TYR A 216 -2.39 18.07 -1.69
C TYR A 216 -3.57 17.64 -2.54
N GLN A 217 -3.32 16.82 -3.56
CA GLN A 217 -4.43 16.39 -4.41
C GLN A 217 -5.54 15.67 -3.65
N ASN A 218 -5.24 14.65 -2.85
CA ASN A 218 -6.33 13.79 -2.30
C ASN A 218 -6.51 13.80 -0.78
N TYR A 219 -5.43 13.95 -0.06
CA TYR A 219 -5.49 13.81 1.38
C TYR A 219 -5.84 15.10 2.12
N LEU A 220 -5.45 16.25 1.56
CA LEU A 220 -5.77 17.55 2.14
C LEU A 220 -7.17 18.18 1.89
N PRO A 221 -7.81 17.98 0.74
CA PRO A 221 -9.03 18.76 0.53
C PRO A 221 -10.05 18.84 1.66
N ALA A 222 -10.46 17.69 2.22
CA ALA A 222 -11.47 17.69 3.29
C ALA A 222 -11.05 18.46 4.57
N TYR A 223 -9.85 18.27 5.10
CA TYR A 223 -9.42 19.08 6.25
C TYR A 223 -9.62 20.56 5.88
N ASN A 224 -9.12 20.92 4.70
CA ASN A 224 -9.23 22.30 4.24
C ASN A 224 -10.63 22.88 4.11
N ALA A 225 -11.56 22.09 3.57
CA ALA A 225 -12.94 22.55 3.40
C ALA A 225 -13.60 22.84 4.75
N ALA A 226 -13.36 21.97 5.74
CA ALA A 226 -13.97 22.13 7.06
C ALA A 226 -13.39 23.33 7.76
N ILE A 227 -12.09 23.50 7.62
CA ILE A 227 -11.40 24.68 8.12
C ILE A 227 -11.96 25.95 7.46
N GLN A 228 -12.06 25.95 6.14
CA GLN A 228 -12.60 27.12 5.44
C GLN A 228 -14.06 27.38 5.80
N ALA A 229 -14.79 26.34 6.16
CA ALA A 229 -16.17 26.49 6.63
C ALA A 229 -16.20 27.03 8.06
N GLY A 230 -15.03 27.24 8.65
CA GLY A 230 -14.89 27.91 9.93
C GLY A 230 -14.76 27.04 11.16
N ALA A 231 -14.26 25.81 11.01
CA ALA A 231 -14.08 24.87 12.12
C ALA A 231 -13.14 25.46 13.16
N LYS A 232 -13.55 25.46 14.42
CA LYS A 232 -12.82 26.19 15.41
C LYS A 232 -11.48 25.57 15.73
N LEU A 233 -11.42 24.25 15.83
CA LEU A 233 -10.13 23.61 16.19
C LEU A 233 -9.62 22.59 15.15
N VAL A 234 -8.34 22.28 15.24
CA VAL A 234 -7.75 21.14 14.56
C VAL A 234 -6.97 20.28 15.53
N MET A 235 -7.01 18.97 15.29
CA MET A 235 -6.22 18.00 16.04
C MET A 235 -5.15 17.39 15.14
N THR A 236 -3.95 17.21 15.70
CA THR A 236 -2.87 16.51 15.01
C THR A 236 -3.12 15.00 14.83
N ALA A 237 -2.29 14.39 13.97
CA ALA A 237 -2.36 12.99 13.65
C ALA A 237 -1.26 12.15 14.32
N PHE A 238 -1.58 10.90 14.64
CA PHE A 238 -0.54 9.99 15.17
C PHE A 238 0.60 9.63 14.20
N ASN A 239 0.31 9.65 12.90
CA ASN A 239 1.25 9.17 11.89
C ASN A 239 2.40 10.13 11.57
N VAL A 240 3.49 9.59 11.06
CA VAL A 240 4.41 10.41 10.29
C VAL A 240 3.75 10.94 9.02
N VAL A 241 4.21 12.09 8.59
CA VAL A 241 3.97 12.57 7.26
C VAL A 241 5.33 12.89 6.69
N ASP A 242 5.65 12.23 5.57
CA ASP A 242 7.01 12.18 4.97
C ASP A 242 8.16 12.15 5.97
N GLY A 243 8.20 11.13 6.81
CA GLY A 243 9.29 10.94 7.79
C GLY A 243 9.05 11.62 9.15
N ILE A 244 8.24 12.68 9.20
CA ILE A 244 8.14 13.48 10.45
C ILE A 244 6.78 13.31 11.11
N PRO A 245 6.73 12.91 12.40
CA PRO A 245 5.42 12.81 13.04
C PRO A 245 4.64 14.08 12.89
N ALA A 246 3.37 13.98 12.49
CA ALA A 246 2.54 15.19 12.26
C ALA A 246 2.55 16.19 13.44
N THR A 247 2.65 15.68 14.66
CA THR A 247 2.55 16.53 15.84
C THR A 247 3.73 17.53 15.87
N MET A 248 4.96 17.07 15.65
CA MET A 248 6.10 18.00 15.54
C MET A 248 6.48 18.38 14.08
N ASN A 249 5.55 18.37 13.12
CA ASN A 249 5.88 18.61 11.70
C ASN A 249 5.64 20.10 11.37
N LYS A 250 6.74 20.88 11.28
CA LYS A 250 6.64 22.36 11.24
C LYS A 250 6.02 22.78 9.96
N TRP A 251 6.54 22.21 8.90
CA TRP A 251 6.01 22.52 7.60
C TRP A 251 4.49 22.23 7.54
N LEU A 252 4.08 21.03 7.95
CA LEU A 252 2.67 20.63 7.82
C LEU A 252 1.76 21.64 8.53
N ASN A 253 2.12 21.98 9.77
CA ASN A 253 1.30 22.80 10.69
C ASN A 253 1.54 24.33 10.63
N ARG A 254 2.80 24.78 10.50
CA ARG A 254 3.07 26.25 10.34
C ARG A 254 2.78 26.63 8.89
N ASP A 255 3.58 26.07 7.97
CA ASP A 255 3.44 26.39 6.56
C ASP A 255 2.06 26.00 6.03
N VAL A 256 1.64 24.74 6.19
CA VAL A 256 0.43 24.31 5.47
C VAL A 256 -0.80 24.77 6.23
N LEU A 257 -0.96 24.32 7.46
CA LEU A 257 -2.15 24.61 8.22
C LEU A 257 -2.34 26.09 8.50
N ARG A 258 -1.35 26.71 9.12
CA ARG A 258 -1.48 28.10 9.58
C ARG A 258 -1.19 29.10 8.49
N GLY A 259 -0.28 28.73 7.60
CA GLY A 259 0.09 29.57 6.43
C GLY A 259 -0.89 29.49 5.25
N GLU A 260 -0.97 28.35 4.60
CA GLU A 260 -1.77 28.21 3.39
C GLU A 260 -3.28 28.15 3.65
N MET A 261 -3.67 27.35 4.64
CA MET A 261 -5.08 27.21 5.02
C MET A 261 -5.55 28.30 6.03
N GLU A 262 -4.63 29.13 6.49
CA GLU A 262 -5.00 30.33 7.24
C GLU A 262 -5.80 30.03 8.49
N PHE A 263 -5.54 28.89 9.07
CA PHE A 263 -6.17 28.47 10.32
C PHE A 263 -5.52 29.19 11.49
N ASP A 264 -6.32 29.90 12.29
CA ASP A 264 -5.77 30.66 13.42
C ASP A 264 -6.38 30.25 14.75
N GLY A 265 -6.73 28.98 14.87
CA GLY A 265 -7.42 28.41 16.04
C GLY A 265 -6.51 27.52 16.89
N VAL A 266 -7.07 26.82 17.86
CA VAL A 266 -6.26 25.94 18.69
C VAL A 266 -5.89 24.70 17.85
N LEU A 267 -4.62 24.30 17.94
CA LEU A 267 -4.16 23.07 17.37
C LEU A 267 -3.89 22.15 18.53
N ILE A 268 -4.73 21.12 18.67
CA ILE A 268 -4.62 20.19 19.77
C ILE A 268 -3.85 18.94 19.32
N SER A 269 -3.03 18.38 20.17
CA SER A 269 -2.45 17.09 19.90
C SER A 269 -3.45 15.96 20.07
N ASP A 270 -3.19 14.85 19.41
CA ASP A 270 -3.94 13.65 19.66
C ASP A 270 -3.34 13.07 20.93
N TRP A 271 -3.95 12.03 21.45
CA TRP A 271 -3.64 11.56 22.75
C TRP A 271 -2.25 11.04 22.85
N GLY A 272 -1.42 11.82 23.51
CA GLY A 272 -0.03 11.51 23.73
C GLY A 272 0.83 11.67 22.52
N ALA A 273 0.32 12.30 21.47
CA ALA A 273 1.12 12.35 20.25
C ALA A 273 2.36 13.21 20.47
N VAL A 274 2.30 14.12 21.44
CA VAL A 274 3.47 14.93 21.81
C VAL A 274 4.60 14.10 22.43
N ALA A 275 4.38 13.45 23.56
CA ALA A 275 5.41 12.55 24.10
C ALA A 275 5.77 11.41 23.13
N GLU A 276 4.83 11.01 22.27
CA GLU A 276 5.03 9.86 21.38
C GLU A 276 5.99 10.12 20.20
N VAL A 277 6.23 11.40 19.88
CA VAL A 277 7.25 11.72 18.92
C VAL A 277 8.57 11.08 19.41
N ILE A 278 8.66 10.77 20.70
CA ILE A 278 9.84 10.07 21.18
C ILE A 278 9.89 8.63 20.64
N ASN A 279 8.77 7.91 20.69
CA ASN A 279 8.77 6.54 20.16
C ASN A 279 9.03 6.47 18.63
N HIS A 280 8.61 7.52 17.91
CA HIS A 280 8.83 7.61 16.46
C HIS A 280 10.28 7.79 16.14
N GLY A 281 11.08 7.99 17.19
CA GLY A 281 12.50 8.28 17.00
C GLY A 281 12.87 9.64 16.37
N THR A 282 12.04 10.68 16.58
CA THR A 282 12.35 12.05 16.18
C THR A 282 12.49 13.01 17.37
N ALA A 283 12.70 12.48 18.57
CA ALA A 283 12.99 13.29 19.74
C ALA A 283 13.62 12.40 20.80
N ARG A 284 14.73 12.83 21.39
CA ARG A 284 15.42 12.02 22.42
C ARG A 284 14.62 11.95 23.70
N ASN A 285 13.85 13.00 24.02
CA ASN A 285 13.20 13.09 25.34
C ASN A 285 12.10 14.12 25.45
N PRO A 286 11.42 14.20 26.61
CA PRO A 286 10.31 15.16 26.77
C PRO A 286 10.66 16.63 26.51
N LYS A 287 11.92 17.01 26.71
CA LYS A 287 12.42 18.38 26.44
C LYS A 287 12.32 18.69 24.95
N GLU A 288 12.91 17.81 24.13
CA GLU A 288 12.87 18.04 22.68
C GLU A 288 11.45 17.87 22.17
N ALA A 289 10.71 16.92 22.74
CA ALA A 289 9.35 16.66 22.26
C ALA A 289 8.56 17.96 22.33
N ALA A 290 8.62 18.53 23.52
CA ALA A 290 8.02 19.81 23.85
C ALA A 290 8.51 20.95 22.98
N GLN A 291 9.83 21.06 22.83
CA GLN A 291 10.40 22.09 21.98
C GLN A 291 9.83 21.97 20.53
N PHE A 292 9.92 20.77 19.97
CA PHE A 292 9.66 20.56 18.54
C PHE A 292 8.16 20.72 18.25
N SER A 293 7.32 20.32 19.21
CA SER A 293 5.84 20.48 19.07
C SER A 293 5.38 21.95 19.22
N MET A 294 6.01 22.68 20.14
CA MET A 294 5.75 24.11 20.29
C MET A 294 6.27 24.84 19.06
N GLU A 295 7.48 24.52 18.62
CA GLU A 295 7.98 25.12 17.38
C GLU A 295 6.94 24.95 16.24
N ALA A 296 6.34 23.76 16.22
CA ALA A 296 5.36 23.41 15.20
C ALA A 296 3.98 24.05 15.36
N GLY A 297 3.69 24.66 16.51
CA GLY A 297 2.43 25.36 16.70
C GLY A 297 1.34 24.53 17.36
N VAL A 298 1.74 23.43 18.01
CA VAL A 298 0.78 22.65 18.76
C VAL A 298 0.51 23.46 20.04
N ASP A 299 -0.76 23.87 20.22
CA ASP A 299 -1.19 24.75 21.32
C ASP A 299 -1.62 24.04 22.58
N LEU A 300 -2.07 22.78 22.45
CA LEU A 300 -2.70 22.06 23.55
C LEU A 300 -2.30 20.57 23.62
N GLU A 301 -1.51 20.23 24.61
CA GLU A 301 -1.08 18.85 24.80
C GLU A 301 -2.13 17.99 25.57
N MET A 302 -2.57 16.90 24.92
CA MET A 302 -3.64 16.04 25.43
C MET A 302 -3.10 14.91 26.31
N MET A 303 -3.28 15.07 27.61
CA MET A 303 -3.03 14.03 28.57
C MET A 303 -1.61 13.50 28.65
N THR A 304 -0.62 14.29 28.22
CA THR A 304 0.78 14.06 28.56
C THR A 304 1.45 15.34 29.07
N THR A 305 2.67 15.20 29.56
CA THR A 305 3.34 16.17 30.40
C THR A 305 4.66 16.73 29.88
N CYS A 306 4.86 16.76 28.58
CA CYS A 306 6.10 17.36 28.04
C CYS A 306 6.12 18.88 28.22
N TYR A 307 5.01 19.52 27.91
CA TYR A 307 4.96 20.95 27.99
C TYR A 307 5.13 21.32 29.45
N ILE A 308 4.22 20.86 30.31
CA ILE A 308 4.24 21.27 31.74
C ILE A 308 5.55 21.06 32.47
N HIS A 309 6.25 19.97 32.22
CA HIS A 309 7.57 19.75 32.84
C HIS A 309 8.79 20.28 32.07
N GLU A 310 8.64 20.79 30.85
CA GLU A 310 9.84 21.16 30.04
C GLU A 310 9.86 22.56 29.43
N LEU A 311 8.72 23.25 29.37
CA LEU A 311 8.63 24.54 28.69
C LEU A 311 9.30 25.66 29.50
N LYS A 312 9.21 25.60 30.83
CA LYS A 312 9.90 26.58 31.66
C LYS A 312 11.41 26.61 31.31
N GLY A 313 12.09 25.49 31.57
CA GLY A 313 13.52 25.34 31.30
C GLY A 313 13.95 25.71 29.88
N LEU A 314 13.10 25.40 28.89
CA LEU A 314 13.45 25.66 27.49
C LEU A 314 13.45 27.16 27.20
N ILE A 315 12.58 27.87 27.89
CA ILE A 315 12.41 29.30 27.67
C ILE A 315 13.48 30.10 28.41
N GLU A 316 13.79 29.66 29.62
CA GLU A 316 14.85 30.27 30.42
C GLU A 316 16.22 30.09 29.78
N GLU A 317 16.54 28.87 29.36
CA GLU A 317 17.79 28.58 28.64
C GLU A 317 17.83 29.20 27.22
N GLY A 318 16.77 29.89 26.81
CA GLY A 318 16.72 30.56 25.49
C GLY A 318 16.61 29.67 24.24
N LYS A 319 16.36 28.36 24.42
CA LYS A 319 16.19 27.41 23.30
C LYS A 319 14.84 27.55 22.59
N LEU A 320 13.95 28.33 23.18
CA LEU A 320 12.56 28.40 22.75
C LEU A 320 11.98 29.76 23.18
N SER A 321 11.33 30.48 22.27
CA SER A 321 10.86 31.83 22.54
C SER A 321 9.51 31.87 23.24
N GLU A 322 9.39 32.77 24.21
CA GLU A 322 8.19 32.97 25.01
C GLU A 322 7.03 33.53 24.15
N ASN A 323 7.34 34.12 22.99
CA ASN A 323 6.27 34.59 22.08
C ASN A 323 5.37 33.46 21.60
N LEU A 324 5.99 32.32 21.29
CA LEU A 324 5.28 31.13 20.80
C LEU A 324 4.28 30.67 21.84
N LEU A 325 4.73 30.54 23.08
CA LEU A 325 3.82 30.19 24.19
C LEU A 325 2.70 31.21 24.30
N ASP A 326 3.05 32.48 24.17
CA ASP A 326 2.09 33.56 24.34
C ASP A 326 0.99 33.51 23.31
N GLU A 327 1.36 33.32 22.05
CA GLU A 327 0.36 33.28 21.00
C GLU A 327 -0.47 32.01 21.14
N ALA A 328 0.15 30.96 21.69
CA ALA A 328 -0.54 29.70 21.94
C ALA A 328 -1.62 29.89 22.98
N VAL A 329 -1.26 30.58 24.05
CA VAL A 329 -2.20 30.89 25.12
C VAL A 329 -3.32 31.82 24.63
N LEU A 330 -2.98 32.76 23.76
CA LEU A 330 -3.98 33.65 23.20
C LEU A 330 -5.04 32.91 22.38
N ARG A 331 -4.65 31.89 21.64
CA ARG A 331 -5.62 31.12 20.84
C ARG A 331 -6.55 30.35 21.79
N MET A 332 -5.95 29.84 22.86
CA MET A 332 -6.72 29.19 23.92
C MET A 332 -7.81 30.10 24.46
N LEU A 333 -7.43 31.32 24.85
CA LEU A 333 -8.40 32.26 25.44
C LEU A 333 -9.42 32.71 24.40
N ASN A 334 -8.97 32.92 23.17
CA ASN A 334 -9.87 33.31 22.08
C ASN A 334 -10.95 32.29 21.79
N LEU A 335 -10.59 31.01 21.98
CA LEU A 335 -11.57 29.92 21.91
C LEU A 335 -12.53 29.94 23.13
N LYS A 336 -12.00 30.15 24.34
CA LYS A 336 -12.89 30.27 25.53
C LYS A 336 -13.86 31.44 25.35
N ASN A 337 -13.32 32.54 24.85
CA ASN A 337 -14.12 33.72 24.54
C ASN A 337 -15.18 33.47 23.49
N ASP A 338 -14.76 32.94 22.34
CA ASP A 338 -15.66 32.59 21.25
C ASP A 338 -16.81 31.73 21.76
N LEU A 339 -16.52 30.90 22.77
CA LEU A 339 -17.53 30.03 23.42
C LEU A 339 -18.40 30.76 24.47
N GLY A 340 -17.94 31.92 24.93
CA GLY A 340 -18.73 32.79 25.78
C GLY A 340 -18.52 32.44 27.24
N LEU A 341 -17.33 31.95 27.54
CA LEU A 341 -17.03 31.35 28.85
C LEU A 341 -16.69 32.39 29.90
N PHE A 342 -16.21 33.54 29.44
CA PHE A 342 -15.93 34.64 30.36
C PHE A 342 -17.24 35.32 30.83
N GLU A 343 -18.32 35.20 30.05
CA GLU A 343 -19.67 35.65 30.48
C GLU A 343 -20.42 34.56 31.26
N ASP A 344 -20.29 33.31 30.78
CA ASP A 344 -20.98 32.16 31.35
C ASP A 344 -20.14 30.89 31.20
N PRO A 345 -19.33 30.56 32.24
CA PRO A 345 -18.46 29.39 32.18
C PRO A 345 -19.20 28.05 32.17
N TYR A 346 -20.50 28.10 32.49
CA TYR A 346 -21.38 26.93 32.41
C TYR A 346 -22.18 26.92 31.11
N ARG A 347 -21.82 27.80 30.18
CA ARG A 347 -22.41 27.81 28.86
C ARG A 347 -23.90 27.44 28.88
N GLY A 348 -24.66 28.14 29.73
CA GLY A 348 -26.13 28.07 29.71
C GLY A 348 -26.71 26.97 30.57
N LEU A 349 -25.85 26.18 31.19
CA LEU A 349 -26.30 25.13 32.09
C LEU A 349 -26.63 25.76 33.43
N ASN A 352 -30.18 24.81 33.56
CA ASN A 352 -31.37 25.41 33.01
C ASN A 352 -32.29 24.36 32.41
N ASP A 353 -32.28 23.18 33.01
CA ASP A 353 -32.98 22.04 32.45
C ASP A 353 -32.80 21.83 30.98
N ARG A 354 -31.55 21.63 30.63
CA ARG A 354 -31.25 21.23 29.30
C ARG A 354 -31.47 19.72 29.16
N THR A 355 -31.76 19.06 30.26
CA THR A 355 -32.11 17.66 30.22
C THR A 355 -33.36 17.33 29.41
N LYS A 356 -34.34 18.23 29.41
CA LYS A 356 -35.50 18.12 28.50
C LYS A 356 -35.04 17.89 27.04
N ASP A 357 -33.79 18.25 26.75
CA ASP A 357 -33.22 18.23 25.39
C ASP A 357 -32.57 16.89 24.94
N ILE A 358 -32.35 15.98 25.89
CA ILE A 358 -31.61 14.73 25.62
C ILE A 358 -32.50 13.52 25.30
N LEU A 359 -32.14 12.75 24.28
CA LEU A 359 -32.84 11.51 24.02
C LEU A 359 -34.34 11.74 23.85
N THR A 360 -34.71 12.82 23.17
CA THR A 360 -36.11 13.13 22.91
C THR A 360 -36.65 12.23 21.83
N ASP A 361 -37.98 12.19 21.76
CA ASP A 361 -38.71 11.53 20.68
C ASP A 361 -38.39 12.06 19.28
N GLU A 362 -38.29 13.39 19.11
CA GLU A 362 -37.97 14.03 17.80
C GLU A 362 -36.56 13.65 17.33
N SER A 363 -35.60 13.78 18.24
CA SER A 363 -34.22 13.35 18.00
C SER A 363 -34.08 11.88 17.60
N ARG A 364 -34.81 10.97 18.25
CA ARG A 364 -34.76 9.53 17.90
C ARG A 364 -35.36 9.31 16.51
N GLY A 365 -36.43 10.04 16.18
CA GLY A 365 -37.01 9.99 14.84
C GLY A 365 -36.02 10.42 13.77
N LYS A 366 -35.21 11.42 14.08
CA LYS A 366 -34.15 11.90 13.17
C LYS A 366 -33.01 10.88 12.99
N ALA A 367 -32.56 10.27 14.08
CA ALA A 367 -31.59 9.18 14.03
C ALA A 367 -32.12 8.04 13.18
N ARG A 368 -33.42 7.81 13.29
CA ARG A 368 -34.07 6.78 12.50
C ARG A 368 -34.04 7.10 11.02
N ALA A 369 -34.41 8.31 10.67
CA ALA A 369 -34.39 8.71 9.27
C ALA A 369 -32.94 8.65 8.72
N ALA A 370 -31.97 9.04 9.55
CA ALA A 370 -30.56 8.95 9.17
C ALA A 370 -30.14 7.51 8.84
N GLY A 371 -30.65 6.57 9.62
CA GLY A 371 -30.40 5.15 9.37
C GLY A 371 -30.93 4.68 8.04
N VAL A 372 -32.13 5.15 7.65
CA VAL A 372 -32.78 4.70 6.39
C VAL A 372 -32.22 5.34 5.10
N GLU A 373 -31.78 6.59 5.24
CA GLU A 373 -30.97 7.30 4.26
C GLU A 373 -29.63 6.64 3.97
N SER A 374 -29.01 6.09 5.02
CA SER A 374 -27.61 5.65 5.03
C SER A 374 -27.38 4.19 4.64
N ALA A 375 -28.37 3.32 4.89
CA ALA A 375 -28.22 1.88 4.55
C ALA A 375 -28.11 1.64 3.05
N VAL A 376 -27.49 0.54 2.64
CA VAL A 376 -27.30 0.27 1.22
C VAL A 376 -27.78 -1.11 0.79
N LEU A 377 -28.75 -1.09 -0.12
CA LEU A 377 -29.26 -2.30 -0.69
C LEU A 377 -28.28 -2.78 -1.75
N LEU A 378 -27.60 -3.89 -1.46
CA LEU A 378 -26.56 -4.38 -2.35
C LEU A 378 -27.09 -5.44 -3.31
N GLU A 379 -28.05 -6.23 -2.86
CA GLU A 379 -28.65 -7.24 -3.68
C GLU A 379 -30.17 -7.29 -3.38
N ASN A 380 -30.96 -7.67 -4.41
CA ASN A 380 -32.40 -7.92 -4.23
C ASN A 380 -32.95 -8.71 -5.41
N LYS A 381 -32.76 -10.01 -5.42
CA LYS A 381 -33.13 -10.81 -6.59
C LYS A 381 -34.61 -11.17 -6.59
N SER A 382 -35.22 -11.09 -7.76
CA SER A 382 -36.65 -11.33 -7.99
C SER A 382 -37.53 -10.58 -6.98
N ARG A 383 -37.23 -9.30 -6.76
CA ARG A 383 -38.09 -8.44 -5.91
C ARG A 383 -38.54 -9.10 -4.58
N LEU A 384 -37.61 -9.77 -3.90
CA LEU A 384 -37.90 -10.30 -2.58
C LEU A 384 -38.23 -9.17 -1.61
N LEU A 385 -37.47 -8.09 -1.65
CA LEU A 385 -37.76 -6.93 -0.80
C LEU A 385 -38.59 -5.91 -1.60
N PRO A 386 -39.46 -5.14 -0.93
CA PRO A 386 -39.87 -5.19 0.42
C PRO A 386 -40.73 -6.41 0.71
N LEU A 387 -40.75 -6.80 1.98
CA LEU A 387 -41.50 -7.95 2.42
C LEU A 387 -42.87 -7.51 2.91
N ALA A 388 -43.90 -8.20 2.43
CA ALA A 388 -45.25 -7.98 2.90
C ALA A 388 -45.27 -8.16 4.42
N LYS A 389 -46.03 -7.31 5.10
CA LYS A 389 -46.06 -7.25 6.59
C LYS A 389 -46.63 -8.51 7.24
N GLU A 390 -47.29 -9.34 6.45
CA GLU A 390 -47.83 -10.61 6.96
C GLU A 390 -46.90 -11.78 6.63
N ALA A 391 -45.73 -11.48 6.05
CA ALA A 391 -44.74 -12.54 5.79
C ALA A 391 -44.25 -13.07 7.11
N LYS A 392 -44.21 -14.39 7.18
CA LYS A 392 -43.80 -15.09 8.39
C LYS A 392 -42.27 -15.12 8.36
N ILE A 393 -41.63 -14.65 9.44
CA ILE A 393 -40.16 -14.45 9.41
C ILE A 393 -39.36 -15.33 10.36
N ALA A 394 -38.46 -16.16 9.81
CA ALA A 394 -37.40 -16.75 10.67
C ALA A 394 -36.24 -15.72 10.80
N LEU A 395 -36.04 -15.19 12.00
CA LEU A 395 -34.96 -14.26 12.25
C LEU A 395 -33.79 -14.95 12.93
N VAL A 396 -32.69 -15.17 12.22
CA VAL A 396 -31.58 -15.91 12.83
C VAL A 396 -30.27 -15.19 12.65
N GLY A 397 -29.31 -15.53 13.53
CA GLY A 397 -27.94 -15.03 13.46
C GLY A 397 -27.46 -14.28 14.70
N PRO A 398 -26.21 -13.82 14.67
CA PRO A 398 -25.66 -13.12 15.81
C PRO A 398 -26.21 -11.75 16.01
N LEU A 399 -26.68 -11.11 14.95
CA LEU A 399 -27.31 -9.77 15.05
C LEU A 399 -28.86 -9.78 15.17
N ALA A 400 -29.41 -10.98 15.38
CA ALA A 400 -30.84 -11.15 15.67
C ALA A 400 -31.31 -10.36 16.90
N THR A 401 -30.57 -10.50 18.01
CA THR A 401 -30.91 -9.92 19.33
C THR A 401 -29.75 -9.11 19.98
N SER A 402 -28.59 -9.02 19.31
CA SER A 402 -27.45 -8.33 19.90
C SER A 402 -27.80 -6.88 20.16
N PRO A 403 -27.53 -6.42 21.35
CA PRO A 403 -27.62 -4.99 21.58
C PRO A 403 -26.44 -4.20 20.96
N ASP A 404 -25.44 -4.88 20.43
CA ASP A 404 -24.27 -4.19 19.83
C ASP A 404 -24.58 -3.65 18.41
N ILE A 405 -25.41 -2.61 18.31
CA ILE A 405 -25.84 -2.04 17.03
C ILE A 405 -25.59 -0.50 16.95
N LEU A 406 -24.97 0.09 17.98
CA LEU A 406 -24.76 1.55 18.02
C LEU A 406 -23.43 1.96 17.37
N GLY A 407 -22.60 0.97 17.08
CA GLY A 407 -21.33 1.18 16.43
C GLY A 407 -20.20 1.60 17.35
N GLY A 408 -19.00 1.70 16.78
CA GLY A 408 -17.81 2.17 17.54
C GLY A 408 -17.75 3.67 17.71
N TRP A 409 -16.79 4.13 18.50
CA TRP A 409 -16.75 5.56 18.91
C TRP A 409 -18.11 6.06 19.39
N ASN A 410 -18.78 5.21 20.15
CA ASN A 410 -19.99 5.62 20.84
C ASN A 410 -19.67 5.77 22.30
N VAL A 411 -19.19 6.94 22.71
CA VAL A 411 -18.66 7.10 24.05
C VAL A 411 -19.78 7.35 25.06
N TYR A 412 -20.92 7.88 24.61
CA TYR A 412 -21.98 8.31 25.55
C TYR A 412 -23.31 7.60 25.36
N GLY A 413 -23.52 6.97 24.21
CA GLY A 413 -24.81 6.32 23.94
C GLY A 413 -24.92 5.06 24.77
N GLU A 414 -26.12 4.77 25.25
CA GLU A 414 -26.30 3.59 26.07
C GLU A 414 -27.09 2.55 25.31
N GLU A 415 -26.51 1.35 25.27
CA GLU A 415 -27.14 0.19 24.65
C GLU A 415 -28.53 -0.14 25.21
N LYS A 416 -28.79 0.10 26.50
CA LYS A 416 -30.12 -0.16 27.02
C LYS A 416 -31.19 0.66 26.31
N ASP A 417 -30.82 1.80 25.76
CA ASP A 417 -31.77 2.63 25.00
C ASP A 417 -31.85 2.20 23.54
N GLY A 418 -30.99 1.28 23.13
CA GLY A 418 -30.95 0.86 21.74
C GLY A 418 -32.14 0.00 21.41
N ILE A 419 -32.51 -0.07 20.15
CA ILE A 419 -33.57 -0.95 19.71
C ILE A 419 -32.94 -2.05 18.85
N ASN A 420 -33.03 -3.29 19.33
CA ASN A 420 -32.46 -4.42 18.62
C ASN A 420 -33.36 -4.98 17.50
N VAL A 421 -32.82 -5.90 16.71
CA VAL A 421 -33.49 -6.23 15.42
C VAL A 421 -34.82 -6.97 15.63
N GLU A 422 -34.86 -7.90 16.58
CA GLU A 422 -36.09 -8.62 16.96
C GLU A 422 -37.17 -7.66 17.40
N THR A 423 -36.80 -6.69 18.19
CA THR A 423 -37.79 -5.76 18.70
C THR A 423 -38.32 -4.88 17.59
N GLY A 424 -37.42 -4.48 16.71
CA GLY A 424 -37.78 -3.76 15.52
C GLY A 424 -38.72 -4.54 14.66
N LEU A 425 -38.43 -5.82 14.44
CA LEU A 425 -39.20 -6.63 13.48
C LEU A 425 -40.58 -6.98 14.03
N ARG A 426 -40.62 -7.28 15.34
CA ARG A 426 -41.86 -7.69 15.99
C ARG A 426 -42.91 -6.61 15.97
N GLU A 427 -42.47 -5.34 15.90
CA GLU A 427 -43.37 -4.18 15.82
C GLU A 427 -44.14 -4.07 14.52
N VAL A 428 -43.74 -4.84 13.52
CA VAL A 428 -44.18 -4.59 12.16
C VAL A 428 -44.78 -5.84 11.58
N PHE A 429 -44.08 -6.97 11.74
CA PHE A 429 -44.51 -8.26 11.17
C PHE A 429 -45.12 -9.13 12.24
N GLU A 430 -46.29 -9.70 11.97
CA GLU A 430 -47.07 -10.43 12.97
C GLU A 430 -46.32 -11.65 13.48
N THR A 431 -45.72 -12.40 12.57
CA THR A 431 -45.13 -13.68 12.93
C THR A 431 -43.61 -13.67 12.80
N VAL A 432 -42.90 -13.65 13.93
CA VAL A 432 -41.43 -13.71 13.91
C VAL A 432 -40.94 -14.80 14.83
N GLU A 433 -40.18 -15.75 14.31
CA GLU A 433 -39.52 -16.74 15.16
C GLU A 433 -38.01 -16.49 15.13
N VAL A 434 -37.36 -16.69 16.26
CA VAL A 434 -36.01 -16.16 16.45
C VAL A 434 -35.06 -17.17 16.99
N VAL A 435 -33.99 -17.41 16.25
CA VAL A 435 -32.91 -18.20 16.77
C VAL A 435 -31.64 -17.35 16.71
N SER A 436 -31.24 -16.85 17.88
CA SER A 436 -29.96 -16.21 18.03
C SER A 436 -28.83 -17.24 17.99
N THR A 437 -27.72 -16.88 17.32
CA THR A 437 -26.50 -17.67 17.34
C THR A 437 -25.35 -16.76 17.74
N GLU A 438 -24.21 -17.38 17.99
N GLU A 438 -24.20 -17.35 17.98
CA GLU A 438 -23.00 -16.65 18.39
CA GLU A 438 -23.08 -16.59 18.45
C GLU A 438 -22.34 -15.92 17.23
C GLU A 438 -22.24 -16.03 17.28
N TYR A 439 -21.47 -14.97 17.57
CA TYR A 439 -20.67 -14.27 16.57
C TYR A 439 -19.59 -15.11 15.93
N THR A 440 -18.96 -16.00 16.69
CA THR A 440 -17.79 -16.73 16.18
C THR A 440 -17.94 -18.24 16.16
N GLU A 441 -19.16 -18.75 16.35
CA GLU A 441 -19.40 -20.19 16.40
C GLU A 441 -20.66 -20.58 15.64
N LEU A 442 -20.76 -21.86 15.34
CA LEU A 442 -21.95 -22.45 14.74
C LEU A 442 -22.03 -23.91 15.16
N SER A 443 -22.76 -24.13 16.24
CA SER A 443 -22.89 -25.46 16.85
C SER A 443 -23.90 -26.32 16.10
N GLU A 444 -23.87 -27.63 16.31
CA GLU A 444 -24.87 -28.53 15.69
C GLU A 444 -26.24 -28.26 16.29
N GLU A 445 -26.24 -27.88 17.56
CA GLU A 445 -27.49 -27.53 18.21
C GLU A 445 -28.10 -26.28 17.56
N ASP A 446 -27.27 -25.30 17.17
CA ASP A 446 -27.75 -24.08 16.47
C ASP A 446 -28.49 -24.43 15.18
N LYS A 447 -27.88 -25.32 14.43
CA LYS A 447 -28.39 -25.70 13.14
C LYS A 447 -29.75 -26.37 13.23
N VAL A 448 -29.88 -27.28 14.18
CA VAL A 448 -31.15 -27.92 14.46
C VAL A 448 -32.21 -26.83 14.73
N ALA A 449 -31.91 -25.89 15.63
CA ALA A 449 -32.86 -24.80 15.93
C ALA A 449 -33.22 -23.91 14.71
N VAL A 450 -32.24 -23.67 13.85
CA VAL A 450 -32.44 -22.85 12.66
C VAL A 450 -33.32 -23.61 11.68
N LYS A 451 -33.00 -24.88 11.48
CA LYS A 451 -33.82 -25.75 10.62
C LYS A 451 -35.30 -25.67 11.03
N ALA A 452 -35.56 -25.76 12.33
CA ALA A 452 -36.92 -25.78 12.89
C ALA A 452 -37.64 -24.45 12.74
N ALA A 453 -36.92 -23.36 12.97
CA ALA A 453 -37.48 -22.04 12.75
C ALA A 453 -37.77 -21.80 11.26
N VAL A 454 -36.84 -22.16 10.40
CA VAL A 454 -36.99 -21.85 8.99
C VAL A 454 -38.10 -22.69 8.36
N GLN A 455 -38.08 -24.01 8.59
CA GLN A 455 -39.18 -24.91 8.22
C GLN A 455 -40.58 -24.28 8.38
N ASN A 456 -40.80 -23.59 9.49
CA ASN A 456 -42.13 -23.03 9.86
C ASN A 456 -42.56 -21.73 9.16
N MET A 457 -41.58 -20.89 8.84
CA MET A 457 -41.78 -19.52 8.36
C MET A 457 -41.62 -19.44 6.84
N ASP A 458 -41.78 -18.25 6.28
CA ASP A 458 -41.76 -18.08 4.80
C ASP A 458 -40.46 -17.51 4.24
N VAL A 459 -39.78 -16.69 5.04
CA VAL A 459 -38.53 -16.04 4.66
C VAL A 459 -37.56 -15.96 5.82
N VAL A 460 -36.28 -16.08 5.49
CA VAL A 460 -35.21 -15.90 6.45
C VAL A 460 -34.66 -14.45 6.43
N VAL A 461 -34.73 -13.80 7.59
CA VAL A 461 -33.92 -12.61 7.87
C VAL A 461 -32.65 -13.05 8.63
N LEU A 462 -31.54 -13.11 7.88
CA LEU A 462 -30.25 -13.55 8.41
C LEU A 462 -29.39 -12.36 8.75
N ALA A 463 -29.25 -12.16 10.06
CA ALA A 463 -28.67 -10.96 10.60
C ALA A 463 -27.27 -11.33 11.07
N LEU A 464 -26.30 -10.84 10.30
CA LEU A 464 -24.88 -11.13 10.48
C LEU A 464 -24.19 -9.81 10.83
N GLY A 465 -23.01 -9.90 11.44
CA GLY A 465 -22.23 -8.72 11.71
C GLY A 465 -20.96 -8.84 12.52
N GLU A 466 -20.26 -7.70 12.56
CA GLU A 466 -19.10 -7.51 13.37
C GLU A 466 -19.50 -7.02 14.78
N LYS A 467 -18.70 -7.32 15.79
CA LYS A 467 -18.80 -6.59 17.05
C LYS A 467 -18.08 -5.25 16.82
N ASN A 468 -18.58 -4.16 17.40
CA ASN A 468 -17.93 -2.88 17.08
C ASN A 468 -16.46 -2.88 17.51
N GLU A 469 -16.12 -3.68 18.52
CA GLU A 469 -14.73 -3.69 19.00
C GLU A 469 -13.74 -4.30 17.99
N TRP A 470 -14.25 -4.95 16.94
CA TRP A 470 -13.39 -5.41 15.86
C TRP A 470 -13.02 -4.29 14.90
N GLY A 471 -13.48 -3.07 15.20
CA GLY A 471 -13.08 -1.89 14.48
C GLY A 471 -12.94 -0.70 15.42
N GLY A 472 -13.05 0.50 14.86
CA GLY A 472 -12.64 1.68 15.58
C GLY A 472 -11.13 1.72 15.82
N GLU A 473 -10.69 2.46 16.83
CA GLU A 473 -9.28 2.73 17.00
C GLU A 473 -8.56 1.44 17.43
N ALA A 474 -7.44 1.13 16.77
CA ALA A 474 -6.63 -0.04 17.11
C ALA A 474 -7.40 -1.38 16.99
N GLY A 475 -8.42 -1.34 16.13
CA GLY A 475 -9.11 -2.51 15.64
C GLY A 475 -8.79 -2.79 14.17
N SER A 476 -7.50 -2.99 13.88
CA SER A 476 -7.07 -3.39 12.55
C SER A 476 -7.33 -4.88 12.33
N LEU A 477 -7.83 -5.22 11.15
CA LEU A 477 -7.98 -6.61 10.73
C LEU A 477 -7.13 -6.88 9.50
N ALA A 478 -6.29 -7.90 9.52
CA ALA A 478 -5.50 -8.19 8.35
C ALA A 478 -6.32 -8.82 7.22
N THR A 479 -7.27 -9.66 7.55
CA THR A 479 -8.28 -10.17 6.62
C THR A 479 -9.66 -9.54 6.93
N ILE A 480 -10.23 -8.87 5.92
CA ILE A 480 -11.49 -8.13 6.10
C ILE A 480 -12.67 -9.08 5.86
N ARG A 481 -12.81 -10.03 6.76
CA ARG A 481 -13.86 -11.04 6.72
C ARG A 481 -14.60 -11.12 8.04
N LEU A 482 -15.85 -11.53 8.00
CA LEU A 482 -16.56 -11.92 9.22
C LEU A 482 -15.92 -13.20 9.74
N PRO A 483 -16.15 -13.52 11.01
CA PRO A 483 -15.75 -14.83 11.46
C PRO A 483 -16.32 -15.89 10.51
N GLU A 484 -15.51 -16.87 10.17
CA GLU A 484 -15.91 -17.91 9.23
C GLU A 484 -17.24 -18.62 9.59
N ALA A 485 -17.54 -18.76 10.87
CA ALA A 485 -18.83 -19.36 11.29
C ALA A 485 -20.05 -18.65 10.67
N GLN A 486 -19.94 -17.34 10.45
CA GLN A 486 -21.03 -16.57 9.87
C GLN A 486 -21.24 -16.87 8.39
N TYR A 487 -20.14 -17.05 7.63
CA TYR A 487 -20.30 -17.46 6.22
C TYR A 487 -20.85 -18.88 6.17
N GLN A 488 -20.54 -19.69 7.19
CA GLN A 488 -20.95 -21.09 7.21
C GLN A 488 -22.40 -21.11 7.59
N LEU A 489 -22.81 -20.18 8.45
CA LEU A 489 -24.21 -20.06 8.75
C LEU A 489 -25.03 -19.65 7.51
N ALA A 490 -24.50 -18.74 6.69
CA ALA A 490 -25.19 -18.35 5.44
C ALA A 490 -25.28 -19.48 4.41
N LYS A 491 -24.23 -20.28 4.31
CA LYS A 491 -24.20 -21.45 3.46
C LYS A 491 -25.29 -22.43 3.92
N PHE A 492 -25.37 -22.66 5.23
CA PHE A 492 -26.37 -23.55 5.83
C PHE A 492 -27.83 -23.15 5.62
N VAL A 493 -28.14 -21.92 6.01
CA VAL A 493 -29.47 -21.31 5.82
C VAL A 493 -29.93 -21.38 4.38
N GLN A 494 -29.00 -21.23 3.47
CA GLN A 494 -29.36 -21.18 2.07
C GLN A 494 -29.90 -22.56 1.60
N THR A 495 -29.46 -23.64 2.27
CA THR A 495 -29.93 -24.98 1.90
C THR A 495 -31.32 -25.28 2.41
N LEU A 496 -31.93 -24.40 3.16
CA LEU A 496 -33.26 -24.67 3.71
C LEU A 496 -34.42 -24.29 2.76
N GLY A 497 -34.12 -24.04 1.50
CA GLY A 497 -35.17 -23.92 0.51
C GLY A 497 -36.08 -22.71 0.61
N LYS A 498 -35.70 -21.74 1.42
CA LYS A 498 -36.53 -20.56 1.60
C LYS A 498 -35.79 -19.30 1.14
N PRO A 499 -36.54 -18.26 0.71
CA PRO A 499 -35.89 -17.00 0.32
C PRO A 499 -35.11 -16.37 1.49
N VAL A 500 -33.92 -15.81 1.19
CA VAL A 500 -33.05 -15.25 2.25
C VAL A 500 -32.63 -13.76 2.07
N VAL A 501 -32.90 -12.94 3.13
CA VAL A 501 -32.32 -11.63 3.24
C VAL A 501 -31.23 -11.71 4.29
N ILE A 502 -30.07 -11.12 3.98
CA ILE A 502 -29.01 -10.89 4.94
C ILE A 502 -29.01 -9.41 5.27
N THR A 503 -29.20 -9.14 6.55
CA THR A 503 -29.07 -7.81 7.09
C THR A 503 -27.70 -7.79 7.75
N LEU A 504 -26.77 -7.05 7.15
CA LEU A 504 -25.40 -7.05 7.58
C LEU A 504 -25.12 -5.80 8.41
N PHE A 505 -24.52 -5.98 9.60
CA PHE A 505 -24.17 -4.86 10.50
C PHE A 505 -22.66 -4.82 10.66
N ASN A 506 -22.02 -3.69 10.34
CA ASN A 506 -20.55 -3.58 10.37
C ASN A 506 -20.01 -2.16 10.36
N GLY A 507 -18.69 -2.06 10.58
CA GLY A 507 -17.94 -0.78 10.62
C GLY A 507 -16.91 -0.58 9.51
N ARG A 508 -16.82 -1.54 8.58
CA ARG A 508 -15.86 -1.51 7.45
C ARG A 508 -16.37 -2.32 6.29
N PRO A 509 -15.96 -1.99 5.07
CA PRO A 509 -16.14 -2.90 3.96
C PRO A 509 -15.59 -4.30 4.28
N LEU A 510 -16.32 -5.33 3.88
CA LEU A 510 -15.97 -6.73 4.19
C LEU A 510 -15.96 -7.52 2.87
N GLU A 511 -15.42 -8.74 2.90
CA GLU A 511 -15.56 -9.64 1.75
C GLU A 511 -16.97 -10.21 1.79
N VAL A 512 -17.83 -9.82 0.84
CA VAL A 512 -19.26 -10.21 0.88
C VAL A 512 -19.77 -11.01 -0.32
N LYS A 513 -18.89 -11.40 -1.22
CA LYS A 513 -19.27 -12.23 -2.34
C LYS A 513 -19.97 -13.53 -1.88
N GLU A 514 -19.47 -14.12 -0.81
CA GLU A 514 -20.05 -15.36 -0.30
C GLU A 514 -21.42 -15.13 0.32
N LEU A 515 -21.62 -13.95 0.89
CA LEU A 515 -22.91 -13.57 1.48
C LEU A 515 -23.90 -13.25 0.35
N ALA A 516 -23.47 -12.48 -0.61
CA ALA A 516 -24.30 -12.19 -1.77
C ALA A 516 -24.77 -13.46 -2.49
N GLU A 517 -23.86 -14.43 -2.58
CA GLU A 517 -24.08 -15.65 -3.34
C GLU A 517 -24.92 -16.65 -2.60
N SER A 518 -24.96 -16.56 -1.29
CA SER A 518 -25.76 -17.45 -0.50
C SER A 518 -27.13 -16.87 -0.11
N SER A 519 -27.56 -15.78 -0.73
CA SER A 519 -28.85 -15.20 -0.37
C SER A 519 -29.53 -14.48 -1.54
N ASP A 520 -30.79 -14.07 -1.34
CA ASP A 520 -31.54 -13.41 -2.40
C ASP A 520 -31.41 -11.89 -2.32
N ALA A 521 -31.31 -11.38 -1.11
CA ALA A 521 -31.05 -9.97 -0.92
C ALA A 521 -29.99 -9.79 0.15
N LEU A 522 -29.31 -8.66 0.04
CA LEU A 522 -28.29 -8.27 0.97
C LEU A 522 -28.47 -6.76 1.27
N LEU A 523 -28.70 -6.46 2.55
CA LEU A 523 -28.88 -5.10 3.01
C LEU A 523 -27.85 -4.75 4.10
N GLU A 524 -27.04 -3.73 3.77
CA GLU A 524 -25.91 -3.24 4.53
C GLU A 524 -26.40 -2.15 5.46
N LEU A 525 -26.72 -2.48 6.70
CA LEU A 525 -27.17 -1.42 7.61
C LEU A 525 -26.02 -0.68 8.28
N TRP A 526 -24.78 -1.10 8.06
CA TRP A 526 -23.61 -0.63 8.84
C TRP A 526 -23.95 -0.74 10.31
N PHE A 527 -23.74 0.29 11.12
CA PHE A 527 -24.22 0.30 12.49
C PHE A 527 -25.16 1.50 12.62
N PRO A 528 -26.49 1.28 12.61
CA PRO A 528 -27.33 2.49 12.43
C PRO A 528 -27.48 3.38 13.67
N GLY A 529 -27.20 2.88 14.86
CA GLY A 529 -27.36 3.68 16.08
C GLY A 529 -28.58 3.30 16.94
N THR A 530 -29.16 4.28 17.63
CA THR A 530 -30.15 3.97 18.67
C THR A 530 -31.43 3.28 18.17
N GLU A 531 -31.85 3.61 16.94
CA GLU A 531 -33.07 3.04 16.34
C GLU A 531 -32.81 1.96 15.29
N ALA A 532 -31.65 1.33 15.34
CA ALA A 532 -31.23 0.29 14.38
C ALA A 532 -32.34 -0.68 13.98
N GLY A 533 -33.01 -1.25 14.98
CA GLY A 533 -34.08 -2.23 14.76
C GLY A 533 -35.21 -1.73 13.88
N ARG A 534 -35.63 -0.50 14.14
CA ARG A 534 -36.70 0.15 13.35
C ARG A 534 -36.20 0.61 11.98
N VAL A 535 -34.93 1.00 11.90
CA VAL A 535 -34.34 1.28 10.60
C VAL A 535 -34.42 0.04 9.74
N THR A 536 -34.04 -1.08 10.32
CA THR A 536 -34.04 -2.35 9.63
C THR A 536 -35.47 -2.79 9.27
N ALA A 537 -36.38 -2.66 10.23
CA ALA A 537 -37.75 -3.10 9.96
C ALA A 537 -38.41 -2.28 8.83
N ASP A 538 -38.18 -0.97 8.83
CA ASP A 538 -38.82 -0.09 7.87
C ASP A 538 -38.32 -0.38 6.45
N LEU A 539 -37.04 -0.67 6.33
CA LEU A 539 -36.47 -0.92 5.03
C LEU A 539 -37.00 -2.24 4.52
N LEU A 540 -36.96 -3.26 5.38
CA LEU A 540 -37.44 -4.58 4.95
C LEU A 540 -38.94 -4.56 4.55
N SER A 541 -39.73 -3.75 5.27
CA SER A 541 -41.18 -3.66 5.05
C SER A 541 -41.58 -2.83 3.85
N GLY A 542 -40.78 -1.81 3.52
CA GLY A 542 -41.15 -0.86 2.47
C GLY A 542 -41.71 0.46 3.03
N ALA A 543 -41.82 0.56 4.34
CA ALA A 543 -42.13 1.84 4.95
C ALA A 543 -41.10 2.88 4.52
N SER A 544 -39.82 2.54 4.57
CA SER A 544 -38.79 3.32 3.88
C SER A 544 -38.19 2.48 2.70
N ASN A 545 -37.73 3.19 1.67
CA ASN A 545 -37.16 2.59 0.45
C ASN A 545 -35.65 2.82 0.49
N PRO A 546 -34.84 1.73 0.53
CA PRO A 546 -33.38 1.93 0.47
C PRO A 546 -32.92 2.93 -0.58
N SER A 547 -32.11 3.90 -0.15
CA SER A 547 -31.55 4.95 -1.03
C SER A 547 -30.05 5.32 -0.77
N GLY A 548 -29.38 4.54 0.08
CA GLY A 548 -27.95 4.72 0.27
C GLY A 548 -27.09 4.25 -0.92
N LYS A 549 -25.90 4.82 -1.03
CA LYS A 549 -24.95 4.39 -2.07
C LYS A 549 -23.58 4.16 -1.40
N LEU A 550 -22.75 3.28 -1.94
CA LEU A 550 -21.50 2.99 -1.26
C LEU A 550 -20.55 4.17 -1.36
N SER A 551 -20.11 4.66 -0.19
CA SER A 551 -19.07 5.68 -0.19
C SER A 551 -17.69 5.06 -0.11
N MET A 552 -17.60 3.73 -0.09
CA MET A 552 -16.31 3.06 -0.07
C MET A 552 -16.41 1.74 -0.81
N SER A 553 -15.40 1.41 -1.63
CA SER A 553 -15.44 0.22 -2.46
C SER A 553 -15.35 -1.03 -1.60
N PHE A 554 -16.06 -2.06 -2.07
CA PHE A 554 -16.12 -3.39 -1.44
C PHE A 554 -15.25 -4.34 -2.25
N PRO A 555 -14.09 -4.74 -1.68
CA PRO A 555 -13.19 -5.47 -2.55
C PRO A 555 -13.59 -6.95 -2.77
N GLN A 556 -13.13 -7.51 -3.89
CA GLN A 556 -13.28 -8.90 -4.23
C GLN A 556 -12.69 -9.79 -3.11
N THR A 557 -11.48 -9.48 -2.73
CA THR A 557 -10.87 -10.12 -1.60
C THR A 557 -9.80 -9.23 -0.98
N THR A 558 -9.30 -9.63 0.18
CA THR A 558 -8.39 -8.78 0.96
C THR A 558 -7.21 -8.35 0.10
N GLY A 559 -6.62 -9.29 -0.62
CA GLY A 559 -5.52 -8.99 -1.52
C GLY A 559 -5.70 -7.93 -2.62
N GLN A 560 -6.94 -7.48 -2.84
CA GLN A 560 -7.22 -6.40 -3.78
C GLN A 560 -6.96 -4.98 -3.21
N ILE A 561 -6.85 -4.88 -1.89
CA ILE A 561 -6.68 -3.60 -1.19
C ILE A 561 -5.34 -2.94 -1.45
N PRO A 562 -5.34 -1.63 -1.79
CA PRO A 562 -6.45 -0.69 -1.93
C PRO A 562 -7.06 -0.73 -3.33
N VAL A 563 -8.38 -0.71 -3.37
CA VAL A 563 -9.10 -0.62 -4.60
C VAL A 563 -10.05 0.51 -4.36
N TYR A 564 -10.14 1.44 -5.30
CA TYR A 564 -11.03 2.62 -5.20
C TYR A 564 -11.42 3.08 -6.61
N TYR A 565 -12.49 3.88 -6.71
CA TYR A 565 -13.04 4.25 -8.03
C TYR A 565 -12.12 5.22 -8.78
N ASN A 566 -11.50 6.12 -8.06
CA ASN A 566 -10.75 7.21 -8.68
C ASN A 566 -9.29 6.84 -8.89
N HIS A 567 -9.09 5.89 -9.78
CA HIS A 567 -7.81 5.25 -9.99
C HIS A 567 -7.18 5.71 -11.30
N LEU A 568 -5.86 5.55 -11.42
CA LEU A 568 -5.13 5.88 -12.63
C LEU A 568 -5.24 4.75 -13.69
N ARG A 569 -4.97 5.11 -14.93
CA ARG A 569 -5.21 4.22 -16.07
C ARG A 569 -4.10 3.15 -16.23
N THR A 570 -2.90 3.48 -15.75
CA THR A 570 -1.65 2.76 -16.04
C THR A 570 -1.37 2.82 -17.53
N GLY A 571 -0.20 2.34 -17.93
CA GLY A 571 0.16 2.29 -19.35
C GLY A 571 -0.46 1.13 -20.13
N ARG A 572 -1.07 0.17 -19.43
CA ARG A 572 -1.68 -0.99 -20.09
C ARG A 572 -3.02 -1.37 -19.46
N PRO A 573 -4.00 -0.46 -19.55
CA PRO A 573 -5.31 -0.68 -18.96
C PRO A 573 -6.03 -1.89 -19.56
N GLN A 574 -6.75 -2.63 -18.74
CA GLN A 574 -7.61 -3.68 -19.25
C GLN A 574 -8.82 -3.00 -19.89
N THR A 575 -9.15 -3.42 -21.09
CA THR A 575 -10.27 -2.86 -21.85
C THR A 575 -11.20 -4.03 -22.22
N PRO A 576 -12.42 -3.73 -22.70
CA PRO A 576 -13.16 -4.87 -23.25
C PRO A 576 -12.54 -5.50 -24.54
N GLU A 577 -11.72 -4.74 -25.27
CA GLU A 577 -11.08 -5.25 -26.49
C GLU A 577 -9.87 -6.14 -26.22
N ASN A 578 -9.08 -5.78 -25.20
CA ASN A 578 -7.87 -6.56 -24.84
C ASN A 578 -8.13 -7.66 -23.81
N LYS A 579 -9.39 -7.82 -23.39
CA LYS A 579 -9.76 -8.87 -22.43
C LYS A 579 -9.04 -10.17 -22.73
N GLY A 580 -8.61 -10.87 -21.70
CA GLY A 580 -8.03 -12.19 -21.87
C GLY A 580 -6.56 -12.21 -22.23
N GLU A 581 -6.02 -11.09 -22.71
CA GLU A 581 -4.59 -10.98 -22.94
C GLU A 581 -3.83 -11.01 -21.62
N ARG A 582 -2.63 -11.60 -21.66
CA ARG A 582 -1.74 -11.71 -20.48
C ARG A 582 -1.11 -10.34 -20.12
N TYR A 583 -0.66 -9.56 -21.11
CA TYR A 583 0.18 -8.39 -20.78
C TYR A 583 -0.56 -7.08 -20.66
N VAL A 584 -1.51 -7.07 -19.72
CA VAL A 584 -2.39 -5.93 -19.47
C VAL A 584 -2.46 -5.85 -17.95
N SER A 585 -2.81 -4.70 -17.39
CA SER A 585 -2.97 -4.58 -15.91
C SER A 585 -4.12 -5.43 -15.42
N HIS A 586 -3.81 -6.51 -14.71
CA HIS A 586 -4.83 -7.43 -14.21
C HIS A 586 -4.25 -8.43 -13.22
N TYR A 587 -5.16 -9.11 -12.47
CA TYR A 587 -4.82 -10.26 -11.61
C TYR A 587 -5.25 -11.57 -12.28
N LEU A 588 -4.53 -12.63 -11.93
CA LEU A 588 -4.75 -13.96 -12.47
C LEU A 588 -5.93 -14.63 -11.77
N ASP A 589 -6.18 -14.24 -10.52
CA ASP A 589 -7.11 -14.95 -9.70
C ASP A 589 -8.38 -14.19 -9.41
N ILE A 590 -8.45 -12.90 -9.71
CA ILE A 590 -9.67 -12.13 -9.43
C ILE A 590 -9.86 -11.08 -10.49
N PRO A 591 -11.06 -10.47 -10.57
CA PRO A 591 -11.26 -9.32 -11.47
C PRO A 591 -10.60 -8.04 -10.95
N ASN A 592 -10.27 -7.12 -11.88
CA ASN A 592 -9.80 -5.76 -11.51
C ASN A 592 -10.80 -4.96 -10.66
N GLU A 593 -12.07 -5.17 -10.98
CA GLU A 593 -13.12 -4.40 -10.39
C GLU A 593 -13.37 -4.78 -8.94
N PRO A 594 -13.76 -3.81 -8.11
CA PRO A 594 -14.19 -4.27 -6.78
C PRO A 594 -15.51 -5.04 -6.90
N PHE A 595 -15.92 -5.71 -5.85
CA PHE A 595 -17.15 -6.47 -5.87
C PHE A 595 -18.36 -5.54 -6.00
N TYR A 596 -18.31 -4.42 -5.31
CA TYR A 596 -19.31 -3.36 -5.40
C TYR A 596 -18.54 -2.04 -5.43
N PRO A 597 -18.84 -1.18 -6.42
CA PRO A 597 -18.13 0.07 -6.59
C PRO A 597 -18.71 1.24 -5.87
N PHE A 598 -17.91 2.30 -5.73
CA PHE A 598 -18.33 3.64 -5.27
C PHE A 598 -19.59 4.17 -5.97
N GLY A 599 -20.55 4.64 -5.20
CA GLY A 599 -21.78 5.17 -5.77
C GLY A 599 -22.79 4.09 -6.09
N TYR A 600 -22.47 2.83 -5.74
CA TYR A 600 -23.39 1.73 -6.02
C TYR A 600 -24.41 1.58 -4.93
N GLY A 601 -25.67 1.48 -5.35
CA GLY A 601 -26.77 1.23 -4.46
C GLY A 601 -28.03 0.94 -5.22
N LYS A 602 -28.89 0.13 -4.62
CA LYS A 602 -30.16 -0.23 -5.22
C LYS A 602 -31.34 0.43 -4.53
N SER A 603 -32.50 0.33 -5.19
CA SER A 603 -33.79 0.84 -4.69
C SER A 603 -34.96 -0.11 -5.05
N TYR A 604 -36.07 0.08 -4.33
CA TYR A 604 -37.35 -0.51 -4.75
C TYR A 604 -37.96 0.27 -5.93
N SER A 605 -37.46 1.49 -6.21
CA SER A 605 -37.97 2.35 -7.31
C SER A 605 -37.16 2.14 -8.60
N GLU A 606 -37.43 2.91 -9.66
CA GLU A 606 -36.73 2.72 -10.93
C GLU A 606 -36.66 4.08 -11.52
N PHE A 607 -35.50 4.50 -12.01
CA PHE A 607 -35.38 5.85 -12.54
C PHE A 607 -34.84 5.93 -13.95
N GLU A 608 -35.24 6.96 -14.71
CA GLU A 608 -34.41 7.38 -15.82
C GLU A 608 -33.92 8.81 -15.63
N LEU A 609 -32.78 9.08 -16.23
CA LEU A 609 -32.11 10.34 -16.13
C LEU A 609 -31.81 10.77 -17.52
N LYS A 610 -31.82 12.07 -17.74
CA LYS A 610 -31.64 12.63 -19.04
C LYS A 610 -30.78 13.87 -18.83
N THR A 611 -29.61 13.92 -19.47
CA THR A 611 -28.82 15.14 -19.37
C THR A 611 -29.19 16.13 -20.47
N SER A 612 -29.43 17.39 -20.11
CA SER A 612 -29.68 18.43 -21.12
C SER A 612 -28.43 18.63 -21.94
N SER A 613 -28.60 19.17 -23.15
CA SER A 613 -27.48 19.29 -24.07
C SER A 613 -26.39 20.20 -23.50
N LEU A 614 -25.16 19.68 -23.47
CA LEU A 614 -24.00 20.40 -22.93
C LEU A 614 -23.28 21.17 -24.00
N PRO A 615 -22.54 22.21 -23.64
CA PRO A 615 -21.75 22.87 -24.66
C PRO A 615 -20.55 22.00 -25.08
N LYS A 616 -20.16 22.02 -26.35
CA LYS A 616 -18.99 21.24 -26.82
C LYS A 616 -17.65 21.84 -26.35
N GLU A 617 -17.65 23.13 -26.11
CA GLU A 617 -16.44 23.90 -25.80
C GLU A 617 -16.71 24.74 -24.58
N LEU A 618 -15.65 25.22 -23.95
CA LEU A 618 -15.73 25.94 -22.69
C LEU A 618 -14.43 26.71 -22.64
N ASN A 619 -14.43 27.95 -22.13
CA ASN A 619 -13.18 28.68 -21.89
C ASN A 619 -12.56 28.29 -20.56
N LEU A 620 -11.26 28.53 -20.42
CA LEU A 620 -10.62 28.40 -19.12
C LEU A 620 -11.31 29.32 -18.11
N GLY A 621 -11.30 28.97 -16.83
CA GLY A 621 -12.00 29.75 -15.77
C GLY A 621 -13.52 29.71 -15.80
N GLU A 622 -14.09 28.96 -16.71
CA GLU A 622 -15.52 28.94 -16.96
C GLU A 622 -16.17 27.71 -16.35
N SER A 623 -17.29 27.97 -15.67
CA SER A 623 -18.12 26.95 -15.06
C SER A 623 -18.86 26.12 -16.10
N LEU A 624 -19.06 24.83 -15.83
CA LEU A 624 -19.92 23.97 -16.64
C LEU A 624 -21.22 23.71 -15.90
N HIS A 625 -22.34 24.01 -16.55
CA HIS A 625 -23.63 23.83 -15.92
C HIS A 625 -24.19 22.57 -16.50
N VAL A 626 -24.38 21.58 -15.67
CA VAL A 626 -24.92 20.29 -16.06
C VAL A 626 -26.37 20.29 -15.56
N GLU A 627 -27.32 20.00 -16.45
CA GLU A 627 -28.74 19.97 -16.11
C GLU A 627 -29.29 18.58 -16.29
N VAL A 628 -29.88 18.04 -15.24
CA VAL A 628 -30.31 16.64 -15.24
C VAL A 628 -31.78 16.54 -14.84
N THR A 629 -32.55 15.90 -15.70
CA THR A 629 -33.98 15.63 -15.48
C THR A 629 -34.09 14.16 -15.07
N ILE A 630 -34.79 13.91 -13.96
CA ILE A 630 -34.86 12.54 -13.46
C ILE A 630 -36.34 12.21 -13.23
N LYS A 631 -36.75 11.02 -13.65
CA LYS A 631 -38.14 10.59 -13.49
C LYS A 631 -38.20 9.20 -12.84
N ASN A 632 -38.99 9.10 -11.76
CA ASN A 632 -39.34 7.82 -11.15
C ASN A 632 -40.43 7.14 -11.96
N ILE A 633 -40.04 6.17 -12.79
CA ILE A 633 -40.96 5.47 -13.66
C ILE A 633 -41.69 4.29 -13.01
N SER A 634 -41.77 4.29 -11.69
CA SER A 634 -42.28 3.13 -10.94
C SER A 634 -43.41 3.56 -10.03
N ASP A 635 -44.19 2.59 -9.58
CA ASP A 635 -45.26 2.85 -8.59
C ASP A 635 -44.80 3.23 -7.18
N ILE A 636 -43.53 2.99 -6.87
CA ILE A 636 -43.01 3.13 -5.51
C ILE A 636 -42.27 4.45 -5.39
N ALA A 637 -42.63 5.26 -4.38
CA ALA A 637 -41.88 6.47 -4.10
C ALA A 637 -40.48 6.07 -3.65
N GLY A 638 -39.47 6.90 -3.94
CA GLY A 638 -38.10 6.64 -3.51
C GLY A 638 -37.13 7.76 -3.83
N LYS A 639 -35.93 7.68 -3.23
CA LYS A 639 -34.82 8.61 -3.53
C LYS A 639 -33.70 7.96 -4.37
N GLU A 640 -33.11 8.80 -5.21
CA GLU A 640 -31.97 8.43 -6.06
C GLU A 640 -30.90 9.48 -5.86
N VAL A 641 -29.66 9.07 -6.07
CA VAL A 641 -28.51 9.95 -5.91
C VAL A 641 -27.86 10.09 -7.26
N ILE A 642 -28.14 11.21 -7.90
CA ILE A 642 -27.55 11.57 -9.16
C ILE A 642 -26.10 11.91 -8.89
N GLN A 643 -25.20 11.49 -9.77
CA GLN A 643 -23.77 11.70 -9.53
C GLN A 643 -23.13 12.23 -10.77
N VAL A 644 -22.25 13.21 -10.65
CA VAL A 644 -21.50 13.75 -11.79
C VAL A 644 -20.01 13.64 -11.51
N TYR A 645 -19.32 12.97 -12.45
CA TYR A 645 -17.85 12.89 -12.47
C TYR A 645 -17.20 13.62 -13.67
N LEU A 646 -15.93 13.96 -13.48
CA LEU A 646 -15.07 14.48 -14.52
C LEU A 646 -13.81 13.63 -14.64
N GLN A 647 -13.34 13.47 -15.86
CA GLN A 647 -12.05 12.91 -16.19
C GLN A 647 -11.31 13.94 -17.04
N ASP A 648 -10.03 14.14 -16.72
CA ASP A 648 -9.12 14.95 -17.51
C ASP A 648 -8.31 13.95 -18.32
N VAL A 649 -8.59 13.92 -19.62
CA VAL A 649 -8.12 12.86 -20.53
C VAL A 649 -6.62 12.79 -20.75
N THR A 650 -6.04 13.98 -20.92
CA THR A 650 -4.60 14.14 -21.04
C THR A 650 -4.20 15.29 -20.13
N ALA A 651 -3.05 15.18 -19.51
CA ALA A 651 -2.59 16.22 -18.60
C ALA A 651 -1.10 16.03 -18.28
N SER A 652 -0.51 17.04 -17.66
CA SER A 652 0.94 16.97 -17.32
C SER A 652 1.26 15.98 -16.15
N ILE A 653 0.22 15.42 -15.58
CA ILE A 653 0.26 14.43 -14.51
C ILE A 653 -0.80 13.38 -14.93
N SER A 654 -0.53 12.09 -14.71
CA SER A 654 -1.52 11.08 -15.05
C SER A 654 -2.69 11.24 -14.10
N ARG A 655 -3.87 11.51 -14.68
CA ARG A 655 -5.08 11.88 -13.92
C ARG A 655 -6.07 10.74 -13.66
N PRO A 656 -6.85 10.86 -12.60
CA PRO A 656 -7.76 9.77 -12.27
C PRO A 656 -8.78 9.56 -13.38
N VAL A 657 -9.21 8.31 -13.61
CA VAL A 657 -10.18 7.98 -14.68
C VAL A 657 -11.52 8.64 -14.45
N LYS A 658 -11.78 8.96 -13.18
CA LYS A 658 -13.01 9.62 -12.77
C LYS A 658 -12.78 10.28 -11.43
N GLU A 659 -13.45 11.41 -11.25
CA GLU A 659 -13.52 12.11 -9.98
C GLU A 659 -14.92 12.61 -9.80
N LEU A 660 -15.49 12.30 -8.66
CA LEU A 660 -16.78 12.81 -8.30
C LEU A 660 -16.62 14.32 -8.12
N LYS A 661 -17.48 15.11 -8.79
CA LYS A 661 -17.44 16.59 -8.68
C LYS A 661 -18.73 17.24 -8.27
N ALA A 662 -19.81 16.46 -8.29
CA ALA A 662 -21.09 16.88 -7.77
C ALA A 662 -21.98 15.67 -7.59
N PHE A 663 -22.94 15.82 -6.70
CA PHE A 663 -23.90 14.79 -6.36
C PHE A 663 -25.14 15.47 -5.76
N GLU A 664 -26.33 14.93 -6.02
CA GLU A 664 -27.53 15.27 -5.19
C GLU A 664 -28.51 14.12 -5.06
N LYS A 665 -29.04 13.98 -3.85
CA LYS A 665 -30.11 13.03 -3.58
C LYS A 665 -31.46 13.65 -3.90
N VAL A 666 -32.24 13.00 -4.76
CA VAL A 666 -33.47 13.59 -5.27
C VAL A 666 -34.64 12.73 -4.86
N ALA A 667 -35.59 13.28 -4.09
CA ALA A 667 -36.83 12.53 -3.71
C ALA A 667 -37.88 12.59 -4.84
N LEU A 668 -38.68 11.54 -4.97
CA LEU A 668 -39.56 11.44 -6.13
C LEU A 668 -40.73 10.53 -5.83
N GLN A 669 -41.93 11.02 -6.08
CA GLN A 669 -43.13 10.20 -5.90
C GLN A 669 -43.28 9.34 -7.12
N ALA A 670 -44.14 8.34 -7.05
CA ALA A 670 -44.39 7.50 -8.23
C ALA A 670 -44.73 8.43 -9.39
N GLY A 671 -44.26 8.13 -10.60
CA GLY A 671 -44.49 8.97 -11.78
C GLY A 671 -43.67 10.25 -11.87
N GLU A 672 -43.36 10.85 -10.72
CA GLU A 672 -42.76 12.21 -10.61
C GLU A 672 -41.44 12.50 -11.37
N GLU A 673 -41.31 13.75 -11.81
CA GLU A 673 -40.17 14.20 -12.57
C GLU A 673 -39.62 15.49 -11.95
N LYS A 674 -38.31 15.68 -12.03
CA LYS A 674 -37.67 16.89 -11.48
C LYS A 674 -36.47 17.22 -12.27
N THR A 675 -35.99 18.44 -12.07
CA THR A 675 -34.80 18.87 -12.73
C THR A 675 -33.91 19.47 -11.71
N VAL A 676 -32.67 19.00 -11.68
CA VAL A 676 -31.61 19.68 -10.92
C VAL A 676 -30.48 20.00 -11.87
N THR A 677 -29.76 21.05 -11.48
CA THR A 677 -28.66 21.57 -12.25
C THR A 677 -27.48 21.75 -11.31
N PHE A 678 -26.30 21.39 -11.79
CA PHE A 678 -25.10 21.52 -11.00
C PHE A 678 -24.18 22.50 -11.71
N GLU A 679 -23.44 23.27 -10.91
CA GLU A 679 -22.29 24.02 -11.35
C GLU A 679 -20.94 23.34 -10.99
N LEU A 680 -20.27 22.84 -12.02
CA LEU A 680 -18.89 22.42 -11.89
C LEU A 680 -18.04 23.63 -12.25
N THR A 681 -17.43 24.26 -11.26
CA THR A 681 -16.59 25.41 -11.54
C THR A 681 -15.28 24.93 -12.16
N SER A 682 -14.47 25.88 -12.63
CA SER A 682 -13.16 25.58 -13.16
C SER A 682 -12.25 24.97 -12.09
N GLU A 683 -12.62 25.08 -10.84
CA GLU A 683 -11.87 24.49 -9.77
C GLU A 683 -11.99 22.96 -9.92
N ALA A 684 -13.20 22.49 -10.21
CA ALA A 684 -13.40 21.08 -10.57
C ALA A 684 -12.58 20.57 -11.75
N PHE A 685 -12.13 21.44 -12.65
CA PHE A 685 -11.32 21.02 -13.81
C PHE A 685 -9.87 21.13 -13.45
N SER A 686 -9.59 21.51 -12.21
CA SER A 686 -8.20 21.81 -11.83
C SER A 686 -7.54 20.70 -11.09
N PHE A 687 -6.22 20.73 -11.01
CA PHE A 687 -5.44 19.73 -10.30
C PHE A 687 -4.13 20.34 -9.82
N TYR A 688 -3.39 19.61 -8.99
CA TYR A 688 -2.06 20.07 -8.62
C TYR A 688 -1.02 19.46 -9.56
N ASN A 689 -0.13 20.30 -10.08
CA ASN A 689 0.92 19.81 -10.94
C ASN A 689 2.23 19.45 -10.19
N HIS A 690 3.24 19.05 -10.96
CA HIS A 690 4.50 18.57 -10.37
C HIS A 690 5.13 19.63 -9.53
N GLN A 691 5.03 20.88 -9.95
CA GLN A 691 5.62 21.96 -9.17
C GLN A 691 4.80 22.35 -7.93
N LEU A 692 3.60 21.77 -7.81
CA LEU A 692 2.67 22.00 -6.68
C LEU A 692 1.81 23.26 -6.83
N GLU A 693 1.66 23.71 -8.06
CA GLU A 693 0.69 24.75 -8.38
C GLU A 693 -0.70 24.12 -8.63
N LYS A 694 -1.76 24.75 -8.13
CA LYS A 694 -3.10 24.42 -8.56
C LYS A 694 -3.31 25.04 -9.94
N VAL A 695 -3.59 24.24 -10.95
CA VAL A 695 -3.60 24.70 -12.37
C VAL A 695 -4.79 24.22 -13.17
N GLN A 696 -5.12 24.90 -14.25
CA GLN A 696 -6.05 24.35 -15.24
C GLN A 696 -5.39 24.34 -16.62
N GLU A 697 -5.44 23.20 -17.28
CA GLU A 697 -4.80 23.00 -18.61
C GLU A 697 -5.86 22.97 -19.75
N PRO A 698 -5.62 23.69 -20.85
CA PRO A 698 -6.62 23.48 -21.88
C PRO A 698 -6.54 22.04 -22.36
N GLY A 699 -7.67 21.49 -22.78
CA GLY A 699 -7.74 20.11 -23.25
C GLY A 699 -9.13 19.49 -23.09
N LEU A 700 -9.17 18.16 -23.29
CA LEU A 700 -10.40 17.40 -23.36
C LEU A 700 -10.68 16.83 -21.98
N HIS A 701 -11.92 17.00 -21.52
CA HIS A 701 -12.48 16.36 -20.33
C HIS A 701 -13.69 15.53 -20.68
N ARG A 702 -13.95 14.46 -19.94
CA ARG A 702 -15.20 13.74 -20.07
C ARG A 702 -16.04 14.01 -18.86
N VAL A 703 -17.35 14.14 -19.06
CA VAL A 703 -18.30 14.39 -18.00
C VAL A 703 -19.10 13.11 -18.00
N PHE A 704 -19.41 12.65 -16.81
CA PHE A 704 -20.13 11.41 -16.55
C PHE A 704 -21.29 11.76 -15.64
N VAL A 705 -22.52 11.43 -16.05
CA VAL A 705 -23.72 11.71 -15.23
C VAL A 705 -24.40 10.38 -15.01
N GLY A 706 -24.66 10.05 -13.74
CA GLY A 706 -25.41 8.85 -13.42
C GLY A 706 -25.74 8.57 -11.96
N THR A 707 -25.90 7.28 -11.69
CA THR A 707 -26.37 6.79 -10.42
C THR A 707 -25.34 5.90 -9.73
N SER A 708 -24.18 5.77 -10.35
CA SER A 708 -23.01 5.19 -9.67
C SER A 708 -21.77 5.58 -10.46
N SER A 709 -20.60 5.21 -9.94
CA SER A 709 -19.39 5.40 -10.68
C SER A 709 -19.35 4.54 -11.95
N GLU A 710 -20.21 3.53 -12.07
CA GLU A 710 -20.20 2.65 -13.24
C GLU A 710 -21.41 2.87 -14.19
N ASP A 711 -22.57 3.24 -13.64
CA ASP A 711 -23.79 3.52 -14.43
C ASP A 711 -23.95 4.99 -14.81
N VAL A 712 -23.30 5.35 -15.91
CA VAL A 712 -23.16 6.72 -16.34
C VAL A 712 -23.32 6.89 -17.85
N ASP A 713 -23.77 8.09 -18.26
CA ASP A 713 -23.69 8.55 -19.65
C ASP A 713 -22.47 9.45 -19.71
N VAL A 714 -21.67 9.30 -20.79
CA VAL A 714 -20.39 10.01 -20.93
C VAL A 714 -20.54 11.07 -22.04
N PHE A 715 -20.26 12.34 -21.70
CA PHE A 715 -20.21 13.45 -22.66
C PHE A 715 -18.80 14.05 -22.69
N GLU A 716 -18.45 14.70 -23.79
CA GLU A 716 -17.13 15.31 -23.88
C GLU A 716 -17.20 16.82 -23.94
N VAL A 717 -16.22 17.48 -23.37
CA VAL A 717 -16.11 18.94 -23.40
C VAL A 717 -14.66 19.33 -23.64
N GLU A 718 -14.44 20.32 -24.50
CA GLU A 718 -13.12 20.74 -24.89
C GLU A 718 -12.83 22.10 -24.28
N VAL A 719 -11.84 22.18 -23.40
CA VAL A 719 -11.53 23.44 -22.75
C VAL A 719 -10.34 24.16 -23.40
N GLY A 720 -10.46 25.47 -23.60
CA GLY A 720 -9.35 26.26 -24.17
C GLY A 720 -9.65 27.75 -24.33
N GLY A 721 -8.92 28.40 -25.25
CA GLY A 721 -9.18 29.79 -25.60
C GLY A 721 -8.64 30.74 -24.56
N TYR A 722 -9.53 31.56 -23.98
CA TYR A 722 -9.12 32.57 -22.99
C TYR A 722 -9.61 32.28 -21.56
N VAL A 723 -9.11 33.02 -20.55
CA VAL A 723 -9.51 32.80 -19.12
C VAL A 723 -10.61 33.74 -18.64
N LEU A 724 -11.72 33.17 -18.12
CA LEU A 724 -12.71 33.92 -17.31
C LEU A 724 -12.21 34.19 -15.93
N MET B 1 36.79 1.46 -33.06
CA MET B 1 37.51 2.53 -33.82
C MET B 1 37.67 3.73 -32.91
N GLU B 2 38.04 4.87 -33.46
CA GLU B 2 38.40 6.03 -32.66
C GLU B 2 37.20 6.93 -32.43
N GLN B 3 37.20 7.63 -31.30
CA GLN B 3 36.09 8.52 -30.97
C GLN B 3 35.82 9.46 -32.14
N GLU B 4 36.88 10.03 -32.70
CA GLU B 4 36.74 11.07 -33.71
C GLU B 4 35.95 10.57 -34.93
N LYS B 5 36.18 9.31 -35.32
CA LYS B 5 35.47 8.68 -36.46
C LYS B 5 33.98 8.42 -36.15
N VAL B 6 33.69 8.15 -34.87
CA VAL B 6 32.31 7.98 -34.38
C VAL B 6 31.57 9.32 -34.40
N GLN B 7 32.25 10.35 -33.90
CA GLN B 7 31.73 11.71 -33.99
C GLN B 7 31.45 12.10 -35.45
N GLU B 8 32.25 11.56 -36.38
CA GLU B 8 32.10 11.83 -37.82
C GLU B 8 30.89 11.14 -38.42
N LEU B 9 30.69 9.90 -38.01
CA LEU B 9 29.60 9.06 -38.53
C LEU B 9 28.25 9.73 -38.23
N VAL B 10 28.14 10.32 -37.04
CA VAL B 10 26.97 11.16 -36.68
C VAL B 10 26.78 12.29 -37.69
N SER B 11 27.86 13.01 -37.96
CA SER B 11 27.89 14.09 -38.97
C SER B 11 27.37 13.65 -40.36
N GLN B 12 27.79 12.46 -40.79
CA GLN B 12 27.46 11.92 -42.11
C GLN B 12 26.11 11.25 -42.26
N MET B 13 25.32 11.21 -41.21
CA MET B 13 24.02 10.54 -41.26
C MET B 13 22.91 11.47 -41.75
N THR B 14 21.95 10.93 -42.50
CA THR B 14 20.76 11.70 -42.81
C THR B 14 19.91 11.87 -41.56
N LEU B 15 18.91 12.75 -41.62
CA LEU B 15 17.95 12.87 -40.54
C LEU B 15 17.17 11.54 -40.35
N ASP B 16 16.65 11.00 -41.45
CA ASP B 16 15.94 9.71 -41.36
C ASP B 16 16.83 8.57 -40.89
N GLU B 17 18.12 8.64 -41.21
CA GLU B 17 19.04 7.58 -40.78
C GLU B 17 19.20 7.59 -39.27
N LYS B 18 19.21 8.81 -38.72
CA LYS B 18 19.42 9.06 -37.29
C LYS B 18 18.22 8.64 -36.46
N ILE B 19 17.03 8.93 -36.97
CA ILE B 19 15.75 8.58 -36.36
C ILE B 19 15.60 7.07 -36.25
N ALA B 20 16.02 6.37 -37.28
CA ALA B 20 15.86 4.91 -37.37
C ALA B 20 16.80 4.25 -36.42
N GLN B 21 17.96 4.89 -36.22
CA GLN B 21 18.98 4.40 -35.28
C GLN B 21 18.39 4.29 -33.87
N CYS B 22 17.36 5.09 -33.59
CA CYS B 22 16.70 5.12 -32.30
C CYS B 22 15.50 4.14 -32.23
N LEU B 23 15.37 3.26 -33.23
CA LEU B 23 14.37 2.19 -33.27
C LEU B 23 14.97 0.83 -32.88
N GLN B 24 14.18 -0.01 -32.22
CA GLN B 24 14.60 -1.42 -31.94
C GLN B 24 13.49 -2.37 -32.30
N LEU B 25 13.85 -3.52 -32.86
CA LEU B 25 12.86 -4.41 -33.43
C LEU B 25 13.16 -5.87 -33.17
N SER B 26 12.11 -6.66 -33.32
CA SER B 26 12.21 -8.10 -33.19
C SER B 26 12.90 -8.62 -34.45
N PRO B 27 13.58 -9.79 -34.33
CA PRO B 27 14.33 -10.32 -35.46
C PRO B 27 13.51 -10.53 -36.75
N PHE B 28 12.31 -11.08 -36.62
CA PHE B 28 11.49 -11.44 -37.78
C PHE B 28 10.90 -10.24 -38.55
N LEU B 29 11.44 -9.05 -38.32
CA LEU B 29 11.08 -7.85 -39.07
C LEU B 29 12.20 -7.38 -39.99
N PHE B 30 13.37 -8.03 -39.86
CA PHE B 30 14.49 -7.78 -40.72
C PHE B 30 14.55 -8.84 -41.81
N LYS B 31 15.10 -8.44 -42.95
CA LYS B 31 15.42 -9.38 -44.01
C LYS B 31 16.57 -10.25 -43.49
N GLY B 32 16.47 -11.56 -43.72
CA GLY B 32 17.58 -12.47 -43.41
C GLY B 32 17.51 -13.22 -42.08
N THR B 33 16.40 -13.09 -41.37
CA THR B 33 16.15 -13.87 -40.14
C THR B 33 15.93 -15.32 -40.54
N ASN B 34 16.21 -16.26 -39.65
CA ASN B 34 15.94 -17.67 -39.98
C ASN B 34 14.91 -18.36 -39.07
N LYS B 35 13.95 -17.57 -38.59
CA LYS B 35 12.83 -18.10 -37.81
C LYS B 35 11.68 -17.11 -37.77
N ASN B 36 10.46 -17.60 -37.83
CA ASN B 36 9.25 -16.75 -37.86
C ASN B 36 9.09 -15.82 -39.07
N ALA B 37 9.74 -16.15 -40.19
CA ALA B 37 9.61 -15.35 -41.42
C ALA B 37 8.14 -15.15 -41.87
N GLU B 38 7.24 -16.07 -41.53
CA GLU B 38 5.81 -15.98 -41.92
C GLU B 38 4.97 -14.97 -41.08
N LEU B 39 5.65 -14.27 -40.14
CA LEU B 39 5.06 -13.14 -39.38
C LEU B 39 5.57 -11.78 -39.85
N THR B 40 6.47 -11.75 -40.83
CA THR B 40 7.15 -10.51 -41.20
C THR B 40 6.22 -9.53 -41.91
N GLY B 41 5.54 -10.02 -42.95
CA GLY B 41 4.57 -9.23 -43.71
C GLY B 41 3.45 -8.63 -42.89
N PRO B 42 2.63 -9.48 -42.25
CA PRO B 42 1.51 -8.96 -41.46
C PRO B 42 1.88 -7.82 -40.49
N LEU B 43 2.97 -8.00 -39.73
CA LEU B 43 3.35 -7.09 -38.63
C LEU B 43 4.03 -5.82 -39.13
N LEU B 44 4.97 -5.98 -40.07
CA LEU B 44 5.59 -4.82 -40.76
C LEU B 44 4.49 -3.88 -41.24
N GLN B 45 3.45 -4.45 -41.82
CA GLN B 45 2.36 -3.66 -42.37
C GLN B 45 1.55 -2.97 -41.28
N GLU B 46 1.30 -3.67 -40.18
CA GLU B 46 0.54 -3.09 -39.07
C GLU B 46 1.31 -1.94 -38.39
N MET B 47 2.64 -2.07 -38.28
CA MET B 47 3.47 -1.00 -37.68
C MET B 47 3.76 0.15 -38.66
N LYS B 48 3.32 -0.04 -39.90
CA LYS B 48 3.61 0.89 -41.00
C LYS B 48 5.12 1.05 -41.18
N LEU B 49 5.82 -0.09 -41.25
CA LEU B 49 7.27 -0.08 -41.49
C LEU B 49 7.59 -0.38 -42.95
N THR B 50 8.68 0.23 -43.41
CA THR B 50 9.17 0.16 -44.79
C THR B 50 10.61 -0.29 -44.75
N ASP B 51 11.18 -0.53 -45.92
CA ASP B 51 12.56 -1.01 -46.02
C ASP B 51 13.55 0.01 -45.45
N ALA B 52 13.27 1.31 -45.63
CA ALA B 52 14.17 2.36 -45.12
C ALA B 52 14.27 2.37 -43.59
N HIS B 53 13.15 2.07 -42.93
CA HIS B 53 13.14 1.96 -41.48
C HIS B 53 13.91 0.72 -41.04
N THR B 54 13.63 -0.44 -41.64
CA THR B 54 14.25 -1.68 -41.17
C THR B 54 15.70 -1.76 -41.55
N GLU B 55 16.05 -1.24 -42.71
CA GLU B 55 17.46 -1.22 -43.13
C GLU B 55 18.33 -0.24 -42.32
N ASN B 56 17.71 0.68 -41.58
CA ASN B 56 18.47 1.60 -40.68
C ASN B 56 18.17 1.48 -39.18
N ALA B 57 17.39 0.47 -38.82
CA ALA B 57 17.01 0.26 -37.41
C ALA B 57 18.24 0.12 -36.50
N GLY B 58 18.16 0.75 -35.33
CA GLY B 58 19.30 0.79 -34.42
C GLY B 58 19.65 -0.56 -33.86
N SER B 59 18.63 -1.33 -33.51
CA SER B 59 18.89 -2.54 -32.75
C SER B 59 17.86 -3.63 -32.90
N VAL B 60 18.25 -4.81 -32.42
CA VAL B 60 17.41 -5.99 -32.43
C VAL B 60 17.30 -6.54 -31.03
N LEU B 61 16.11 -6.98 -30.67
CA LEU B 61 15.91 -7.68 -29.40
C LEU B 61 15.29 -9.05 -29.64
N GLY B 62 15.89 -10.05 -29.01
CA GLY B 62 15.30 -11.39 -28.97
C GLY B 62 15.53 -12.19 -30.23
N SER B 63 16.76 -12.11 -30.74
CA SER B 63 17.31 -13.09 -31.68
C SER B 63 17.15 -14.48 -31.08
N SER B 64 16.83 -15.48 -31.93
CA SER B 64 16.65 -16.85 -31.45
C SER B 64 17.96 -17.61 -31.39
N SER B 65 18.95 -17.19 -32.16
CA SER B 65 20.24 -17.88 -32.16
C SER B 65 21.33 -17.12 -32.86
N ALA B 66 22.54 -17.60 -32.60
CA ALA B 66 23.74 -17.28 -33.38
C ALA B 66 23.48 -17.25 -34.87
N LEU B 67 22.77 -18.24 -35.38
CA LEU B 67 22.47 -18.30 -36.80
C LEU B 67 21.49 -17.18 -37.16
N ASP B 68 20.42 -17.03 -36.38
CA ASP B 68 19.47 -15.91 -36.55
C ASP B 68 20.22 -14.57 -36.63
N MET B 69 21.07 -14.31 -35.65
CA MET B 69 21.89 -13.08 -35.60
C MET B 69 22.76 -12.85 -36.87
N ILE B 70 23.48 -13.88 -37.27
CA ILE B 70 24.39 -13.79 -38.41
C ILE B 70 23.64 -13.45 -39.70
N GLY B 71 22.58 -14.17 -39.99
CA GLY B 71 21.79 -13.92 -41.19
C GLY B 71 21.26 -12.50 -41.27
N ILE B 72 20.82 -11.97 -40.12
CA ILE B 72 20.22 -10.64 -40.05
C ILE B 72 21.29 -9.55 -40.20
N GLN B 73 22.41 -9.76 -39.53
CA GLN B 73 23.51 -8.79 -39.57
C GLN B 73 24.27 -8.83 -40.91
N GLU B 74 24.44 -10.04 -41.45
CA GLU B 74 24.94 -10.19 -42.82
C GLU B 74 24.03 -9.45 -43.80
N ALA B 75 22.72 -9.68 -43.71
CA ALA B 75 21.77 -9.01 -44.62
C ALA B 75 21.68 -7.49 -44.41
N TYR B 76 21.84 -7.05 -43.17
CA TYR B 76 21.68 -5.63 -42.83
C TYR B 76 22.87 -4.84 -43.36
N LEU B 77 24.07 -5.37 -43.13
CA LEU B 77 25.27 -4.73 -43.61
C LEU B 77 25.38 -4.73 -45.15
N LYS B 78 24.66 -5.63 -45.83
CA LYS B 78 24.63 -5.57 -47.30
C LYS B 78 23.90 -4.30 -47.80
N THR B 79 22.79 -3.90 -47.18
CA THR B 79 22.00 -2.76 -47.68
C THR B 79 22.15 -1.47 -46.87
N ASN B 80 23.02 -1.46 -45.86
CA ASN B 80 23.16 -0.29 -44.98
C ASN B 80 24.20 0.72 -45.45
N ARG B 81 23.74 1.91 -45.79
CA ARG B 81 24.64 2.92 -46.34
C ARG B 81 26.03 2.97 -45.66
N LEU B 82 26.13 3.47 -44.43
CA LEU B 82 27.45 3.73 -43.79
C LEU B 82 28.07 2.57 -43.02
N GLY B 83 27.50 1.37 -43.13
CA GLY B 83 28.01 0.21 -42.39
C GLY B 83 28.00 0.36 -40.87
N ILE B 84 26.85 0.73 -40.32
CA ILE B 84 26.62 0.76 -38.86
C ILE B 84 25.92 -0.53 -38.39
N PRO B 85 26.69 -1.48 -37.83
CA PRO B 85 26.05 -2.74 -37.49
C PRO B 85 24.94 -2.62 -36.45
N LEU B 86 24.11 -3.66 -36.37
CA LEU B 86 23.10 -3.80 -35.32
C LEU B 86 23.72 -4.12 -33.97
N VAL B 87 23.16 -3.53 -32.91
CA VAL B 87 23.40 -4.06 -31.57
C VAL B 87 22.22 -4.99 -31.25
N PHE B 88 22.54 -6.14 -30.67
CA PHE B 88 21.60 -7.27 -30.52
C PHE B 88 21.41 -7.45 -29.01
N MET B 89 20.16 -7.33 -28.55
CA MET B 89 19.87 -7.40 -27.12
C MET B 89 18.93 -8.58 -26.81
N ALA B 90 18.98 -9.04 -25.57
CA ALA B 90 18.18 -10.16 -25.13
C ALA B 90 17.96 -10.14 -23.64
N ASP B 91 16.94 -10.90 -23.24
CA ASP B 91 16.62 -11.14 -21.85
C ASP B 91 17.38 -12.36 -21.37
N VAL B 92 18.59 -12.14 -20.87
CA VAL B 92 19.34 -13.18 -20.16
C VAL B 92 19.22 -12.84 -18.66
N ILE B 93 18.19 -13.38 -18.01
CA ILE B 93 17.78 -12.93 -16.66
C ILE B 93 18.43 -13.76 -15.59
N HIS B 94 18.41 -15.07 -15.75
CA HIS B 94 19.10 -15.94 -14.78
C HIS B 94 19.63 -17.19 -15.43
N GLY B 95 20.34 -16.97 -16.51
CA GLY B 95 20.86 -18.07 -17.31
C GLY B 95 20.44 -17.89 -18.76
N TYR B 96 21.31 -18.35 -19.66
CA TYR B 96 20.95 -18.40 -21.09
C TYR B 96 20.37 -19.78 -21.39
N LYS B 97 21.21 -20.79 -21.68
CA LYS B 97 20.76 -22.20 -21.79
C LYS B 97 20.96 -22.97 -20.47
N THR B 98 22.04 -22.71 -19.76
CA THR B 98 22.23 -23.28 -18.43
C THR B 98 21.45 -22.37 -17.47
N VAL B 99 20.24 -22.78 -17.11
CA VAL B 99 19.42 -21.99 -16.21
C VAL B 99 19.83 -22.12 -14.73
N PHE B 100 19.99 -20.95 -14.11
CA PHE B 100 20.40 -20.81 -12.72
C PHE B 100 19.16 -20.44 -11.87
N PRO B 101 19.32 -20.43 -10.54
CA PRO B 101 18.15 -20.06 -9.73
C PRO B 101 17.63 -18.67 -10.07
N ILE B 102 16.31 -18.49 -9.94
CA ILE B 102 15.67 -17.19 -10.22
C ILE B 102 16.29 -16.12 -9.29
N PRO B 103 16.36 -14.88 -9.75
CA PRO B 103 17.04 -13.85 -8.96
C PRO B 103 16.60 -13.72 -7.48
N LEU B 104 15.31 -13.90 -7.19
CA LEU B 104 14.89 -13.88 -5.80
C LEU B 104 15.61 -14.97 -4.98
N ALA B 105 15.82 -16.14 -5.60
CA ALA B 105 16.55 -17.22 -4.93
C ALA B 105 17.99 -16.78 -4.72
N LEU B 106 18.64 -16.38 -5.82
CA LEU B 106 20.00 -15.78 -5.83
C LEU B 106 20.21 -14.77 -4.71
N GLY B 107 19.18 -14.02 -4.37
CA GLY B 107 19.28 -13.09 -3.23
C GLY B 107 19.38 -13.81 -1.89
N CYS B 108 18.56 -14.85 -1.75
CA CYS B 108 18.61 -15.78 -0.60
C CYS B 108 20.00 -16.46 -0.43
N SER B 109 20.76 -16.61 -1.50
CA SER B 109 22.17 -17.05 -1.39
C SER B 109 22.99 -16.14 -0.45
N PHE B 110 22.68 -14.83 -0.42
CA PHE B 110 23.45 -13.83 0.32
C PHE B 110 24.96 -13.94 -0.09
N ASP B 111 25.21 -14.30 -1.34
CA ASP B 111 26.52 -14.74 -1.76
C ASP B 111 26.91 -14.06 -3.05
N ARG B 112 27.68 -12.99 -2.90
CA ARG B 112 28.16 -12.20 -4.02
C ARG B 112 28.77 -13.01 -5.18
N GLU B 113 29.61 -13.98 -4.85
CA GLU B 113 30.38 -14.73 -5.87
C GLU B 113 29.47 -15.61 -6.71
N THR B 114 28.55 -16.32 -6.05
CA THR B 114 27.52 -17.06 -6.79
C THR B 114 26.81 -16.15 -7.84
N VAL B 115 26.39 -14.98 -7.38
CA VAL B 115 25.74 -14.06 -8.34
C VAL B 115 26.62 -13.71 -9.55
N ARG B 116 27.91 -13.44 -9.29
CA ARG B 116 28.86 -13.12 -10.36
C ARG B 116 29.10 -14.34 -11.29
N VAL B 117 29.30 -15.53 -10.70
CA VAL B 117 29.42 -16.76 -11.52
C VAL B 117 28.22 -16.94 -12.41
N MET B 118 27.04 -16.65 -11.87
CA MET B 118 25.81 -16.81 -12.65
C MET B 118 25.85 -15.94 -13.89
N ALA B 119 26.14 -14.66 -13.71
CA ALA B 119 26.18 -13.66 -14.81
C ALA B 119 27.26 -13.94 -15.87
N GLU B 120 28.44 -14.30 -15.36
CA GLU B 120 29.57 -14.69 -16.19
C GLU B 120 29.24 -15.90 -17.03
N VAL B 121 28.74 -16.97 -16.41
CA VAL B 121 28.31 -18.13 -17.18
C VAL B 121 27.24 -17.75 -18.22
N SER B 122 26.26 -16.96 -17.78
CA SER B 122 25.21 -16.41 -18.67
C SER B 122 25.76 -15.65 -19.88
N ALA B 123 26.82 -14.85 -19.67
CA ALA B 123 27.45 -14.06 -20.74
C ALA B 123 28.20 -14.99 -21.68
N LEU B 124 29.01 -15.87 -21.11
CA LEU B 124 29.66 -16.92 -21.89
C LEU B 124 28.71 -17.49 -22.92
N GLU B 125 27.57 -17.94 -22.44
CA GLU B 125 26.61 -18.62 -23.29
C GLU B 125 25.87 -17.70 -24.22
N ALA B 126 25.51 -16.51 -23.76
CA ALA B 126 24.75 -15.56 -24.60
C ALA B 126 25.58 -14.97 -25.72
N THR B 127 26.79 -14.50 -25.40
CA THR B 127 27.72 -13.98 -26.41
C THR B 127 28.01 -15.07 -27.48
N ALA B 128 28.09 -16.31 -27.01
CA ALA B 128 28.26 -17.48 -27.88
C ALA B 128 27.08 -17.67 -28.82
N ASP B 129 25.88 -17.24 -28.45
CA ASP B 129 24.71 -17.37 -29.32
C ASP B 129 24.33 -16.04 -29.98
N GLY B 130 25.26 -15.09 -29.96
CA GLY B 130 25.15 -13.88 -30.77
C GLY B 130 24.72 -12.59 -30.09
N HIS B 131 24.35 -12.65 -28.80
CA HIS B 131 23.80 -11.45 -28.11
C HIS B 131 24.85 -10.55 -27.54
N HIS B 132 24.64 -9.24 -27.70
CA HIS B 132 25.54 -8.22 -27.17
C HIS B 132 25.13 -7.65 -25.77
N VAL B 133 23.82 -7.66 -25.47
CA VAL B 133 23.28 -6.97 -24.28
C VAL B 133 22.24 -7.83 -23.58
N THR B 134 22.37 -8.01 -22.27
CA THR B 134 21.29 -8.61 -21.45
C THR B 134 20.47 -7.53 -20.75
N PHE B 135 19.15 -7.72 -20.73
CA PHE B 135 18.26 -6.87 -19.99
C PHE B 135 18.17 -7.35 -18.53
N SER B 136 19.30 -7.19 -17.84
CA SER B 136 19.54 -7.64 -16.48
C SER B 136 20.75 -6.87 -15.99
N PRO B 137 20.87 -6.57 -14.68
CA PRO B 137 20.10 -6.89 -13.47
C PRO B 137 18.80 -6.14 -13.30
N MET B 138 17.83 -6.79 -12.68
CA MET B 138 16.55 -6.17 -12.38
C MET B 138 16.71 -5.74 -10.92
N LEU B 139 16.67 -4.43 -10.68
CA LEU B 139 17.02 -3.87 -9.39
C LEU B 139 15.87 -3.16 -8.65
N ASP B 140 14.65 -3.55 -8.96
CA ASP B 140 13.47 -3.01 -8.29
C ASP B 140 13.29 -3.62 -6.90
N LEU B 141 13.36 -2.77 -5.90
CA LEU B 141 13.04 -3.15 -4.54
C LEU B 141 11.61 -3.61 -4.47
N VAL B 142 11.42 -4.75 -3.83
CA VAL B 142 10.10 -5.41 -3.75
C VAL B 142 9.70 -5.56 -2.27
N ARG B 143 8.50 -5.08 -1.91
CA ARG B 143 7.95 -5.30 -0.57
C ARG B 143 6.58 -5.96 -0.63
N ASP B 144 6.21 -6.43 -1.82
CA ASP B 144 4.84 -6.89 -2.09
C ASP B 144 4.80 -8.18 -2.91
N PRO B 145 4.73 -9.31 -2.25
CA PRO B 145 4.80 -10.57 -2.97
C PRO B 145 3.62 -10.94 -3.87
N ARG B 146 2.53 -10.17 -3.87
CA ARG B 146 1.48 -10.34 -4.90
C ARG B 146 2.00 -10.11 -6.32
N TRP B 147 2.94 -9.17 -6.45
CA TRP B 147 3.50 -8.81 -7.76
C TRP B 147 4.34 -9.97 -8.35
N GLY B 148 3.97 -10.40 -9.55
CA GLY B 148 4.61 -11.59 -10.13
C GLY B 148 6.11 -11.45 -10.34
N ARG B 149 6.54 -10.21 -10.49
CA ARG B 149 7.90 -9.87 -10.85
C ARG B 149 8.89 -9.85 -9.70
N VAL B 150 8.43 -10.14 -8.47
CA VAL B 150 9.33 -10.25 -7.34
C VAL B 150 10.37 -11.30 -7.61
N MET B 151 10.03 -12.28 -8.44
CA MET B 151 10.97 -13.33 -8.84
C MET B 151 12.24 -12.77 -9.49
N GLU B 152 12.14 -11.62 -10.15
CA GLU B 152 13.30 -10.97 -10.79
C GLU B 152 14.14 -10.11 -9.86
N SER B 153 13.63 -9.77 -8.68
CA SER B 153 14.36 -8.88 -7.72
C SER B 153 15.12 -9.70 -6.71
N THR B 154 16.15 -9.15 -6.08
CA THR B 154 16.80 -9.93 -5.05
C THR B 154 16.20 -9.69 -3.65
N GLY B 155 15.13 -8.91 -3.55
CA GLY B 155 14.30 -8.87 -2.33
C GLY B 155 13.94 -7.49 -1.82
N GLU B 156 13.70 -7.40 -0.50
CA GLU B 156 13.24 -6.17 0.17
C GLU B 156 14.31 -5.24 0.75
N ASP B 157 15.57 -5.52 0.47
CA ASP B 157 16.62 -4.74 1.05
C ASP B 157 17.51 -4.06 0.00
N PRO B 158 17.55 -2.71 0.02
CA PRO B 158 18.38 -1.95 -0.88
C PRO B 158 19.88 -2.28 -0.81
N PHE B 159 20.43 -2.54 0.38
CA PHE B 159 21.87 -2.85 0.45
C PHE B 159 22.18 -4.16 -0.24
N LEU B 160 21.48 -5.23 0.12
CA LEU B 160 21.72 -6.54 -0.50
C LEU B 160 21.50 -6.47 -2.01
N ASN B 161 20.49 -5.74 -2.45
CA ASN B 161 20.22 -5.62 -3.91
C ASN B 161 21.33 -4.84 -4.61
N SER B 162 21.76 -3.77 -3.94
CA SER B 162 22.92 -3.00 -4.35
C SER B 162 24.17 -3.86 -4.47
N GLU B 163 24.56 -4.55 -3.41
CA GLU B 163 25.71 -5.48 -3.55
C GLU B 163 25.54 -6.50 -4.67
N LEU B 164 24.43 -7.23 -4.67
CA LEU B 164 24.30 -8.31 -5.61
C LEU B 164 24.12 -7.73 -6.99
N GLY B 165 23.58 -6.52 -7.07
CA GLY B 165 23.48 -5.82 -8.34
C GLY B 165 24.86 -5.52 -8.91
N LYS B 166 25.79 -5.12 -8.05
CA LYS B 166 27.19 -4.91 -8.49
C LYS B 166 27.80 -6.23 -8.98
N ALA B 167 27.62 -7.30 -8.22
CA ALA B 167 28.10 -8.62 -8.63
C ALA B 167 27.55 -9.09 -10.01
N MET B 168 26.24 -8.88 -10.28
CA MET B 168 25.68 -9.19 -11.59
C MET B 168 26.37 -8.43 -12.72
N VAL B 169 26.54 -7.12 -12.53
CA VAL B 169 27.17 -6.30 -13.58
C VAL B 169 28.62 -6.72 -13.78
N ASP B 170 29.38 -6.86 -12.68
CA ASP B 170 30.78 -7.36 -12.73
C ASP B 170 30.83 -8.68 -13.50
N GLY B 171 29.95 -9.62 -13.15
CA GLY B 171 29.88 -10.93 -13.79
C GLY B 171 29.58 -10.90 -15.28
N TYR B 172 28.60 -10.09 -15.73
CA TYR B 172 28.27 -9.98 -17.18
C TYR B 172 29.34 -9.20 -17.96
N GLN B 173 29.85 -8.11 -17.38
CA GLN B 173 30.71 -7.13 -18.12
C GLN B 173 32.20 -7.24 -17.86
N GLY B 174 32.58 -7.95 -16.82
CA GLY B 174 33.94 -7.83 -16.31
C GLY B 174 34.41 -6.38 -16.42
N ASP B 175 35.46 -6.18 -17.22
CA ASP B 175 36.09 -4.88 -17.39
C ASP B 175 35.28 -4.13 -18.43
N ALA B 176 34.53 -3.13 -17.99
CA ALA B 176 33.57 -2.45 -18.85
C ALA B 176 34.19 -1.70 -20.03
N SER B 177 35.50 -1.46 -19.94
CA SER B 177 36.27 -0.73 -20.95
C SER B 177 36.87 -1.65 -22.01
N LYS B 178 36.82 -2.96 -21.81
CA LYS B 178 37.43 -3.94 -22.74
C LYS B 178 36.37 -4.85 -23.33
N LEU B 179 35.19 -4.30 -23.60
CA LEU B 179 34.10 -5.08 -24.14
C LEU B 179 34.28 -5.25 -25.65
N ASN B 180 35.06 -4.34 -26.24
CA ASN B 180 35.59 -4.51 -27.58
C ASN B 180 36.58 -5.66 -27.70
N GLU B 181 37.20 -6.03 -26.58
CA GLU B 181 38.15 -7.13 -26.56
C GLU B 181 37.58 -8.42 -26.01
N ASN B 182 37.05 -8.37 -24.80
CA ASN B 182 36.58 -9.57 -24.14
C ASN B 182 35.22 -9.88 -24.72
N LEU B 183 35.15 -10.82 -25.65
CA LEU B 183 33.90 -11.05 -26.36
C LEU B 183 33.10 -12.20 -25.77
N GLU B 184 33.53 -12.69 -24.61
CA GLU B 184 32.76 -13.68 -23.86
C GLU B 184 31.93 -12.98 -22.77
N GLN B 185 32.09 -11.66 -22.71
CA GLN B 185 31.30 -10.82 -21.87
C GLN B 185 30.37 -9.93 -22.70
N MET B 186 29.39 -9.32 -22.04
CA MET B 186 28.38 -8.53 -22.73
C MET B 186 27.94 -7.34 -21.88
N ALA B 187 27.28 -6.38 -22.52
CA ALA B 187 26.74 -5.22 -21.80
C ALA B 187 25.58 -5.62 -20.89
N ALA B 188 25.55 -5.04 -19.68
CA ALA B 188 24.42 -5.19 -18.77
C ALA B 188 23.53 -3.96 -18.91
N CYS B 189 22.23 -4.15 -18.75
CA CYS B 189 21.23 -3.07 -18.81
C CYS B 189 20.44 -3.04 -17.52
N VAL B 190 20.69 -2.06 -16.67
CA VAL B 190 19.93 -1.92 -15.43
C VAL B 190 18.44 -1.64 -15.69
N LYS B 191 17.57 -2.38 -15.01
CA LYS B 191 16.13 -2.08 -15.03
C LYS B 191 15.48 -2.27 -13.69
N HIS B 192 14.25 -1.78 -13.51
CA HIS B 192 13.57 -0.83 -14.40
C HIS B 192 13.53 0.51 -13.64
N PHE B 193 13.97 1.57 -14.32
CA PHE B 193 14.18 2.88 -13.68
C PHE B 193 12.89 3.67 -13.82
N ALA B 194 12.16 3.98 -12.73
CA ALA B 194 12.47 3.52 -11.36
C ALA B 194 11.21 3.19 -10.53
N ALA B 195 11.43 2.43 -9.46
CA ALA B 195 10.45 2.17 -8.37
C ALA B 195 9.25 1.29 -8.79
N TYR B 196 9.41 0.61 -9.93
CA TYR B 196 8.39 -0.26 -10.53
C TYR B 196 7.75 -1.29 -9.57
N GLY B 197 8.56 -1.84 -8.67
CA GLY B 197 8.10 -2.89 -7.77
C GLY B 197 7.22 -2.44 -6.60
N ALA B 198 6.94 -1.15 -6.55
CA ALA B 198 5.98 -0.63 -5.57
C ALA B 198 4.60 -0.54 -6.20
N ALA B 199 4.39 -1.17 -7.35
CA ALA B 199 3.01 -1.18 -7.91
C ALA B 199 1.95 -1.37 -6.80
N GLU B 200 0.93 -0.54 -6.88
CA GLU B 200 -0.15 -0.59 -5.90
C GLU B 200 -0.87 -1.95 -6.00
N ALA B 201 -1.16 -2.54 -4.85
CA ALA B 201 -1.88 -3.83 -4.75
C ALA B 201 -1.20 -5.02 -5.47
N GLY B 202 0.12 -4.95 -5.59
CA GLY B 202 0.85 -5.94 -6.38
C GLY B 202 0.31 -6.11 -7.78
N LEU B 203 -0.45 -5.11 -8.25
CA LEU B 203 -1.16 -5.21 -9.54
C LEU B 203 -0.23 -4.77 -10.68
N GLU B 204 0.00 -5.67 -11.62
CA GLU B 204 0.95 -5.36 -12.68
C GLU B 204 0.66 -4.02 -13.35
N TYR B 205 1.77 -3.29 -13.54
CA TYR B 205 1.85 -2.00 -14.23
C TYR B 205 1.14 -0.87 -13.49
N ASN B 206 0.70 -1.15 -12.26
CA ASN B 206 -0.22 -0.26 -11.56
C ASN B 206 0.54 0.95 -11.03
N THR B 207 -0.20 1.95 -10.56
CA THR B 207 0.37 3.14 -9.93
C THR B 207 1.42 2.84 -8.87
N VAL B 208 2.48 3.65 -8.83
CA VAL B 208 3.48 3.68 -7.73
C VAL B 208 3.41 5.07 -7.13
N ASN B 209 3.48 5.21 -5.82
CA ASN B 209 3.55 6.58 -5.30
C ASN B 209 4.28 6.70 -4.01
N MET B 210 5.21 7.64 -3.96
CA MET B 210 5.96 7.81 -2.75
C MET B 210 6.66 9.14 -2.77
N SER B 211 7.01 9.62 -1.58
CA SER B 211 7.72 10.88 -1.43
C SER B 211 9.07 10.74 -2.07
N THR B 212 9.59 11.87 -2.53
CA THR B 212 10.88 11.89 -3.22
C THR B 212 11.96 11.39 -2.28
N ARG B 213 11.88 11.76 -1.01
CA ARG B 213 12.88 11.35 -0.03
C ARG B 213 12.98 9.83 0.09
N GLU B 214 11.84 9.16 0.01
CA GLU B 214 11.76 7.71 0.13
C GLU B 214 12.24 7.06 -1.17
N LEU B 215 11.97 7.74 -2.28
CA LEU B 215 12.50 7.28 -3.58
C LEU B 215 14.05 7.19 -3.51
N TYR B 216 14.69 8.26 -3.08
CA TYR B 216 16.15 8.26 -2.81
C TYR B 216 16.60 7.34 -1.67
N GLN B 217 15.90 7.39 -0.52
CA GLN B 217 16.34 6.56 0.60
C GLN B 217 16.32 5.08 0.27
N ASN B 218 15.30 4.58 -0.42
CA ASN B 218 15.15 3.11 -0.56
C ASN B 218 15.04 2.51 -1.96
N TYR B 219 14.39 3.25 -2.86
CA TYR B 219 14.15 2.80 -4.22
C TYR B 219 15.27 3.06 -5.26
N LEU B 220 16.12 4.07 -5.06
CA LEU B 220 17.20 4.33 -6.04
C LEU B 220 18.60 3.70 -5.77
N PRO B 221 18.95 3.39 -4.51
CA PRO B 221 20.31 2.94 -4.22
C PRO B 221 20.91 1.85 -5.12
N ALA B 222 20.14 0.79 -5.37
CA ALA B 222 20.60 -0.30 -6.21
C ALA B 222 20.79 0.06 -7.68
N TYR B 223 19.89 0.82 -8.31
CA TYR B 223 20.11 1.20 -9.72
C TYR B 223 21.41 1.99 -9.72
N ASN B 224 21.61 2.82 -8.71
CA ASN B 224 22.81 3.66 -8.64
C ASN B 224 24.10 2.89 -8.46
N ALA B 225 24.10 1.90 -7.57
CA ALA B 225 25.27 1.05 -7.38
C ALA B 225 25.70 0.35 -8.68
N ALA B 226 24.72 -0.17 -9.45
CA ALA B 226 25.00 -0.88 -10.71
C ALA B 226 25.57 0.05 -11.76
N ILE B 227 24.95 1.21 -11.84
CA ILE B 227 25.40 2.29 -12.70
C ILE B 227 26.82 2.72 -12.35
N GLN B 228 27.03 3.10 -11.11
CA GLN B 228 28.38 3.48 -10.61
C GLN B 228 29.41 2.40 -10.86
N ALA B 229 28.97 1.15 -10.96
CA ALA B 229 29.85 0.02 -11.22
C ALA B 229 30.08 -0.24 -12.71
N GLY B 230 29.55 0.63 -13.57
CA GLY B 230 29.82 0.58 -14.98
C GLY B 230 28.79 -0.03 -15.92
N ALA B 231 27.56 -0.26 -15.44
CA ALA B 231 26.52 -0.82 -16.32
C ALA B 231 26.32 0.08 -17.52
N LYS B 232 26.25 -0.52 -18.71
CA LYS B 232 26.28 0.26 -19.95
C LYS B 232 24.96 0.86 -20.32
N LEU B 233 23.86 0.13 -20.11
CA LEU B 233 22.52 0.68 -20.36
C LEU B 233 21.64 0.81 -19.09
N VAL B 234 20.62 1.66 -19.22
CA VAL B 234 19.49 1.68 -18.30
C VAL B 234 18.23 1.55 -19.14
N MET B 235 17.23 0.85 -18.62
CA MET B 235 15.94 0.73 -19.27
C MET B 235 14.97 1.43 -18.36
N THR B 236 13.99 2.10 -18.96
CA THR B 236 12.96 2.80 -18.23
C THR B 236 11.90 1.83 -17.67
N ALA B 237 11.01 2.37 -16.79
CA ALA B 237 9.94 1.60 -16.15
C ALA B 237 8.56 1.92 -16.76
N PHE B 238 7.63 1.00 -16.60
CA PHE B 238 6.25 1.17 -17.09
C PHE B 238 5.35 2.11 -16.26
N ASN B 239 5.72 2.23 -15.00
CA ASN B 239 4.91 2.94 -14.03
C ASN B 239 5.07 4.49 -14.01
N VAL B 240 4.08 5.19 -13.52
CA VAL B 240 4.33 6.56 -13.15
C VAL B 240 5.39 6.65 -12.02
N VAL B 241 6.17 7.71 -12.03
CA VAL B 241 6.86 8.15 -10.85
C VAL B 241 6.37 9.55 -10.52
N ASP B 242 5.85 9.72 -9.31
CA ASP B 242 5.07 10.91 -8.90
C ASP B 242 4.18 11.46 -9.99
N GLY B 243 3.27 10.66 -10.51
CA GLY B 243 2.29 11.13 -11.49
C GLY B 243 2.76 11.08 -12.94
N ILE B 244 4.07 10.99 -13.17
CA ILE B 244 4.59 11.11 -14.56
C ILE B 244 5.20 9.79 -15.02
N PRO B 245 4.67 9.20 -16.11
CA PRO B 245 5.27 7.94 -16.60
C PRO B 245 6.79 8.02 -16.65
N ALA B 246 7.47 7.01 -16.15
CA ALA B 246 8.93 7.09 -16.08
C ALA B 246 9.56 7.34 -17.46
N THR B 247 9.00 6.72 -18.50
CA THR B 247 9.61 6.81 -19.83
C THR B 247 9.73 8.28 -20.28
N MET B 248 8.68 9.09 -20.06
CA MET B 248 8.78 10.51 -20.37
C MET B 248 9.04 11.38 -19.15
N ASN B 249 9.64 10.84 -18.08
CA ASN B 249 9.86 11.65 -16.87
C ASN B 249 11.21 12.37 -16.93
N LYS B 250 11.14 13.67 -17.21
CA LYS B 250 12.30 14.52 -17.48
C LYS B 250 13.18 14.71 -16.23
N TRP B 251 12.57 15.07 -15.11
CA TRP B 251 13.34 15.15 -13.87
C TRP B 251 14.04 13.79 -13.59
N LEU B 252 13.29 12.69 -13.60
CA LEU B 252 13.86 11.37 -13.25
C LEU B 252 15.07 11.02 -14.15
N ASN B 253 14.88 11.19 -15.47
CA ASN B 253 15.81 10.71 -16.47
C ASN B 253 16.91 11.73 -16.76
N ARG B 254 16.59 13.01 -16.91
CA ARG B 254 17.65 14.04 -17.17
C ARG B 254 18.35 14.49 -15.89
N ASP B 255 17.57 15.00 -14.94
CA ASP B 255 18.12 15.49 -13.67
C ASP B 255 18.71 14.39 -12.82
N VAL B 256 17.99 13.28 -12.63
CA VAL B 256 18.48 12.25 -11.70
C VAL B 256 19.45 11.27 -12.35
N LEU B 257 19.05 10.62 -13.44
CA LEU B 257 19.90 9.58 -14.02
C LEU B 257 21.18 10.12 -14.71
N ARG B 258 21.02 11.06 -15.62
CA ARG B 258 22.17 11.66 -16.31
C ARG B 258 22.86 12.72 -15.49
N GLY B 259 22.12 13.45 -14.66
CA GLY B 259 22.67 14.51 -13.81
C GLY B 259 23.39 13.95 -12.60
N GLU B 260 22.61 13.56 -11.60
CA GLU B 260 23.14 13.09 -10.32
C GLU B 260 23.95 11.81 -10.40
N MET B 261 23.42 10.84 -11.14
CA MET B 261 24.06 9.52 -11.27
C MET B 261 25.15 9.53 -12.36
N GLU B 262 25.22 10.60 -13.14
CA GLU B 262 26.29 10.76 -14.13
C GLU B 262 26.30 9.65 -15.14
N PHE B 263 25.12 9.24 -15.61
CA PHE B 263 24.98 8.16 -16.60
C PHE B 263 24.92 8.68 -18.04
N ASP B 264 25.94 8.33 -18.82
CA ASP B 264 26.08 8.85 -20.17
C ASP B 264 26.05 7.70 -21.19
N GLY B 265 25.22 6.71 -20.88
CA GLY B 265 25.01 5.53 -21.74
C GLY B 265 23.64 5.55 -22.35
N VAL B 266 23.26 4.44 -22.99
CA VAL B 266 21.99 4.37 -23.70
C VAL B 266 20.88 4.18 -22.70
N LEU B 267 19.79 4.91 -22.89
CA LEU B 267 18.61 4.73 -22.11
C LEU B 267 17.56 4.17 -23.02
N ILE B 268 17.20 2.90 -22.79
CA ILE B 268 16.25 2.18 -23.63
C ILE B 268 14.86 2.20 -22.99
N SER B 269 13.80 2.42 -23.77
CA SER B 269 12.44 2.28 -23.21
C SER B 269 12.13 0.81 -22.95
N ASP B 270 11.20 0.56 -22.05
CA ASP B 270 10.70 -0.78 -21.83
C ASP B 270 9.70 -1.00 -22.97
N TRP B 271 9.19 -2.21 -23.10
CA TRP B 271 8.48 -2.58 -24.31
C TRP B 271 7.25 -1.72 -24.45
N GLY B 272 7.22 -0.89 -25.47
CA GLY B 272 6.04 -0.09 -25.75
C GLY B 272 5.90 1.11 -24.85
N ALA B 273 6.86 1.33 -23.95
CA ALA B 273 6.62 2.30 -22.89
C ALA B 273 6.56 3.75 -23.42
N VAL B 274 7.23 4.01 -24.53
CA VAL B 274 7.09 5.30 -25.21
C VAL B 274 5.65 5.55 -25.66
N ALA B 275 5.07 4.63 -26.41
CA ALA B 275 3.68 4.84 -26.88
C ALA B 275 2.65 4.78 -25.74
N GLU B 276 2.95 4.02 -24.72
CA GLU B 276 2.02 3.79 -23.63
C GLU B 276 1.85 5.02 -22.73
N VAL B 277 2.75 6.00 -22.82
CA VAL B 277 2.51 7.25 -22.10
C VAL B 277 1.19 7.83 -22.64
N ILE B 278 0.84 7.50 -23.87
CA ILE B 278 -0.48 7.87 -24.36
C ILE B 278 -1.55 7.26 -23.45
N ASN B 279 -1.45 5.99 -23.11
CA ASN B 279 -2.47 5.37 -22.24
C ASN B 279 -2.58 5.90 -20.79
N HIS B 280 -1.44 6.25 -20.22
CA HIS B 280 -1.33 6.91 -18.93
C HIS B 280 -1.97 8.26 -18.92
N GLY B 281 -2.26 8.76 -20.11
CA GLY B 281 -2.92 10.06 -20.26
C GLY B 281 -2.03 11.25 -19.96
N THR B 282 -0.72 11.13 -20.22
CA THR B 282 0.19 12.27 -20.19
C THR B 282 0.75 12.60 -21.57
N ALA B 283 0.17 12.01 -22.63
CA ALA B 283 0.43 12.42 -24.03
C ALA B 283 -0.76 12.13 -24.90
N ARG B 284 -1.10 13.08 -25.74
CA ARG B 284 -2.35 13.03 -26.48
C ARG B 284 -2.25 12.05 -27.64
N ASN B 285 -1.06 11.90 -28.21
CA ASN B 285 -0.86 11.14 -29.45
C ASN B 285 0.58 10.75 -29.67
N PRO B 286 0.87 9.94 -30.71
CA PRO B 286 2.26 9.50 -30.89
C PRO B 286 3.26 10.63 -31.11
N LYS B 287 2.80 11.75 -31.65
CA LYS B 287 3.67 12.92 -31.82
C LYS B 287 4.15 13.44 -30.46
N GLU B 288 3.19 13.71 -29.57
CA GLU B 288 3.51 14.22 -28.24
C GLU B 288 4.31 13.20 -27.45
N ALA B 289 4.00 11.92 -27.62
CA ALA B 289 4.69 10.85 -26.90
C ALA B 289 6.19 10.91 -27.18
N ALA B 290 6.48 10.98 -28.47
CA ALA B 290 7.85 11.03 -28.94
C ALA B 290 8.56 12.32 -28.51
N GLN B 291 7.92 13.46 -28.71
CA GLN B 291 8.53 14.71 -28.23
C GLN B 291 8.97 14.62 -26.75
N PHE B 292 8.07 14.18 -25.87
CA PHE B 292 8.38 14.19 -24.42
C PHE B 292 9.41 13.13 -24.00
N SER B 293 9.44 12.02 -24.74
CA SER B 293 10.36 10.92 -24.45
C SER B 293 11.79 11.28 -24.92
N MET B 294 11.89 11.97 -26.05
CA MET B 294 13.17 12.48 -26.51
C MET B 294 13.63 13.58 -25.57
N GLU B 295 12.75 14.51 -25.21
CA GLU B 295 13.13 15.51 -24.24
C GLU B 295 13.71 14.84 -22.99
N ALA B 296 13.09 13.75 -22.55
CA ALA B 296 13.55 13.01 -21.38
C ALA B 296 14.89 12.27 -21.55
N GLY B 297 15.32 12.05 -22.78
CA GLY B 297 16.59 11.39 -23.07
C GLY B 297 16.51 9.90 -23.31
N VAL B 298 15.35 9.43 -23.75
CA VAL B 298 15.21 8.05 -24.12
C VAL B 298 15.79 7.95 -25.53
N ASP B 299 16.83 7.13 -25.66
CA ASP B 299 17.63 7.03 -26.87
C ASP B 299 17.16 5.93 -27.78
N LEU B 300 16.52 4.91 -27.21
CA LEU B 300 16.14 3.71 -27.94
C LEU B 300 14.69 3.28 -27.69
N GLU B 301 13.81 3.49 -28.66
CA GLU B 301 12.43 3.08 -28.51
C GLU B 301 12.21 1.56 -28.82
N MET B 302 11.74 0.81 -27.81
CA MET B 302 11.59 -0.66 -27.91
C MET B 302 10.25 -1.10 -28.54
N MET B 303 10.32 -1.43 -29.81
CA MET B 303 9.23 -2.06 -30.53
C MET B 303 7.95 -1.23 -30.63
N THR B 304 8.10 0.09 -30.68
CA THR B 304 6.99 0.96 -31.14
C THR B 304 7.55 2.06 -32.03
N THR B 305 6.65 2.82 -32.65
CA THR B 305 6.95 3.64 -33.80
C THR B 305 6.74 5.13 -33.60
N CYS B 306 6.76 5.61 -32.36
CA CYS B 306 6.51 7.04 -32.14
C CYS B 306 7.65 7.85 -32.75
N TYR B 307 8.88 7.53 -32.40
CA TYR B 307 10.04 8.25 -32.97
C TYR B 307 10.08 8.14 -34.50
N ILE B 308 10.05 6.90 -34.97
CA ILE B 308 10.13 6.57 -36.42
C ILE B 308 9.17 7.39 -37.29
N HIS B 309 7.92 7.47 -36.89
CA HIS B 309 6.92 8.24 -37.63
C HIS B 309 6.81 9.71 -37.26
N GLU B 310 7.41 10.16 -36.16
CA GLU B 310 7.11 11.53 -35.65
C GLU B 310 8.29 12.50 -35.39
N LEU B 311 9.52 12.00 -35.31
CA LEU B 311 10.65 12.88 -34.96
C LEU B 311 11.02 13.87 -36.02
N LYS B 312 10.87 13.48 -37.27
CA LYS B 312 11.20 14.32 -38.40
C LYS B 312 10.34 15.58 -38.31
N GLY B 313 9.02 15.40 -38.35
CA GLY B 313 8.07 16.49 -38.21
C GLY B 313 8.31 17.41 -37.02
N LEU B 314 8.65 16.85 -35.86
CA LEU B 314 8.90 17.65 -34.65
C LEU B 314 10.12 18.51 -34.83
N ILE B 315 11.12 17.95 -35.50
CA ILE B 315 12.37 18.68 -35.70
C ILE B 315 12.22 19.80 -36.74
N GLU B 316 11.43 19.57 -37.78
CA GLU B 316 11.20 20.56 -38.85
C GLU B 316 10.33 21.74 -38.44
N GLU B 317 9.40 21.48 -37.54
CA GLU B 317 8.55 22.53 -37.01
C GLU B 317 9.23 23.24 -35.82
N GLY B 318 10.45 22.83 -35.48
CA GLY B 318 11.21 23.41 -34.34
C GLY B 318 10.64 23.13 -32.96
N LYS B 319 9.78 22.11 -32.84
CA LYS B 319 9.22 21.72 -31.55
C LYS B 319 10.25 20.96 -30.72
N LEU B 320 11.30 20.47 -31.38
CA LEU B 320 12.25 19.58 -30.75
C LEU B 320 13.61 19.80 -31.42
N SER B 321 14.62 20.10 -30.61
CA SER B 321 15.96 20.36 -31.12
C SER B 321 16.59 19.12 -31.71
N GLU B 322 17.14 19.24 -32.90
CA GLU B 322 17.87 18.15 -33.53
C GLU B 322 19.12 17.72 -32.72
N ASN B 323 19.63 18.59 -31.84
CA ASN B 323 20.80 18.20 -31.00
C ASN B 323 20.52 17.05 -30.07
N LEU B 324 19.27 16.98 -29.60
CA LEU B 324 18.83 15.92 -28.70
C LEU B 324 18.93 14.59 -29.44
N LEU B 325 18.45 14.59 -30.68
CA LEU B 325 18.54 13.39 -31.53
C LEU B 325 19.99 13.00 -31.76
N ASP B 326 20.80 14.03 -32.02
CA ASP B 326 22.20 13.85 -32.30
C ASP B 326 22.90 13.21 -31.14
N GLU B 327 22.61 13.72 -29.95
CA GLU B 327 23.21 13.19 -28.74
C GLU B 327 22.75 11.74 -28.48
N ALA B 328 21.50 11.45 -28.83
CA ALA B 328 20.93 10.11 -28.65
C ALA B 328 21.61 9.11 -29.58
N VAL B 329 21.78 9.50 -30.82
CA VAL B 329 22.50 8.68 -31.81
C VAL B 329 23.98 8.46 -31.41
N LEU B 330 24.60 9.51 -30.89
CA LEU B 330 25.98 9.40 -30.41
C LEU B 330 26.13 8.34 -29.32
N ARG B 331 25.13 8.21 -28.46
CA ARG B 331 25.17 7.19 -27.40
C ARG B 331 25.02 5.77 -27.95
N MET B 332 24.11 5.60 -28.91
CA MET B 332 23.97 4.34 -29.63
C MET B 332 25.30 3.87 -30.29
N LEU B 333 25.98 4.78 -30.97
CA LEU B 333 27.24 4.44 -31.65
C LEU B 333 28.38 4.18 -30.65
N ASN B 334 28.45 4.99 -29.59
CA ASN B 334 29.40 4.69 -28.52
C ASN B 334 29.18 3.28 -27.97
N LEU B 335 27.92 2.87 -27.82
CA LEU B 335 27.63 1.51 -27.31
C LEU B 335 28.24 0.46 -28.26
N LYS B 336 27.92 0.60 -29.53
CA LYS B 336 28.37 -0.31 -30.59
C LYS B 336 29.90 -0.41 -30.65
N ASN B 337 30.54 0.75 -30.66
CA ASN B 337 31.99 0.84 -30.54
C ASN B 337 32.54 0.13 -29.30
N ASP B 338 32.00 0.44 -28.13
CA ASP B 338 32.44 -0.19 -26.87
C ASP B 338 32.40 -1.72 -26.98
N LEU B 339 31.39 -2.24 -27.70
CA LEU B 339 31.26 -3.68 -28.02
C LEU B 339 32.14 -4.17 -29.22
N GLY B 340 32.86 -3.24 -29.86
CA GLY B 340 33.84 -3.56 -30.90
C GLY B 340 33.17 -4.01 -32.17
N LEU B 341 31.98 -3.48 -32.42
CA LEU B 341 31.15 -3.91 -33.53
C LEU B 341 31.58 -3.22 -34.80
N PHE B 342 32.32 -2.14 -34.66
CA PHE B 342 32.90 -1.47 -35.82
C PHE B 342 34.11 -2.24 -36.38
N GLU B 343 34.86 -2.92 -35.52
CA GLU B 343 35.87 -3.88 -35.98
C GLU B 343 35.28 -5.27 -36.35
N ASP B 344 34.30 -5.75 -35.59
CA ASP B 344 33.74 -7.10 -35.76
C ASP B 344 32.25 -7.10 -35.44
N PRO B 345 31.40 -6.89 -36.46
CA PRO B 345 29.95 -6.93 -36.30
C PRO B 345 29.38 -8.25 -35.79
N TYR B 346 30.12 -9.33 -35.95
CA TYR B 346 29.71 -10.66 -35.51
C TYR B 346 30.32 -11.02 -34.16
N ARG B 347 30.89 -10.01 -33.50
CA ARG B 347 31.44 -10.12 -32.16
C ARG B 347 31.95 -11.53 -31.86
N GLY B 348 32.90 -11.97 -32.66
CA GLY B 348 33.65 -13.20 -32.41
C GLY B 348 33.11 -14.43 -33.12
N LEU B 349 32.06 -14.28 -33.91
CA LEU B 349 31.38 -15.44 -34.45
C LEU B 349 31.80 -15.72 -35.88
N ASP B 353 32.53 -20.13 -34.50
CA ASP B 353 31.44 -20.92 -33.89
C ASP B 353 31.76 -21.22 -32.43
N ARG B 354 30.75 -21.09 -31.57
CA ARG B 354 30.95 -21.22 -30.12
C ARG B 354 30.03 -22.20 -29.36
N THR B 355 29.23 -22.97 -30.08
CA THR B 355 28.43 -24.05 -29.52
C THR B 355 29.05 -24.84 -28.39
N LYS B 356 30.34 -25.11 -28.50
CA LYS B 356 31.09 -25.89 -27.52
C LYS B 356 31.01 -25.28 -26.11
N ASP B 357 30.88 -23.95 -26.05
CA ASP B 357 30.73 -23.20 -24.80
C ASP B 357 29.33 -23.25 -24.15
N ILE B 358 28.30 -23.53 -24.93
CA ILE B 358 26.92 -23.58 -24.42
C ILE B 358 26.55 -24.91 -23.74
N LEU B 359 26.07 -24.83 -22.51
CA LEU B 359 25.50 -25.97 -21.79
C LEU B 359 26.54 -26.99 -21.44
N THR B 360 27.74 -26.55 -21.12
CA THR B 360 28.82 -27.46 -20.73
C THR B 360 28.50 -28.11 -19.39
N ASP B 361 29.20 -29.20 -19.09
CA ASP B 361 29.11 -29.89 -17.80
C ASP B 361 29.71 -29.08 -16.66
N GLU B 362 30.66 -28.20 -16.93
CA GLU B 362 31.20 -27.29 -15.89
C GLU B 362 30.16 -26.21 -15.48
N SER B 363 29.49 -25.65 -16.50
CA SER B 363 28.39 -24.71 -16.30
C SER B 363 27.23 -25.31 -15.51
N ARG B 364 26.86 -26.55 -15.83
CA ARG B 364 25.77 -27.20 -15.10
C ARG B 364 26.14 -27.37 -13.62
N GLY B 365 27.38 -27.73 -13.36
CA GLY B 365 27.82 -27.93 -11.99
C GLY B 365 27.74 -26.64 -11.22
N LYS B 366 27.99 -25.54 -11.91
CA LYS B 366 27.89 -24.20 -11.30
C LYS B 366 26.44 -23.86 -10.90
N ALA B 367 25.51 -24.04 -11.85
CA ALA B 367 24.08 -23.82 -11.60
C ALA B 367 23.60 -24.65 -10.42
N ARG B 368 24.11 -25.87 -10.34
CA ARG B 368 23.86 -26.71 -9.20
C ARG B 368 24.39 -26.06 -7.94
N ALA B 369 25.59 -25.55 -8.00
CA ALA B 369 26.15 -24.90 -6.83
C ALA B 369 25.32 -23.66 -6.43
N ALA B 370 24.87 -22.91 -7.44
CA ALA B 370 23.96 -21.78 -7.20
C ALA B 370 22.71 -22.22 -6.45
N GLY B 371 22.06 -23.25 -6.99
CA GLY B 371 20.88 -23.84 -6.34
C GLY B 371 21.06 -24.20 -4.87
N VAL B 372 22.18 -24.87 -4.53
CA VAL B 372 22.43 -25.30 -3.14
C VAL B 372 22.77 -24.13 -2.22
N GLU B 373 23.46 -23.12 -2.76
CA GLU B 373 23.71 -21.81 -2.08
C GLU B 373 22.44 -21.00 -1.74
N SER B 374 21.45 -21.07 -2.64
CA SER B 374 20.23 -20.25 -2.64
C SER B 374 19.00 -20.84 -1.94
N ALA B 375 18.90 -22.16 -1.87
CA ALA B 375 17.75 -22.76 -1.19
C ALA B 375 17.74 -22.37 0.27
N VAL B 376 16.56 -22.26 0.84
CA VAL B 376 16.41 -21.85 2.24
C VAL B 376 15.64 -22.90 3.03
N LEU B 377 16.30 -23.38 4.09
CA LEU B 377 15.70 -24.33 5.02
C LEU B 377 14.87 -23.59 6.05
N LEU B 378 13.56 -23.75 5.95
CA LEU B 378 12.66 -23.02 6.83
C LEU B 378 12.29 -23.77 8.09
N GLU B 379 12.12 -25.07 7.98
CA GLU B 379 11.88 -25.90 9.15
C GLU B 379 12.69 -27.19 9.07
N ASN B 380 12.98 -27.75 10.24
CA ASN B 380 13.61 -29.06 10.31
C ASN B 380 13.46 -29.63 11.70
N LYS B 381 12.28 -30.15 12.01
CA LYS B 381 11.95 -30.59 13.37
C LYS B 381 12.56 -31.96 13.70
N SER B 382 13.13 -32.04 14.91
CA SER B 382 13.86 -33.22 15.43
C SER B 382 14.78 -33.89 14.40
N ARG B 383 15.66 -33.09 13.79
CA ARG B 383 16.70 -33.60 12.86
C ARG B 383 16.19 -34.60 11.80
N LEU B 384 15.00 -34.39 11.27
CA LEU B 384 14.57 -35.22 10.18
C LEU B 384 15.54 -35.13 9.01
N LEU B 385 15.99 -33.93 8.65
CA LEU B 385 16.98 -33.75 7.55
C LEU B 385 18.38 -33.59 8.15
N PRO B 386 19.42 -34.06 7.43
CA PRO B 386 19.39 -34.78 6.15
C PRO B 386 18.91 -36.22 6.28
N LEU B 387 18.43 -36.77 5.17
CA LEU B 387 18.00 -38.16 5.12
C LEU B 387 19.15 -39.09 4.83
N ALA B 388 19.07 -40.29 5.39
CA ALA B 388 20.01 -41.35 5.10
C ALA B 388 19.81 -41.82 3.67
N LYS B 389 20.91 -42.17 3.02
CA LYS B 389 20.88 -42.53 1.60
C LYS B 389 20.07 -43.83 1.33
N GLU B 390 19.82 -44.61 2.37
CA GLU B 390 19.04 -45.82 2.22
C GLU B 390 17.61 -45.62 2.73
N ALA B 391 17.23 -44.36 3.02
CA ALA B 391 15.87 -44.09 3.48
C ALA B 391 14.87 -44.36 2.37
N LYS B 392 13.81 -45.07 2.73
CA LYS B 392 12.71 -45.36 1.84
C LYS B 392 11.80 -44.11 1.68
N ILE B 393 11.68 -43.59 0.45
CA ILE B 393 11.00 -42.32 0.17
C ILE B 393 9.72 -42.40 -0.68
N ALA B 394 8.58 -42.02 -0.11
CA ALA B 394 7.42 -41.66 -0.93
C ALA B 394 7.58 -40.21 -1.39
N LEU B 395 7.80 -40.06 -2.70
CA LEU B 395 7.85 -38.77 -3.32
C LEU B 395 6.47 -38.45 -3.90
N VAL B 396 5.72 -37.52 -3.28
CA VAL B 396 4.39 -37.19 -3.81
C VAL B 396 4.25 -35.69 -4.05
N GLY B 397 3.42 -35.37 -5.05
CA GLY B 397 2.96 -34.01 -5.31
C GLY B 397 3.08 -33.58 -6.78
N PRO B 398 2.59 -32.39 -7.10
CA PRO B 398 2.71 -31.83 -8.43
C PRO B 398 4.12 -31.53 -8.88
N LEU B 399 5.04 -31.34 -7.94
CA LEU B 399 6.45 -31.09 -8.27
C LEU B 399 7.37 -32.34 -8.17
N ALA B 400 6.75 -33.52 -8.06
CA ALA B 400 7.49 -34.77 -8.02
C ALA B 400 8.14 -35.10 -9.36
N THR B 401 7.39 -34.93 -10.43
CA THR B 401 7.86 -35.24 -11.78
C THR B 401 7.77 -34.01 -12.72
N SER B 402 7.13 -32.92 -12.31
CA SER B 402 6.96 -31.79 -13.24
C SER B 402 8.27 -31.32 -13.83
N PRO B 403 8.27 -31.05 -15.13
CA PRO B 403 9.45 -30.45 -15.78
C PRO B 403 9.59 -28.93 -15.55
N ASP B 404 8.68 -28.33 -14.77
CA ASP B 404 8.63 -26.85 -14.65
C ASP B 404 9.37 -26.41 -13.39
N ILE B 405 10.70 -26.52 -13.46
CA ILE B 405 11.59 -26.17 -12.39
C ILE B 405 12.65 -25.14 -12.85
N LEU B 406 12.51 -24.64 -14.07
CA LEU B 406 13.45 -23.64 -14.60
C LEU B 406 13.17 -22.18 -14.15
N GLY B 407 11.98 -21.93 -13.60
CA GLY B 407 11.55 -20.59 -13.19
C GLY B 407 11.04 -19.71 -14.32
N GLY B 408 10.49 -18.54 -13.98
CA GLY B 408 10.01 -17.58 -14.99
C GLY B 408 11.16 -16.80 -15.63
N TRP B 409 10.89 -16.01 -16.68
CA TRP B 409 11.96 -15.27 -17.37
C TRP B 409 13.11 -16.20 -17.79
N ASN B 410 12.70 -17.35 -18.28
CA ASN B 410 13.58 -18.27 -18.92
C ASN B 410 13.22 -18.28 -20.39
N VAL B 411 13.87 -17.40 -21.15
CA VAL B 411 13.49 -17.25 -22.55
C VAL B 411 14.19 -18.31 -23.41
N TYR B 412 15.37 -18.77 -23.00
CA TYR B 412 16.19 -19.64 -23.86
C TYR B 412 16.39 -21.05 -23.32
N GLY B 413 16.32 -21.24 -22.02
CA GLY B 413 16.58 -22.55 -21.42
C GLY B 413 15.47 -23.51 -21.81
N GLU B 414 15.82 -24.78 -22.00
CA GLU B 414 14.85 -25.80 -22.44
C GLU B 414 14.56 -26.82 -21.35
N GLU B 415 13.28 -27.09 -21.11
CA GLU B 415 12.86 -28.01 -20.05
C GLU B 415 13.42 -29.43 -20.25
N LYS B 416 13.61 -29.85 -21.51
CA LYS B 416 14.22 -31.16 -21.79
C LYS B 416 15.66 -31.31 -21.29
N ASP B 417 16.37 -30.21 -21.03
CA ASP B 417 17.70 -30.29 -20.42
C ASP B 417 17.64 -30.30 -18.91
N GLY B 418 16.44 -30.15 -18.36
CA GLY B 418 16.25 -30.03 -16.92
C GLY B 418 16.22 -31.37 -16.23
N ILE B 419 16.54 -31.36 -14.95
CA ILE B 419 16.55 -32.54 -14.11
C ILE B 419 15.37 -32.38 -13.15
N ASN B 420 14.33 -33.19 -13.35
CA ASN B 420 13.17 -33.12 -12.47
C ASN B 420 13.44 -33.72 -11.07
N VAL B 421 12.49 -33.65 -10.14
CA VAL B 421 12.83 -34.08 -8.74
C VAL B 421 13.02 -35.59 -8.59
N GLU B 422 12.20 -36.37 -9.32
CA GLU B 422 12.30 -37.84 -9.37
C GLU B 422 13.66 -38.30 -9.86
N THR B 423 14.02 -37.90 -11.07
CA THR B 423 15.34 -38.24 -11.56
C THR B 423 16.34 -37.88 -10.46
N GLY B 424 16.31 -36.62 -10.04
CA GLY B 424 17.22 -36.14 -9.02
C GLY B 424 17.31 -37.09 -7.85
N LEU B 425 16.17 -37.44 -7.27
CA LEU B 425 16.17 -38.22 -6.02
C LEU B 425 16.63 -39.67 -6.20
N ARG B 426 16.23 -40.23 -7.34
CA ARG B 426 16.59 -41.60 -7.70
C ARG B 426 18.06 -41.84 -7.92
N GLU B 427 18.84 -40.79 -8.22
CA GLU B 427 20.28 -40.89 -8.41
C GLU B 427 20.99 -41.10 -7.11
N VAL B 428 20.29 -40.87 -6.00
CA VAL B 428 20.93 -40.74 -4.70
C VAL B 428 20.39 -41.77 -3.74
N PHE B 429 19.06 -41.88 -3.65
CA PHE B 429 18.40 -42.85 -2.75
C PHE B 429 17.92 -44.05 -3.55
N GLU B 430 18.12 -45.26 -3.03
CA GLU B 430 17.81 -46.48 -3.81
C GLU B 430 16.31 -46.77 -3.87
N THR B 431 15.61 -46.58 -2.76
CA THR B 431 14.17 -46.83 -2.72
C THR B 431 13.41 -45.50 -2.85
N VAL B 432 12.67 -45.33 -3.95
CA VAL B 432 11.75 -44.17 -4.13
C VAL B 432 10.43 -44.53 -4.82
N GLU B 433 9.31 -44.41 -4.10
CA GLU B 433 8.02 -44.56 -4.76
C GLU B 433 7.34 -43.21 -4.97
N VAL B 434 6.80 -43.02 -6.17
CA VAL B 434 6.33 -41.72 -6.65
C VAL B 434 4.85 -41.71 -6.97
N VAL B 435 4.09 -40.85 -6.30
CA VAL B 435 2.75 -40.54 -6.74
C VAL B 435 2.68 -39.08 -7.08
N SER B 436 2.57 -38.85 -8.37
CA SER B 436 2.42 -37.53 -8.95
C SER B 436 0.95 -37.10 -8.88
N THR B 437 0.73 -35.82 -8.62
CA THR B 437 -0.61 -35.24 -8.55
C THR B 437 -0.70 -33.92 -9.29
N GLU B 438 -1.92 -33.47 -9.54
CA GLU B 438 -2.20 -32.22 -10.22
C GLU B 438 -1.83 -31.01 -9.40
N TYR B 439 -1.50 -29.92 -10.11
CA TYR B 439 -1.17 -28.66 -9.44
C TYR B 439 -2.37 -28.07 -8.69
N THR B 440 -3.56 -28.25 -9.24
CA THR B 440 -4.75 -27.59 -8.69
C THR B 440 -5.89 -28.51 -8.32
N GLU B 441 -5.66 -29.81 -8.29
CA GLU B 441 -6.67 -30.80 -7.87
C GLU B 441 -6.14 -31.84 -6.86
N LEU B 442 -7.08 -32.44 -6.13
CA LEU B 442 -6.82 -33.58 -5.23
C LEU B 442 -8.01 -34.53 -5.20
N SER B 443 -7.94 -35.53 -6.08
CA SER B 443 -8.98 -36.54 -6.23
C SER B 443 -8.95 -37.60 -5.14
N GLU B 444 -10.05 -38.34 -4.99
CA GLU B 444 -10.04 -39.55 -4.13
C GLU B 444 -9.05 -40.62 -4.65
N GLU B 445 -9.00 -40.82 -5.96
CA GLU B 445 -8.02 -41.76 -6.52
C GLU B 445 -6.56 -41.42 -6.07
N ASP B 446 -6.21 -40.13 -6.06
CA ASP B 446 -4.85 -39.69 -5.68
C ASP B 446 -4.56 -40.03 -4.25
N LYS B 447 -5.56 -39.84 -3.40
CA LYS B 447 -5.39 -40.08 -2.00
C LYS B 447 -5.12 -41.56 -1.69
N VAL B 448 -5.70 -42.46 -2.46
CA VAL B 448 -5.54 -43.89 -2.21
C VAL B 448 -4.11 -44.26 -2.61
N ALA B 449 -3.70 -43.76 -3.77
CA ALA B 449 -2.37 -43.97 -4.32
C ALA B 449 -1.29 -43.47 -3.36
N VAL B 450 -1.56 -42.33 -2.71
CA VAL B 450 -0.62 -41.72 -1.82
C VAL B 450 -0.57 -42.48 -0.51
N LYS B 451 -1.73 -42.82 0.02
CA LYS B 451 -1.85 -43.76 1.17
C LYS B 451 -0.95 -44.99 0.97
N ALA B 452 -1.09 -45.61 -0.20
CA ALA B 452 -0.37 -46.85 -0.55
C ALA B 452 1.15 -46.65 -0.72
N ALA B 453 1.57 -45.50 -1.25
CA ALA B 453 2.99 -45.26 -1.52
C ALA B 453 3.69 -44.95 -0.21
N VAL B 454 3.00 -44.18 0.63
CA VAL B 454 3.49 -43.80 1.94
C VAL B 454 3.59 -44.97 2.91
N GLN B 455 2.66 -45.91 2.88
CA GLN B 455 2.65 -46.97 3.89
C GLN B 455 3.87 -47.89 3.77
N ASN B 456 4.28 -48.14 2.52
CA ASN B 456 5.49 -48.92 2.23
C ASN B 456 6.79 -48.26 2.72
N MET B 457 6.86 -46.95 2.46
CA MET B 457 8.08 -46.15 2.58
C MET B 457 8.28 -45.67 3.98
N ASP B 458 9.42 -45.04 4.24
CA ASP B 458 9.75 -44.54 5.59
C ASP B 458 9.48 -43.06 5.79
N VAL B 459 9.62 -42.28 4.71
CA VAL B 459 9.50 -40.81 4.77
C VAL B 459 8.86 -40.27 3.51
N VAL B 460 8.10 -39.20 3.69
CA VAL B 460 7.44 -38.50 2.59
C VAL B 460 8.21 -37.24 2.16
N VAL B 461 8.55 -37.17 0.88
CA VAL B 461 9.03 -35.94 0.25
C VAL B 461 7.85 -35.40 -0.55
N LEU B 462 7.19 -34.41 0.05
CA LEU B 462 6.00 -33.76 -0.50
C LEU B 462 6.45 -32.51 -1.24
N ALA B 463 6.36 -32.62 -2.57
CA ALA B 463 6.83 -31.61 -3.46
C ALA B 463 5.63 -30.79 -4.02
N LEU B 464 5.56 -29.55 -3.54
CA LEU B 464 4.50 -28.61 -3.86
C LEU B 464 5.09 -27.41 -4.58
N GLY B 465 4.23 -26.66 -5.27
CA GLY B 465 4.67 -25.45 -5.96
C GLY B 465 3.76 -24.77 -6.99
N GLU B 466 4.26 -23.65 -7.45
CA GLU B 466 3.56 -22.85 -8.41
C GLU B 466 4.02 -23.27 -9.78
N LYS B 467 3.18 -23.06 -10.78
CA LYS B 467 3.68 -23.01 -12.15
C LYS B 467 4.33 -21.63 -12.31
N ASN B 468 5.41 -21.53 -13.09
CA ASN B 468 6.09 -20.25 -13.20
C ASN B 468 5.18 -19.23 -13.84
N GLU B 469 4.22 -19.69 -14.65
CA GLU B 469 3.32 -18.77 -15.34
C GLU B 469 2.38 -18.06 -14.34
N TRP B 470 2.37 -18.49 -13.09
CA TRP B 470 1.64 -17.78 -12.04
C TRP B 470 2.47 -16.65 -11.40
N GLY B 471 3.65 -16.42 -11.98
CA GLY B 471 4.48 -15.30 -11.59
C GLY B 471 5.16 -14.71 -12.80
N GLY B 472 6.23 -13.95 -12.60
CA GLY B 472 6.84 -13.18 -13.68
C GLY B 472 5.98 -11.98 -14.06
N GLU B 473 6.11 -11.50 -15.30
CA GLU B 473 5.44 -10.28 -15.73
C GLU B 473 3.96 -10.57 -15.99
N ALA B 474 3.10 -9.72 -15.42
CA ALA B 474 1.64 -9.80 -15.54
C ALA B 474 1.05 -11.07 -14.93
N GLY B 475 1.76 -11.56 -13.90
CA GLY B 475 1.37 -12.68 -13.07
C GLY B 475 1.13 -12.22 -11.62
N SER B 476 0.17 -11.34 -11.45
CA SER B 476 -0.21 -10.82 -10.14
C SER B 476 -1.26 -11.72 -9.48
N LEU B 477 -0.96 -12.16 -8.27
CA LEU B 477 -1.95 -12.91 -7.50
C LEU B 477 -2.41 -12.04 -6.39
N ALA B 478 -3.72 -11.76 -6.31
CA ALA B 478 -4.28 -11.03 -5.17
C ALA B 478 -4.02 -11.76 -3.87
N THR B 479 -4.10 -13.09 -3.91
CA THR B 479 -3.89 -13.93 -2.75
C THR B 479 -2.67 -14.79 -2.99
N ILE B 480 -1.70 -14.65 -2.09
CA ILE B 480 -0.42 -15.29 -2.27
C ILE B 480 -0.41 -16.68 -1.62
N ARG B 481 -1.21 -17.56 -2.19
CA ARG B 481 -1.33 -18.92 -1.68
C ARG B 481 -1.18 -19.88 -2.83
N LEU B 482 -0.71 -21.08 -2.57
CA LEU B 482 -0.77 -22.15 -3.59
C LEU B 482 -2.23 -22.52 -3.87
N PRO B 483 -2.48 -23.25 -4.95
CA PRO B 483 -3.83 -23.73 -5.07
C PRO B 483 -4.17 -24.50 -3.80
N GLU B 484 -5.34 -24.23 -3.29
CA GLU B 484 -5.84 -24.84 -2.09
C GLU B 484 -5.72 -26.39 -2.05
N ALA B 485 -5.87 -27.04 -3.19
CA ALA B 485 -5.63 -28.51 -3.26
C ALA B 485 -4.26 -28.92 -2.68
N GLN B 486 -3.23 -28.11 -2.88
CA GLN B 486 -1.91 -28.45 -2.31
C GLN B 486 -1.91 -28.30 -0.77
N TYR B 487 -2.52 -27.26 -0.22
CA TYR B 487 -2.67 -27.21 1.25
C TYR B 487 -3.44 -28.42 1.79
N GLN B 488 -4.40 -28.90 1.01
CA GLN B 488 -5.16 -30.10 1.38
C GLN B 488 -4.35 -31.35 1.22
N LEU B 489 -3.53 -31.44 0.20
CA LEU B 489 -2.63 -32.58 0.06
C LEU B 489 -1.66 -32.66 1.24
N ALA B 490 -1.16 -31.53 1.71
CA ALA B 490 -0.28 -31.52 2.91
C ALA B 490 -1.00 -31.95 4.20
N LYS B 491 -2.23 -31.47 4.40
CA LYS B 491 -3.07 -31.87 5.52
C LYS B 491 -3.34 -33.38 5.48
N PHE B 492 -3.75 -33.88 4.33
CA PHE B 492 -3.89 -35.33 4.11
C PHE B 492 -2.66 -36.17 4.46
N VAL B 493 -1.55 -35.92 3.74
CA VAL B 493 -0.29 -36.64 3.90
C VAL B 493 0.17 -36.66 5.32
N GLN B 494 -0.11 -35.60 6.06
CA GLN B 494 0.36 -35.54 7.43
C GLN B 494 -0.33 -36.59 8.29
N THR B 495 -1.59 -36.91 7.97
CA THR B 495 -2.35 -37.90 8.74
C THR B 495 -1.80 -39.31 8.58
N LEU B 496 -0.94 -39.56 7.59
CA LEU B 496 -0.43 -40.92 7.31
C LEU B 496 0.63 -41.50 8.28
N GLY B 497 0.92 -40.77 9.36
CA GLY B 497 1.74 -41.31 10.45
C GLY B 497 3.25 -41.22 10.27
N LYS B 498 3.68 -40.85 9.06
CA LYS B 498 5.10 -40.86 8.69
C LYS B 498 5.69 -39.44 8.67
N PRO B 499 7.01 -39.35 8.89
CA PRO B 499 7.72 -38.04 8.83
C PRO B 499 7.64 -37.35 7.45
N VAL B 500 7.41 -36.02 7.42
CA VAL B 500 7.20 -35.27 6.15
C VAL B 500 8.15 -34.07 5.90
N VAL B 501 8.84 -34.13 4.74
CA VAL B 501 9.53 -33.01 4.18
C VAL B 501 8.70 -32.44 3.08
N ILE B 502 8.55 -31.12 3.05
CA ILE B 502 7.98 -30.42 1.90
C ILE B 502 9.12 -29.67 1.23
N THR B 503 9.25 -29.97 -0.05
CA THR B 503 10.16 -29.29 -0.92
C THR B 503 9.31 -28.39 -1.80
N LEU B 504 9.41 -27.10 -1.54
CA LEU B 504 8.48 -26.13 -2.10
C LEU B 504 9.15 -25.43 -3.25
N PHE B 505 8.46 -25.31 -4.39
CA PHE B 505 9.01 -24.68 -5.61
C PHE B 505 8.15 -23.54 -6.04
N ASN B 506 8.71 -22.35 -6.13
CA ASN B 506 7.87 -21.17 -6.36
C ASN B 506 8.69 -19.97 -6.77
N GLY B 507 8.00 -18.90 -7.15
CA GLY B 507 8.62 -17.64 -7.58
C GLY B 507 8.35 -16.43 -6.68
N ARG B 508 7.68 -16.66 -5.52
CA ARG B 508 7.29 -15.58 -4.56
C ARG B 508 7.09 -16.11 -3.14
N PRO B 509 7.34 -15.27 -2.14
CA PRO B 509 6.84 -15.59 -0.79
C PRO B 509 5.37 -16.00 -0.82
N LEU B 510 5.05 -17.04 -0.06
CA LEU B 510 3.70 -17.55 -0.02
C LEU B 510 3.26 -17.65 1.42
N GLU B 511 1.96 -17.87 1.63
CA GLU B 511 1.47 -18.19 2.98
C GLU B 511 1.85 -19.65 3.24
N VAL B 512 2.87 -19.87 4.07
CA VAL B 512 3.36 -21.24 4.29
C VAL B 512 3.12 -21.77 5.67
N LYS B 513 2.43 -21.01 6.51
CA LYS B 513 2.15 -21.46 7.84
C LYS B 513 1.52 -22.86 7.84
N GLU B 514 0.63 -23.11 6.88
CA GLU B 514 -0.14 -24.33 6.86
C GLU B 514 0.75 -25.46 6.46
N LEU B 515 1.75 -25.13 5.65
CA LEU B 515 2.70 -26.11 5.14
C LEU B 515 3.65 -26.46 6.28
N ALA B 516 4.20 -25.43 6.91
CA ALA B 516 5.03 -25.63 8.11
C ALA B 516 4.33 -26.41 9.23
N GLU B 517 3.03 -26.22 9.38
CA GLU B 517 2.31 -26.84 10.51
C GLU B 517 1.93 -28.26 10.25
N SER B 518 1.92 -28.63 8.97
CA SER B 518 1.55 -29.97 8.55
C SER B 518 2.73 -30.88 8.11
N SER B 519 3.97 -30.46 8.34
CA SER B 519 5.14 -31.27 8.00
C SER B 519 6.23 -31.13 9.07
N ASP B 520 7.28 -31.95 8.99
CA ASP B 520 8.36 -31.90 9.99
C ASP B 520 9.49 -30.99 9.53
N ALA B 521 9.69 -30.94 8.22
CA ALA B 521 10.62 -30.00 7.63
C ALA B 521 10.03 -29.35 6.37
N LEU B 522 10.64 -28.24 5.99
CA LEU B 522 10.18 -27.45 4.86
C LEU B 522 11.40 -26.78 4.23
N LEU B 523 11.60 -27.05 2.94
CA LEU B 523 12.76 -26.60 2.22
C LEU B 523 12.25 -25.83 1.00
N GLU B 524 12.55 -24.52 1.00
CA GLU B 524 12.16 -23.58 -0.01
C GLU B 524 13.27 -23.57 -1.05
N LEU B 525 13.03 -24.17 -2.20
CA LEU B 525 14.01 -24.27 -3.26
C LEU B 525 13.79 -23.21 -4.31
N TRP B 526 12.76 -22.38 -4.14
CA TRP B 526 12.34 -21.45 -5.15
C TRP B 526 12.25 -22.18 -6.47
N PHE B 527 12.87 -21.70 -7.53
CA PHE B 527 12.98 -22.42 -8.81
C PHE B 527 14.49 -22.55 -9.13
N PRO B 528 15.11 -23.71 -8.81
CA PRO B 528 16.58 -23.71 -8.91
C PRO B 528 17.18 -23.64 -10.33
N GLY B 529 16.42 -23.91 -11.38
CA GLY B 529 16.98 -23.96 -12.73
C GLY B 529 17.28 -25.35 -13.25
N THR B 530 18.26 -25.46 -14.14
CA THR B 530 18.48 -26.70 -14.89
C THR B 530 18.71 -27.94 -14.02
N GLU B 531 19.34 -27.74 -12.87
CA GLU B 531 19.80 -28.84 -12.02
C GLU B 531 18.95 -29.05 -10.77
N ALA B 532 17.73 -28.53 -10.79
CA ALA B 532 16.85 -28.50 -9.59
C ALA B 532 16.80 -29.83 -8.87
N GLY B 533 16.58 -30.90 -9.63
CA GLY B 533 16.43 -32.24 -9.03
C GLY B 533 17.61 -32.63 -8.17
N ARG B 534 18.81 -32.42 -8.72
CA ARG B 534 20.06 -32.70 -8.01
C ARG B 534 20.32 -31.70 -6.88
N VAL B 535 19.95 -30.42 -7.06
CA VAL B 535 19.99 -29.45 -5.94
C VAL B 535 19.19 -29.97 -4.79
N THR B 536 17.95 -30.35 -5.12
CA THR B 536 17.02 -30.96 -4.16
C THR B 536 17.59 -32.25 -3.48
N ALA B 537 18.10 -33.18 -4.28
CA ALA B 537 18.69 -34.42 -3.73
C ALA B 537 19.91 -34.16 -2.82
N ASP B 538 20.81 -33.31 -3.27
CA ASP B 538 22.03 -33.07 -2.50
C ASP B 538 21.68 -32.41 -1.14
N LEU B 539 20.62 -31.62 -1.06
CA LEU B 539 20.25 -30.96 0.22
C LEU B 539 19.58 -31.92 1.17
N LEU B 540 18.65 -32.69 0.63
CA LEU B 540 17.96 -33.73 1.38
C LEU B 540 18.94 -34.80 1.91
N SER B 541 19.86 -35.20 1.04
CA SER B 541 20.85 -36.25 1.37
C SER B 541 21.96 -35.74 2.26
N GLY B 542 22.19 -34.43 2.31
CA GLY B 542 23.29 -33.89 3.14
C GLY B 542 24.61 -33.68 2.40
N ALA B 543 24.66 -34.14 1.14
CA ALA B 543 25.78 -33.85 0.27
C ALA B 543 26.02 -32.34 0.19
N SER B 544 24.94 -31.57 0.22
CA SER B 544 25.01 -30.15 0.50
C SER B 544 24.20 -29.84 1.76
N ASN B 545 24.64 -28.79 2.45
CA ASN B 545 24.04 -28.40 3.70
C ASN B 545 23.31 -27.08 3.47
N PRO B 546 21.99 -27.01 3.74
CA PRO B 546 21.33 -25.74 3.44
C PRO B 546 21.99 -24.50 4.10
N SER B 547 22.07 -23.39 3.36
CA SER B 547 22.76 -22.15 3.83
C SER B 547 22.15 -20.81 3.38
N GLY B 548 21.04 -20.88 2.67
CA GLY B 548 20.37 -19.69 2.22
C GLY B 548 19.64 -19.00 3.36
N LYS B 549 19.36 -17.72 3.13
CA LYS B 549 18.67 -16.91 4.10
C LYS B 549 17.61 -16.13 3.35
N LEU B 550 16.47 -15.87 3.96
CA LEU B 550 15.38 -15.20 3.23
C LEU B 550 15.76 -13.75 2.90
N SER B 551 15.69 -13.41 1.62
CA SER B 551 15.91 -12.04 1.20
C SER B 551 14.58 -11.27 1.07
N MET B 552 13.47 -11.93 1.40
CA MET B 552 12.15 -11.28 1.43
C MET B 552 11.32 -11.89 2.52
N SER B 553 10.55 -11.06 3.23
CA SER B 553 9.74 -11.57 4.32
C SER B 553 8.58 -12.45 3.81
N PHE B 554 8.27 -13.46 4.59
CA PHE B 554 7.16 -14.40 4.34
C PHE B 554 6.00 -13.99 5.24
N PRO B 555 4.93 -13.37 4.64
CA PRO B 555 3.85 -12.86 5.50
C PRO B 555 3.02 -13.93 6.23
N GLN B 556 2.47 -13.56 7.37
CA GLN B 556 1.50 -14.37 8.08
C GLN B 556 0.28 -14.67 7.20
N THR B 557 -0.24 -13.65 6.55
CA THR B 557 -1.37 -13.81 5.62
C THR B 557 -1.31 -12.71 4.53
N THR B 558 -2.04 -12.86 3.43
CA THR B 558 -2.06 -11.83 2.37
C THR B 558 -2.30 -10.40 2.96
N GLY B 559 -3.26 -10.27 3.86
CA GLY B 559 -3.56 -8.97 4.51
C GLY B 559 -2.46 -8.23 5.29
N GLN B 560 -1.37 -8.90 5.67
CA GLN B 560 -0.19 -8.26 6.29
C GLN B 560 0.70 -7.46 5.31
N ILE B 561 0.55 -7.71 4.01
CA ILE B 561 1.39 -7.07 2.99
C ILE B 561 1.12 -5.56 2.91
N PRO B 562 2.16 -4.72 2.94
CA PRO B 562 3.58 -4.97 2.96
C PRO B 562 4.11 -5.14 4.36
N VAL B 563 4.94 -6.18 4.53
CA VAL B 563 5.65 -6.47 5.74
C VAL B 563 7.09 -6.67 5.33
N TYR B 564 8.00 -6.00 6.02
CA TYR B 564 9.42 -6.02 5.69
C TYR B 564 10.27 -5.75 6.95
N TYR B 565 11.54 -6.16 6.98
CA TYR B 565 12.32 -6.01 8.24
C TYR B 565 12.65 -4.54 8.57
N ASN B 566 12.89 -3.73 7.55
CA ASN B 566 13.32 -2.35 7.77
C ASN B 566 12.17 -1.37 7.95
N HIS B 567 11.45 -1.58 9.04
CA HIS B 567 10.24 -0.85 9.26
C HIS B 567 10.43 0.24 10.30
N LEU B 568 9.58 1.26 10.23
CA LEU B 568 9.56 2.34 11.22
C LEU B 568 8.90 1.89 12.53
N ARG B 569 9.17 2.63 13.59
CA ARG B 569 8.73 2.25 14.92
C ARG B 569 7.24 2.59 15.16
N THR B 570 6.74 3.61 14.48
CA THR B 570 5.47 4.26 14.83
C THR B 570 5.54 4.93 16.22
N GLY B 571 4.47 5.63 16.57
CA GLY B 571 4.39 6.29 17.87
C GLY B 571 3.93 5.40 19.01
N ARG B 572 3.37 4.22 18.67
CA ARG B 572 2.86 3.28 19.65
C ARG B 572 3.28 1.85 19.29
N PRO B 573 4.60 1.61 19.24
CA PRO B 573 5.14 0.29 18.98
C PRO B 573 4.74 -0.75 20.04
N GLN B 574 4.49 -1.95 19.59
CA GLN B 574 4.22 -3.05 20.50
C GLN B 574 5.55 -3.52 21.07
N THR B 575 5.59 -3.60 22.40
CA THR B 575 6.75 -4.05 23.15
C THR B 575 6.36 -5.34 23.93
N PRO B 576 7.36 -6.02 24.52
CA PRO B 576 6.95 -7.10 25.41
C PRO B 576 6.21 -6.60 26.69
N GLU B 577 6.50 -5.39 27.17
CA GLU B 577 5.84 -4.83 28.36
C GLU B 577 4.51 -4.12 28.09
N ASN B 578 4.08 -4.04 26.82
CA ASN B 578 2.71 -3.54 26.50
C ASN B 578 1.85 -4.58 25.76
N LYS B 579 2.39 -5.78 25.54
CA LYS B 579 1.68 -6.84 24.83
C LYS B 579 0.28 -7.01 25.42
N GLY B 580 -0.68 -7.26 24.55
CA GLY B 580 -2.05 -7.48 24.99
C GLY B 580 -2.86 -6.23 25.26
N GLU B 581 -2.22 -5.07 25.48
CA GLU B 581 -2.95 -3.80 25.51
C GLU B 581 -3.57 -3.50 24.13
N ARG B 582 -4.73 -2.82 24.15
CA ARG B 582 -5.48 -2.48 22.94
C ARG B 582 -4.79 -1.36 22.14
N TYR B 583 -4.27 -0.33 22.79
CA TYR B 583 -3.87 0.89 22.04
C TYR B 583 -2.39 0.99 21.71
N VAL B 584 -1.94 -0.03 21.00
CA VAL B 584 -0.58 -0.15 20.51
C VAL B 584 -0.75 -0.56 19.08
N SER B 585 0.28 -0.40 18.26
CA SER B 585 0.24 -0.84 16.86
C SER B 585 0.23 -2.35 16.76
N HIS B 586 -0.93 -2.89 16.40
CA HIS B 586 -1.11 -4.35 16.23
C HIS B 586 -2.34 -4.69 15.41
N TYR B 587 -2.48 -5.98 15.07
CA TYR B 587 -3.70 -6.52 14.45
C TYR B 587 -4.42 -7.40 15.44
N LEU B 588 -5.74 -7.39 15.33
CA LEU B 588 -6.60 -8.20 16.16
C LEU B 588 -6.47 -9.68 15.77
N ASP B 589 -6.12 -9.97 14.54
CA ASP B 589 -6.26 -11.32 14.04
C ASP B 589 -4.96 -12.01 13.69
N ILE B 590 -3.83 -11.31 13.64
CA ILE B 590 -2.50 -11.93 13.38
C ILE B 590 -1.38 -11.18 14.14
N PRO B 591 -0.22 -11.83 14.33
CA PRO B 591 0.97 -11.12 14.81
C PRO B 591 1.47 -10.03 13.88
N ASN B 592 2.24 -9.08 14.41
CA ASN B 592 2.92 -8.06 13.56
C ASN B 592 4.11 -8.64 12.80
N GLU B 593 4.71 -9.65 13.37
CA GLU B 593 5.87 -10.26 12.80
C GLU B 593 5.44 -11.05 11.59
N PRO B 594 6.25 -11.02 10.54
CA PRO B 594 5.95 -11.90 9.43
C PRO B 594 6.14 -13.33 9.91
N PHE B 595 5.64 -14.32 9.16
CA PHE B 595 5.85 -15.72 9.53
C PHE B 595 7.33 -16.13 9.51
N TYR B 596 8.07 -15.77 8.46
CA TYR B 596 9.54 -15.91 8.43
C TYR B 596 10.17 -14.56 8.04
N PRO B 597 11.20 -14.10 8.80
CA PRO B 597 11.70 -12.76 8.55
C PRO B 597 12.90 -12.74 7.68
N PHE B 598 13.29 -11.53 7.29
CA PHE B 598 14.46 -11.29 6.46
C PHE B 598 15.72 -11.83 7.15
N GLY B 599 16.58 -12.51 6.39
CA GLY B 599 17.81 -13.05 6.93
C GLY B 599 17.65 -14.34 7.69
N TYR B 600 16.45 -14.91 7.70
CA TYR B 600 16.22 -16.18 8.38
C TYR B 600 16.52 -17.38 7.50
N GLY B 601 17.24 -18.35 8.06
CA GLY B 601 17.57 -19.57 7.36
C GLY B 601 18.12 -20.58 8.33
N LYS B 602 17.94 -21.84 8.00
CA LYS B 602 18.45 -22.90 8.87
C LYS B 602 19.58 -23.66 8.19
N SER B 603 20.26 -24.47 9.00
CA SER B 603 21.41 -25.27 8.56
C SER B 603 21.43 -26.64 9.27
N TYR B 604 22.13 -27.62 8.72
CA TYR B 604 22.42 -28.86 9.47
C TYR B 604 23.52 -28.58 10.54
N SER B 605 24.34 -27.55 10.32
CA SER B 605 25.44 -27.22 11.24
C SER B 605 24.94 -26.33 12.35
N GLU B 606 25.82 -25.93 13.22
CA GLU B 606 25.43 -25.02 14.27
C GLU B 606 26.63 -24.17 14.64
N PHE B 607 26.35 -22.90 14.95
CA PHE B 607 27.41 -21.91 15.01
C PHE B 607 27.30 -21.06 16.22
N GLU B 608 28.42 -20.50 16.62
CA GLU B 608 28.45 -19.54 17.68
C GLU B 608 29.31 -18.38 17.17
N LEU B 609 28.82 -17.16 17.40
CA LEU B 609 29.47 -15.93 16.93
C LEU B 609 29.83 -15.12 18.15
N LYS B 610 30.95 -14.40 18.07
CA LYS B 610 31.24 -13.37 19.06
C LYS B 610 31.88 -12.13 18.42
N THR B 611 31.49 -10.97 18.91
CA THR B 611 31.91 -9.72 18.32
C THR B 611 32.95 -9.08 19.19
N SER B 612 34.12 -8.84 18.62
CA SER B 612 35.17 -8.13 19.36
C SER B 612 34.61 -6.83 19.93
N SER B 613 35.24 -6.33 20.98
CA SER B 613 34.82 -5.08 21.60
C SER B 613 34.86 -3.95 20.58
N LEU B 614 33.80 -3.14 20.58
CA LEU B 614 33.66 -1.98 19.70
C LEU B 614 33.80 -0.72 20.54
N PRO B 615 34.18 0.40 19.90
CA PRO B 615 34.31 1.64 20.65
C PRO B 615 32.98 2.15 21.18
N LYS B 616 32.98 2.79 22.35
CA LYS B 616 31.74 3.43 22.81
C LYS B 616 31.40 4.66 21.94
N GLU B 617 32.42 5.39 21.49
CA GLU B 617 32.23 6.72 20.90
C GLU B 617 32.85 6.72 19.52
N LEU B 618 32.44 7.67 18.68
CA LEU B 618 32.87 7.68 17.29
C LEU B 618 32.77 9.08 16.78
N ASN B 619 33.70 9.49 15.90
CA ASN B 619 33.62 10.81 15.25
C ASN B 619 32.74 10.76 14.02
N LEU B 620 32.15 11.90 13.67
CA LEU B 620 31.45 12.04 12.42
C LEU B 620 32.45 11.74 11.28
N GLY B 621 31.99 11.16 10.16
CA GLY B 621 32.90 10.81 9.04
C GLY B 621 33.77 9.57 9.29
N GLU B 622 33.72 9.04 10.51
CA GLU B 622 34.50 7.89 10.91
C GLU B 622 33.77 6.57 10.65
N SER B 623 34.58 5.59 10.25
CA SER B 623 34.18 4.23 9.92
C SER B 623 34.19 3.38 11.18
N LEU B 624 33.17 2.54 11.36
CA LEU B 624 33.15 1.56 12.46
C LEU B 624 33.65 0.23 11.95
N HIS B 625 34.67 -0.32 12.59
CA HIS B 625 35.24 -1.56 12.13
C HIS B 625 34.67 -2.61 13.07
N VAL B 626 34.01 -3.61 12.50
CA VAL B 626 33.31 -4.61 13.31
C VAL B 626 33.99 -5.94 13.07
N GLU B 627 34.33 -6.64 14.15
CA GLU B 627 35.11 -7.89 14.05
C GLU B 627 34.38 -9.04 14.68
N VAL B 628 34.17 -10.06 13.86
CA VAL B 628 33.27 -11.13 14.19
C VAL B 628 34.01 -12.41 14.04
N THR B 629 34.04 -13.14 15.15
CA THR B 629 34.66 -14.44 15.22
C THR B 629 33.52 -15.47 15.25
N ILE B 630 33.64 -16.48 14.41
CA ILE B 630 32.55 -17.45 14.22
C ILE B 630 33.10 -18.88 14.19
N LYS B 631 32.44 -19.78 14.90
CA LYS B 631 32.90 -21.16 15.03
C LYS B 631 31.75 -22.09 14.71
N ASN B 632 31.98 -23.03 13.80
CA ASN B 632 31.11 -24.16 13.65
C ASN B 632 31.37 -25.21 14.73
N ILE B 633 30.39 -25.39 15.60
CA ILE B 633 30.55 -26.19 16.81
C ILE B 633 29.91 -27.57 16.68
N SER B 634 29.92 -28.11 15.48
CA SER B 634 29.15 -29.30 15.15
C SER B 634 29.97 -30.21 14.24
N ASP B 635 29.60 -31.48 14.17
CA ASP B 635 30.26 -32.46 13.28
C ASP B 635 30.20 -32.13 11.81
N ILE B 636 29.34 -31.20 11.42
CA ILE B 636 28.92 -31.08 10.03
C ILE B 636 29.48 -29.81 9.44
N ALA B 637 30.09 -29.92 8.25
CA ALA B 637 30.52 -28.76 7.49
C ALA B 637 29.31 -28.03 6.89
N GLY B 638 29.41 -26.70 6.80
CA GLY B 638 28.37 -25.88 6.21
C GLY B 638 28.69 -24.41 6.35
N LYS B 639 27.84 -23.56 5.76
CA LYS B 639 27.96 -22.09 5.84
C LYS B 639 26.88 -21.34 6.67
N GLU B 640 27.31 -20.23 7.24
CA GLU B 640 26.48 -19.34 8.02
C GLU B 640 26.60 -17.99 7.31
N VAL B 641 25.63 -17.11 7.56
CA VAL B 641 25.65 -15.78 6.96
C VAL B 641 25.65 -14.74 8.06
N ILE B 642 26.83 -14.19 8.33
CA ILE B 642 26.95 -13.18 9.36
C ILE B 642 26.26 -11.92 8.82
N GLN B 643 25.44 -11.27 9.65
CA GLN B 643 24.76 -10.07 9.20
C GLN B 643 24.93 -8.94 10.23
N VAL B 644 25.22 -7.75 9.73
CA VAL B 644 25.36 -6.56 10.57
C VAL B 644 24.35 -5.50 10.14
N TYR B 645 23.58 -5.04 11.12
CA TYR B 645 22.62 -3.97 10.94
C TYR B 645 22.93 -2.76 11.81
N LEU B 646 22.43 -1.62 11.34
CA LEU B 646 22.49 -0.37 12.05
C LEU B 646 21.09 0.19 12.23
N GLN B 647 20.84 0.76 13.39
CA GLN B 647 19.69 1.61 13.63
C GLN B 647 20.19 3.01 14.05
N ASP B 648 19.47 4.04 13.61
CA ASP B 648 19.64 5.43 14.07
C ASP B 648 18.49 5.71 15.05
N VAL B 649 18.82 5.66 16.34
CA VAL B 649 17.80 5.68 17.41
C VAL B 649 16.97 6.92 17.34
N THR B 650 17.63 8.03 17.01
CA THR B 650 16.96 9.33 16.93
C THR B 650 17.50 10.11 15.76
N ALA B 651 16.61 10.83 15.10
CA ALA B 651 16.95 11.53 13.90
C ALA B 651 15.82 12.49 13.51
N SER B 652 16.13 13.35 12.54
CA SER B 652 15.22 14.44 12.10
C SER B 652 14.09 13.91 11.21
N ILE B 653 14.30 12.69 10.71
CA ILE B 653 13.34 11.81 10.02
C ILE B 653 13.22 10.54 10.88
N SER B 654 12.01 10.01 11.02
CA SER B 654 11.82 8.70 11.66
C SER B 654 12.57 7.63 10.89
N ARG B 655 13.54 6.97 11.54
CA ARG B 655 14.46 6.00 10.86
C ARG B 655 14.08 4.52 11.13
N PRO B 656 14.37 3.64 10.16
CA PRO B 656 14.00 2.24 10.31
C PRO B 656 14.67 1.62 11.50
N VAL B 657 13.94 0.72 12.17
CA VAL B 657 14.40 0.06 13.40
C VAL B 657 15.70 -0.74 13.15
N LYS B 658 15.94 -1.09 11.89
CA LYS B 658 17.16 -1.81 11.48
C LYS B 658 17.40 -1.64 10.01
N GLU B 659 18.67 -1.69 9.62
CA GLU B 659 19.04 -1.61 8.23
C GLU B 659 20.30 -2.40 8.04
N LEU B 660 20.30 -3.23 7.01
CA LEU B 660 21.39 -4.12 6.75
C LEU B 660 22.54 -3.37 6.09
N LYS B 661 23.70 -3.40 6.75
CA LYS B 661 24.88 -2.64 6.29
C LYS B 661 26.06 -3.47 5.80
N ALA B 662 26.08 -4.74 6.19
CA ALA B 662 27.14 -5.65 5.86
C ALA B 662 26.69 -7.08 6.10
N PHE B 663 27.23 -7.95 5.26
CA PHE B 663 26.97 -9.36 5.36
C PHE B 663 28.08 -10.15 4.71
N GLU B 664 28.29 -11.36 5.21
CA GLU B 664 29.20 -12.30 4.55
C GLU B 664 28.88 -13.72 4.89
N LYS B 665 28.94 -14.54 3.85
CA LYS B 665 28.71 -15.97 3.98
C LYS B 665 30.04 -16.64 4.31
N VAL B 666 30.10 -17.37 5.42
CA VAL B 666 31.37 -17.93 5.90
C VAL B 666 31.39 -19.44 5.96
N ALA B 667 32.25 -20.07 5.14
CA ALA B 667 32.37 -21.53 5.14
C ALA B 667 33.21 -22.00 6.33
N LEU B 668 32.72 -22.99 7.05
CA LEU B 668 33.44 -23.53 8.21
C LEU B 668 33.32 -25.04 8.30
N GLN B 669 34.48 -25.71 8.38
CA GLN B 669 34.50 -27.16 8.60
C GLN B 669 34.06 -27.45 10.02
N ALA B 670 33.81 -28.73 10.30
CA ALA B 670 33.46 -29.13 11.66
C ALA B 670 34.62 -28.64 12.48
N GLY B 671 34.33 -28.05 13.62
CA GLY B 671 35.36 -27.54 14.51
C GLY B 671 35.94 -26.17 14.14
N GLU B 672 35.91 -25.82 12.85
CA GLU B 672 36.63 -24.63 12.37
C GLU B 672 36.13 -23.30 12.95
N GLU B 673 37.05 -22.34 13.06
CA GLU B 673 36.77 -21.00 13.55
C GLU B 673 37.48 -19.97 12.67
N LYS B 674 36.84 -18.81 12.50
CA LYS B 674 37.36 -17.74 11.64
C LYS B 674 36.94 -16.39 12.13
N THR B 675 37.64 -15.39 11.59
CA THR B 675 37.40 -14.02 11.91
C THR B 675 37.19 -13.31 10.60
N VAL B 676 36.09 -12.57 10.48
CA VAL B 676 35.91 -11.60 9.42
C VAL B 676 35.60 -10.27 10.09
N THR B 677 35.95 -9.21 9.37
CA THR B 677 35.81 -7.86 9.88
C THR B 677 35.07 -7.05 8.82
N PHE B 678 34.19 -6.14 9.25
CA PHE B 678 33.49 -5.30 8.29
C PHE B 678 33.84 -3.87 8.54
N GLU B 679 33.85 -3.09 7.46
CA GLU B 679 33.85 -1.62 7.51
C GLU B 679 32.47 -1.03 7.21
N LEU B 680 31.82 -0.55 8.26
CA LEU B 680 30.71 0.36 8.15
C LEU B 680 31.26 1.78 8.10
N THR B 681 31.44 2.26 6.87
CA THR B 681 31.80 3.65 6.59
C THR B 681 30.68 4.56 7.07
N SER B 682 31.01 5.84 7.18
CA SER B 682 30.07 6.81 7.69
C SER B 682 28.84 7.03 6.79
N GLU B 683 28.88 6.52 5.56
CA GLU B 683 27.70 6.58 4.71
C GLU B 683 26.59 5.68 5.30
N ALA B 684 26.98 4.51 5.77
CA ALA B 684 26.05 3.63 6.48
C ALA B 684 25.36 4.27 7.69
N PHE B 685 25.91 5.35 8.24
CA PHE B 685 25.28 6.07 9.35
C PHE B 685 24.46 7.22 8.82
N SER B 686 24.43 7.37 7.50
CA SER B 686 23.79 8.53 6.84
C SER B 686 22.42 8.22 6.32
N PHE B 687 21.66 9.25 6.01
CA PHE B 687 20.32 9.10 5.44
C PHE B 687 19.92 10.35 4.65
N TYR B 688 18.83 10.32 3.91
CA TYR B 688 18.36 11.55 3.25
C TYR B 688 17.39 12.32 4.14
N ASN B 689 17.67 13.61 4.32
CA ASN B 689 16.85 14.40 5.21
C ASN B 689 15.64 15.03 4.49
N HIS B 690 14.83 15.73 5.27
CA HIS B 690 13.58 16.29 4.78
C HIS B 690 13.82 17.18 3.58
N GLN B 691 15.02 17.71 3.48
CA GLN B 691 15.37 18.66 2.42
C GLN B 691 16.10 18.01 1.21
N LEU B 692 16.18 16.67 1.20
CA LEU B 692 16.96 15.86 0.21
C LEU B 692 18.51 15.90 0.28
N GLU B 693 19.05 16.35 1.40
CA GLU B 693 20.49 16.29 1.60
C GLU B 693 20.89 14.89 2.16
N LYS B 694 21.98 14.31 1.67
CA LYS B 694 22.58 13.15 2.33
C LYS B 694 23.34 13.65 3.55
N VAL B 695 22.94 13.24 4.74
CA VAL B 695 23.49 13.84 5.97
C VAL B 695 23.80 12.83 7.06
N GLN B 696 24.77 13.14 7.92
CA GLN B 696 25.03 12.38 9.16
C GLN B 696 24.80 13.27 10.37
N GLU B 697 24.11 12.74 11.37
CA GLU B 697 23.72 13.52 12.57
C GLU B 697 24.40 13.00 13.83
N PRO B 698 24.94 13.87 14.69
CA PRO B 698 25.48 13.21 15.86
C PRO B 698 24.32 12.59 16.65
N GLY B 699 24.63 11.50 17.33
CA GLY B 699 23.65 10.78 18.13
C GLY B 699 23.96 9.29 18.22
N LEU B 700 23.00 8.58 18.80
CA LEU B 700 23.19 7.19 19.15
C LEU B 700 22.67 6.31 18.05
N HIS B 701 23.45 5.28 17.74
CA HIS B 701 23.08 4.18 16.91
C HIS B 701 23.21 2.87 17.68
N ARG B 702 22.44 1.89 17.28
CA ARG B 702 22.65 0.54 17.71
C ARG B 702 23.19 -0.27 16.56
N VAL B 703 24.11 -1.18 16.87
CA VAL B 703 24.69 -2.10 15.92
C VAL B 703 24.20 -3.44 16.38
N PHE B 704 23.83 -4.27 15.38
CA PHE B 704 23.23 -5.58 15.56
C PHE B 704 24.05 -6.54 14.76
N VAL B 705 24.66 -7.53 15.41
CA VAL B 705 25.43 -8.56 14.72
C VAL B 705 24.73 -9.87 15.02
N GLY B 706 24.58 -10.70 14.00
CA GLY B 706 23.92 -12.00 14.15
C GLY B 706 23.70 -12.71 12.82
N THR B 707 22.69 -13.56 12.81
CA THR B 707 22.48 -14.49 11.71
C THR B 707 21.11 -14.38 11.07
N SER B 708 20.28 -13.49 11.60
CA SER B 708 19.07 -13.02 10.91
C SER B 708 18.75 -11.62 11.40
N SER B 709 17.77 -10.99 10.78
CA SER B 709 17.30 -9.70 11.26
C SER B 709 16.79 -9.81 12.69
N GLU B 710 16.59 -11.02 13.22
CA GLU B 710 16.07 -11.20 14.57
C GLU B 710 17.04 -11.88 15.57
N ASP B 711 17.93 -12.75 15.09
CA ASP B 711 18.98 -13.35 15.97
C ASP B 711 20.28 -12.54 16.01
N VAL B 712 20.38 -11.61 16.95
CA VAL B 712 21.45 -10.64 16.93
C VAL B 712 21.86 -10.26 18.36
N ASP B 713 23.15 -9.97 18.61
CA ASP B 713 23.53 -9.24 19.82
C ASP B 713 23.54 -7.78 19.42
N VAL B 714 23.19 -6.91 20.37
CA VAL B 714 22.99 -5.48 20.07
C VAL B 714 23.99 -4.65 20.86
N PHE B 715 24.69 -3.73 20.18
CA PHE B 715 25.67 -2.82 20.81
C PHE B 715 25.27 -1.36 20.61
N GLU B 716 25.73 -0.50 21.51
CA GLU B 716 25.42 0.91 21.39
C GLU B 716 26.66 1.69 21.05
N VAL B 717 26.47 2.72 20.24
CA VAL B 717 27.56 3.63 19.86
C VAL B 717 27.07 5.08 19.77
N GLU B 718 27.87 6.00 20.30
CA GLU B 718 27.50 7.39 20.31
C GLU B 718 28.37 8.12 19.29
N VAL B 719 27.75 8.65 18.24
CA VAL B 719 28.50 9.47 17.26
C VAL B 719 28.41 10.97 17.59
N GLY B 720 29.54 11.65 17.51
CA GLY B 720 29.58 13.11 17.70
C GLY B 720 30.95 13.69 17.47
N GLY B 721 31.24 14.82 18.11
CA GLY B 721 32.57 15.44 18.10
C GLY B 721 32.82 16.19 16.82
N TYR B 722 33.93 15.88 16.15
CA TYR B 722 34.33 16.56 14.92
C TYR B 722 34.15 15.64 13.70
N VAL B 723 34.37 16.16 12.48
CA VAL B 723 34.25 15.37 11.23
C VAL B 723 35.63 15.01 10.73
N LEU B 724 35.89 13.71 10.53
CA LEU B 724 37.10 13.24 9.83
C LEU B 724 37.09 13.76 8.43
C1 LGC C . -7.51 9.14 20.43
C2 LGC C . -8.06 9.30 19.03
O5 LGC C . -8.14 9.81 21.54
O1 LGC C . -6.55 8.41 20.67
O2 LGC C . -6.96 9.36 18.16
C3 LGC C . -8.82 10.59 18.79
O3 LGC C . -9.53 10.52 17.51
C4 LGC C . -9.68 10.92 20.03
O4 LGC C . -10.38 12.14 19.87
C5 LGC C . -8.76 11.06 21.24
C6 LGC C . -9.51 11.50 22.51
O6 LGC C . -10.77 10.85 22.62
C1 LGC D . 8.13 17.44 2.96
C2 LGC D . 7.78 18.74 2.28
O5 LGC D . 9.08 17.36 4.08
O1 LGC D . 7.56 16.41 2.58
O2 LGC D . 7.54 18.46 0.90
C3 LGC D . 8.89 19.78 2.50
O3 LGC D . 8.48 21.02 1.92
C4 LGC D . 9.11 19.88 4.02
O4 LGC D . 9.96 20.98 4.40
C5 LGC D . 9.72 18.58 4.56
C6 LGC D . 9.75 18.58 6.09
O6 LGC D . 8.47 18.32 6.67
MG MG E . -6.04 17.87 -19.76
C1 GOL F . -6.12 6.18 23.02
C1 GOL F . -7.84 7.81 24.22
O1 GOL F . -5.32 6.99 22.13
O1 GOL F . -8.99 7.55 23.41
C2 GOL F . -7.02 7.03 23.94
C2 GOL F . -7.26 6.50 24.76
O2 GOL F . -8.39 6.89 23.52
O2 GOL F . -8.13 5.39 24.50
C3 GOL F . -6.96 6.61 25.41
C3 GOL F . -5.92 6.26 24.08
O3 GOL F . -5.99 5.57 25.61
O3 GOL F . -4.88 6.76 24.94
C1 GOL G . -21.06 -14.37 21.51
O1 GOL G . -20.95 -13.07 22.10
C2 GOL G . -19.84 -14.61 20.65
O2 GOL G . -18.82 -13.70 21.04
C3 GOL G . -19.21 -15.97 20.85
O3 GOL G . -18.43 -16.23 19.67
C1 GOL H . 6.89 -9.10 -24.17
C1 GOL H . 6.98 -9.42 -23.88
O1 GOL H . 5.84 -10.00 -24.55
O1 GOL H . 8.06 -8.97 -23.04
C2 GOL H . 6.38 -7.67 -24.16
C2 GOL H . 5.97 -8.30 -24.11
O2 GOL H . 5.54 -7.49 -25.31
O2 GOL H . 4.91 -8.76 -24.94
C3 GOL H . 5.57 -7.40 -22.88
C3 GOL H . 5.37 -7.83 -22.77
O3 GOL H . 5.76 -6.09 -22.33
O3 GOL H . 5.70 -6.46 -22.49
C1 PEG I . 10.44 2.42 5.63
O1 PEG I . 11.78 2.10 5.22
C2 PEG I . 9.77 3.39 4.66
O2 PEG I . 8.58 4.00 5.21
C3 PEG I . 8.12 5.27 4.62
C4 PEG I . 9.07 6.48 4.91
O4 PEG I . 8.62 7.65 5.69
C1 LGC J . 9.15 -6.41 -20.84
C2 LGC J . 9.82 -6.32 -19.50
O5 LGC J . 9.87 -6.77 -22.06
O1 LGC J . 7.93 -6.22 -20.93
O2 LGC J . 9.25 -5.26 -18.73
C3 LGC J . 11.32 -6.12 -19.61
O3 LGC J . 11.97 -6.47 -18.36
C4 LGC J . 11.91 -6.95 -20.76
O4 LGC J . 13.33 -6.82 -20.77
C5 LGC J . 11.27 -6.49 -22.08
C6 LGC J . 11.89 -7.15 -23.32
O6 LGC J . 11.66 -8.57 -23.27
C1 LGC K . 9.10 14.97 -8.06
C2 LGC K . 10.12 15.98 -7.58
O5 LGC K . 8.43 15.06 -9.36
O1 LGC K . 8.85 13.98 -7.36
O2 LGC K . 9.74 16.58 -6.33
C3 LGC K . 10.44 17.12 -8.56
O3 LGC K . 11.86 17.31 -8.49
C4 LGC K . 10.01 16.84 -10.02
O4 LGC K . 10.08 18.01 -10.84
C5 LGC K . 8.58 16.29 -10.10
C6 LGC K . 8.13 16.13 -11.58
O6 LGC K . 8.94 15.25 -12.39
C1 LGC L . 8.03 -14.01 -20.82
C2 LGC L . 7.45 -13.48 -19.54
O5 LGC L . 8.53 -15.39 -20.92
O1 LGC L . 8.06 -13.31 -21.82
O2 LGC L . 7.80 -12.11 -19.34
C3 LGC L . 8.03 -14.25 -18.38
O3 LGC L . 7.47 -13.79 -17.15
C4 LGC L . 7.80 -15.72 -18.60
O4 LGC L . 7.98 -16.34 -17.31
C5 LGC L . 8.77 -16.16 -19.72
C6 LGC L . 8.73 -17.65 -20.12
O6 LGC L . 9.74 -18.40 -19.44
MG MG M . 20.47 9.95 15.33
C1 GOL N . -4.26 -20.05 -10.73
O1 GOL N . -5.38 -19.16 -10.84
C2 GOL N . -3.43 -19.59 -9.54
O2 GOL N . -3.98 -18.36 -9.10
C3 GOL N . -3.53 -20.56 -8.38
O3 GOL N . -2.93 -19.99 -7.19
C1 GOL O . 18.74 2.41 2.33
O1 GOL O . 18.77 2.79 3.73
C2 GOL O . 20.15 2.29 1.68
O2 GOL O . 20.58 3.61 1.32
C3 GOL O . 21.17 1.61 2.59
O3 GOL O . 20.49 0.85 3.60
S SO4 P . 7.73 14.95 -2.60
O1 SO4 P . 8.07 14.32 -3.90
O2 SO4 P . 6.99 16.21 -2.81
O3 SO4 P . 6.84 14.02 -1.91
O4 SO4 P . 8.99 15.19 -1.82
#